data_5BQI
# 
_entry.id   5BQI 
# 
_audit_conform.dict_name       mmcif_pdbx.dic 
_audit_conform.dict_version    5.387 
_audit_conform.dict_location   http://mmcif.pdb.org/dictionaries/ascii/mmcif_pdbx.dic 
# 
loop_
_database_2.database_id 
_database_2.database_code 
_database_2.pdbx_database_accession 
_database_2.pdbx_DOI 
PDB   5BQI         pdb_00005bqi 10.2210/pdb5bqi/pdb 
WWPDB D_1000210366 ?            ?                   
# 
loop_
_pdbx_audit_revision_history.ordinal 
_pdbx_audit_revision_history.data_content_type 
_pdbx_audit_revision_history.major_revision 
_pdbx_audit_revision_history.minor_revision 
_pdbx_audit_revision_history.revision_date 
1 'Structure model' 1 0 2016-04-13 
2 'Structure model' 1 1 2020-07-29 
3 'Structure model' 1 2 2024-03-06 
# 
loop_
_pdbx_audit_revision_details.ordinal 
_pdbx_audit_revision_details.revision_ordinal 
_pdbx_audit_revision_details.data_content_type 
_pdbx_audit_revision_details.provider 
_pdbx_audit_revision_details.type 
_pdbx_audit_revision_details.description 
_pdbx_audit_revision_details.details 
1 1 'Structure model' repository 'Initial release' ?                          ? 
2 2 'Structure model' repository Remediation       'Carbohydrate remediation' ? 
# 
loop_
_pdbx_audit_revision_group.ordinal 
_pdbx_audit_revision_group.revision_ordinal 
_pdbx_audit_revision_group.data_content_type 
_pdbx_audit_revision_group.group 
1 2 'Structure model' 'Data collection'      
2 2 'Structure model' 'Database references'  
3 2 'Structure model' 'Derived calculations' 
4 2 'Structure model' 'Structure summary'    
5 3 'Structure model' 'Data collection'      
6 3 'Structure model' 'Database references'  
7 3 'Structure model' 'Structure summary'    
# 
loop_
_pdbx_audit_revision_category.ordinal 
_pdbx_audit_revision_category.revision_ordinal 
_pdbx_audit_revision_category.data_content_type 
_pdbx_audit_revision_category.category 
1  2 'Structure model' chem_comp                 
2  2 'Structure model' citation                  
3  2 'Structure model' entity                    
4  2 'Structure model' pdbx_chem_comp_identifier 
5  2 'Structure model' pdbx_entity_nonpoly       
6  2 'Structure model' pdbx_struct_oper_list     
7  2 'Structure model' struct_site               
8  2 'Structure model' struct_site_gen           
9  3 'Structure model' chem_comp                 
10 3 'Structure model' chem_comp_atom            
11 3 'Structure model' chem_comp_bond            
12 3 'Structure model' database_2                
# 
loop_
_pdbx_audit_revision_item.ordinal 
_pdbx_audit_revision_item.revision_ordinal 
_pdbx_audit_revision_item.data_content_type 
_pdbx_audit_revision_item.item 
1  2 'Structure model' '_chem_comp.mon_nstd_flag'                  
2  2 'Structure model' '_chem_comp.name'                           
3  2 'Structure model' '_chem_comp.type'                           
4  2 'Structure model' '_citation.journal_id_CSD'                  
5  2 'Structure model' '_entity.pdbx_description'                  
6  2 'Structure model' '_pdbx_entity_nonpoly.name'                 
7  2 'Structure model' '_pdbx_struct_oper_list.symmetry_operation' 
8  3 'Structure model' '_chem_comp.pdbx_synonyms'                  
9  3 'Structure model' '_database_2.pdbx_DOI'                      
10 3 'Structure model' '_database_2.pdbx_database_accession'       
# 
_pdbx_database_status.status_code                     REL 
_pdbx_database_status.status_code_sf                  REL 
_pdbx_database_status.status_code_mr                  ? 
_pdbx_database_status.entry_id                        5BQI 
_pdbx_database_status.recvd_initial_deposition_date   2015-05-29 
_pdbx_database_status.SG_entry                        N 
_pdbx_database_status.deposit_site                    RCSB 
_pdbx_database_status.process_site                    RCSB 
_pdbx_database_status.status_code_cs                  ? 
_pdbx_database_status.methods_development_category    ? 
_pdbx_database_status.pdb_format_compatible           Y 
_pdbx_database_status.status_code_nmr_data            ? 
# 
loop_
_audit_author.name 
_audit_author.pdbx_ordinal 
'Fisher, M.J.'    1 
'Schiffler, M.A.' 2 
'Kuklish, S.L.'   3 
'Antonysamy, S.'  4 
'Luz, J.G.'       5 
# 
_citation.abstract                  ? 
_citation.abstract_id_CAS           ? 
_citation.book_id_ISBN              ? 
_citation.book_publisher            ? 
_citation.book_publisher_city       ? 
_citation.book_title                ? 
_citation.coordinate_linkage        ? 
_citation.country                   US 
_citation.database_id_Medline       ? 
_citation.details                   ? 
_citation.id                        primary 
_citation.journal_abbrev            J.Med.Chem. 
_citation.journal_id_ASTM           JMCMAR 
_citation.journal_id_CSD            0151 
_citation.journal_id_ISSN           0022-2623 
_citation.journal_full              ? 
_citation.journal_issue             ? 
_citation.journal_volume            59 
_citation.language                  ? 
_citation.page_first                194 
_citation.page_last                 205 
_citation.title                     
'Discovery and Characterization of 2-Acylaminoimidazole Microsomal Prostaglandin E Synthase-1 Inhibitors.' 
_citation.year                      2016 
_citation.database_id_CSD           ? 
_citation.pdbx_database_id_DOI      10.1021/acs.jmedchem.5b01249 
_citation.pdbx_database_id_PubMed   26653180 
_citation.unpublished_flag          ? 
# 
loop_
_citation_author.citation_id 
_citation_author.name 
_citation_author.ordinal 
_citation_author.identifier_ORCID 
primary 'Schiffler, M.A.'   1  ? 
primary 'Antonysamy, S.'    2  ? 
primary 'Bhattachar, S.N.'  3  ? 
primary 'Campanale, K.M.'   4  ? 
primary 'Chandrasekhar, S.' 5  ? 
primary 'Condon, B.'        6  ? 
primary 'Desai, P.V.'       7  ? 
primary 'Fisher, M.J.'      8  ? 
primary 'Groshong, C.'      9  ? 
primary 'Harvey, A.'        10 ? 
primary 'Hickey, M.J.'      11 ? 
primary 'Hughes, N.E.'      12 ? 
primary 'Jones, S.A.'       13 ? 
primary 'Kim, E.J.'         14 ? 
primary 'Kuklish, S.L.'     15 ? 
primary 'Luz, J.G.'         16 ? 
primary 'Norman, B.H.'      17 ? 
primary 'Rathmell, R.E.'    18 ? 
primary 'Rizzo, J.R.'       19 ? 
primary 'Seng, T.W.'        20 ? 
primary 'Thibodeaux, S.J.'  21 ? 
primary 'Woods, T.A.'       22 ? 
primary 'York, J.S.'        23 ? 
primary 'Yu, X.P.'          24 ? 
# 
loop_
_entity.id 
_entity.type 
_entity.src_method 
_entity.pdbx_description 
_entity.formula_weight 
_entity.pdbx_number_of_molecules 
_entity.pdbx_ec 
_entity.pdbx_mutation 
_entity.pdbx_fragment 
_entity.details 
1 polymer     man 'Prostaglandin E synthase' 17307.559 1  5.3.99.3 ? ? ? 
2 non-polymer syn 
;2-(difluoromethyl)-5-{[(2-methylpropanoyl)amino]methyl}-N-{5-methyl-4-[4-(trifluoromethyl)phenyl]-1H-imidazol-2-yl}pyridine-3-carboxamide
;
495.445   1  ?        ? ? ? 
3 non-polymer syn GLUTATHIONE 307.323   1  ?        ? ? ? 
4 non-polymer man 'octyl beta-D-glucopyranoside' 292.369   2  ?        ? ? ? 
5 non-polymer syn 'TETRAETHYLENE GLYCOL' 194.226   1  ?        ? ? ? 
6 non-polymer syn '(2-hydroxyethoxy)acetaldehyde' 104.105   1  ?        ? ? ? 
7 water       nat water 18.015    74 ?        ? ? ? 
# 
_entity_name_com.entity_id   1 
_entity_name_com.name        
'Microsomal glutathione S-transferase 1-like 1,MGST1-L1,Microsomal prostaglandin E synthase 1,MPGES-1,p53-induced gene 12 protein' 
# 
_entity_poly.entity_id                      1 
_entity_poly.type                           'polypeptide(L)' 
_entity_poly.nstd_linkage                   no 
_entity_poly.nstd_monomer                   no 
_entity_poly.pdbx_seq_one_letter_code       
;MALPAHSLVMSSPALPAFLLCSTLLVIKMYVVAIITGQVRLRKKAFANPEDALRHGGPQYCRSDPDVERCLRAHRNDMET
IYPFLFLGFVYSFLGPNPFVAWMHFLVFLVGRVAHTVAYLGKLRAPIRSVTYTLAQLPCASMALQILWEAARHL
;
_entity_poly.pdbx_seq_one_letter_code_can   
;MALPAHSLVMSSPALPAFLLCSTLLVIKMYVVAIITGQVRLRKKAFANPEDALRHGGPQYCRSDPDVERCLRAHRNDMET
IYPFLFLGFVYSFLGPNPFVAWMHFLVFLVGRVAHTVAYLGKLRAPIRSVTYTLAQLPCASMALQILWEAARHL
;
_entity_poly.pdbx_strand_id                 A 
_entity_poly.pdbx_target_identifier         ? 
# 
loop_
_pdbx_entity_nonpoly.entity_id 
_pdbx_entity_nonpoly.name 
_pdbx_entity_nonpoly.comp_id 
2 
;2-(difluoromethyl)-5-{[(2-methylpropanoyl)amino]methyl}-N-{5-methyl-4-[4-(trifluoromethyl)phenyl]-1H-imidazol-2-yl}pyridine-3-carboxamide
;
4UL 
3 GLUTATHIONE GSH 
4 'octyl beta-D-glucopyranoside' BOG 
5 'TETRAETHYLENE GLYCOL' PG4 
6 '(2-hydroxyethoxy)acetaldehyde' 1KA 
7 water HOH 
# 
loop_
_entity_poly_seq.entity_id 
_entity_poly_seq.num 
_entity_poly_seq.mon_id 
_entity_poly_seq.hetero 
1 1   MET n 
1 2   ALA n 
1 3   LEU n 
1 4   PRO n 
1 5   ALA n 
1 6   HIS n 
1 7   SER n 
1 8   LEU n 
1 9   VAL n 
1 10  MET n 
1 11  SER n 
1 12  SER n 
1 13  PRO n 
1 14  ALA n 
1 15  LEU n 
1 16  PRO n 
1 17  ALA n 
1 18  PHE n 
1 19  LEU n 
1 20  LEU n 
1 21  CYS n 
1 22  SER n 
1 23  THR n 
1 24  LEU n 
1 25  LEU n 
1 26  VAL n 
1 27  ILE n 
1 28  LYS n 
1 29  MET n 
1 30  TYR n 
1 31  VAL n 
1 32  VAL n 
1 33  ALA n 
1 34  ILE n 
1 35  ILE n 
1 36  THR n 
1 37  GLY n 
1 38  GLN n 
1 39  VAL n 
1 40  ARG n 
1 41  LEU n 
1 42  ARG n 
1 43  LYS n 
1 44  LYS n 
1 45  ALA n 
1 46  PHE n 
1 47  ALA n 
1 48  ASN n 
1 49  PRO n 
1 50  GLU n 
1 51  ASP n 
1 52  ALA n 
1 53  LEU n 
1 54  ARG n 
1 55  HIS n 
1 56  GLY n 
1 57  GLY n 
1 58  PRO n 
1 59  GLN n 
1 60  TYR n 
1 61  CYS n 
1 62  ARG n 
1 63  SER n 
1 64  ASP n 
1 65  PRO n 
1 66  ASP n 
1 67  VAL n 
1 68  GLU n 
1 69  ARG n 
1 70  CYS n 
1 71  LEU n 
1 72  ARG n 
1 73  ALA n 
1 74  HIS n 
1 75  ARG n 
1 76  ASN n 
1 77  ASP n 
1 78  MET n 
1 79  GLU n 
1 80  THR n 
1 81  ILE n 
1 82  TYR n 
1 83  PRO n 
1 84  PHE n 
1 85  LEU n 
1 86  PHE n 
1 87  LEU n 
1 88  GLY n 
1 89  PHE n 
1 90  VAL n 
1 91  TYR n 
1 92  SER n 
1 93  PHE n 
1 94  LEU n 
1 95  GLY n 
1 96  PRO n 
1 97  ASN n 
1 98  PRO n 
1 99  PHE n 
1 100 VAL n 
1 101 ALA n 
1 102 TRP n 
1 103 MET n 
1 104 HIS n 
1 105 PHE n 
1 106 LEU n 
1 107 VAL n 
1 108 PHE n 
1 109 LEU n 
1 110 VAL n 
1 111 GLY n 
1 112 ARG n 
1 113 VAL n 
1 114 ALA n 
1 115 HIS n 
1 116 THR n 
1 117 VAL n 
1 118 ALA n 
1 119 TYR n 
1 120 LEU n 
1 121 GLY n 
1 122 LYS n 
1 123 LEU n 
1 124 ARG n 
1 125 ALA n 
1 126 PRO n 
1 127 ILE n 
1 128 ARG n 
1 129 SER n 
1 130 VAL n 
1 131 THR n 
1 132 TYR n 
1 133 THR n 
1 134 LEU n 
1 135 ALA n 
1 136 GLN n 
1 137 LEU n 
1 138 PRO n 
1 139 CYS n 
1 140 ALA n 
1 141 SER n 
1 142 MET n 
1 143 ALA n 
1 144 LEU n 
1 145 GLN n 
1 146 ILE n 
1 147 LEU n 
1 148 TRP n 
1 149 GLU n 
1 150 ALA n 
1 151 ALA n 
1 152 ARG n 
1 153 HIS n 
1 154 LEU n 
# 
_entity_src_gen.entity_id                          1 
_entity_src_gen.pdbx_src_id                        1 
_entity_src_gen.pdbx_alt_source_flag               sample 
_entity_src_gen.pdbx_seq_type                      'Biological sequence' 
_entity_src_gen.pdbx_beg_seq_num                   1 
_entity_src_gen.pdbx_end_seq_num                   154 
_entity_src_gen.gene_src_common_name               Human 
_entity_src_gen.gene_src_genus                     ? 
_entity_src_gen.pdbx_gene_src_gene                 'PTGES, MGST1L1, MPGES1, PGES, PIG12' 
_entity_src_gen.gene_src_species                   ? 
_entity_src_gen.gene_src_strain                    ? 
_entity_src_gen.gene_src_tissue                    ? 
_entity_src_gen.gene_src_tissue_fraction           ? 
_entity_src_gen.gene_src_details                   ? 
_entity_src_gen.pdbx_gene_src_fragment             ? 
_entity_src_gen.pdbx_gene_src_scientific_name      'Homo sapiens' 
_entity_src_gen.pdbx_gene_src_ncbi_taxonomy_id     9606 
_entity_src_gen.pdbx_gene_src_variant              ? 
_entity_src_gen.pdbx_gene_src_cell_line            ? 
_entity_src_gen.pdbx_gene_src_atcc                 ? 
_entity_src_gen.pdbx_gene_src_organ                ? 
_entity_src_gen.pdbx_gene_src_organelle            ? 
_entity_src_gen.pdbx_gene_src_cell                 ? 
_entity_src_gen.pdbx_gene_src_cellular_location    ? 
_entity_src_gen.host_org_common_name               ? 
_entity_src_gen.pdbx_host_org_scientific_name      'Spodoptera frugiperda' 
_entity_src_gen.pdbx_host_org_ncbi_taxonomy_id     7108 
_entity_src_gen.host_org_genus                     ? 
_entity_src_gen.pdbx_host_org_gene                 ? 
_entity_src_gen.pdbx_host_org_organ                ? 
_entity_src_gen.host_org_species                   ? 
_entity_src_gen.pdbx_host_org_tissue               ? 
_entity_src_gen.pdbx_host_org_tissue_fraction      ? 
_entity_src_gen.pdbx_host_org_strain               ? 
_entity_src_gen.pdbx_host_org_variant              ? 
_entity_src_gen.pdbx_host_org_cell_line            ? 
_entity_src_gen.pdbx_host_org_atcc                 ? 
_entity_src_gen.pdbx_host_org_culture_collection   ? 
_entity_src_gen.pdbx_host_org_cell                 ? 
_entity_src_gen.pdbx_host_org_organelle            ? 
_entity_src_gen.pdbx_host_org_cellular_location    ? 
_entity_src_gen.pdbx_host_org_vector_type          ? 
_entity_src_gen.pdbx_host_org_vector               ? 
_entity_src_gen.host_org_details                   ? 
_entity_src_gen.expression_system_id               ? 
_entity_src_gen.plasmid_name                       ? 
_entity_src_gen.plasmid_details                    ? 
_entity_src_gen.pdbx_description                   ? 
# 
loop_
_chem_comp.id 
_chem_comp.type 
_chem_comp.mon_nstd_flag 
_chem_comp.name 
_chem_comp.pdbx_synonyms 
_chem_comp.formula 
_chem_comp.formula_weight 
1KA non-polymer         . '(2-hydroxyethoxy)acetaldehyde' ? 'C4 H8 O3'         104.105 
4UL non-polymer         . 
;2-(difluoromethyl)-5-{[(2-methylpropanoyl)amino]methyl}-N-{5-methyl-4-[4-(trifluoromethyl)phenyl]-1H-imidazol-2-yl}pyridine-3-carboxamide
;
?                                                                                 'C23 H22 F5 N5 O2' 495.445 
ALA 'L-peptide linking' y ALANINE ?                                                                                 'C3 H7 N O2' 
89.093  
ARG 'L-peptide linking' y ARGININE ?                                                                                 
'C6 H15 N4 O2 1'   175.209 
ASN 'L-peptide linking' y ASPARAGINE ?                                                                                 
'C4 H8 N2 O3'      132.118 
ASP 'L-peptide linking' y 'ASPARTIC ACID' ?                                                                                 
'C4 H7 N O4'       133.103 
BOG D-saccharide        n 'octyl beta-D-glucopyranoside' 
'Beta-Octylglucoside; octyl beta-D-glucoside; octyl D-glucoside; octyl glucoside' 'C14 H28 O6'       292.369 
CYS 'L-peptide linking' y CYSTEINE ?                                                                                 
'C3 H7 N O2 S'     121.158 
GLN 'L-peptide linking' y GLUTAMINE ?                                                                                 
'C5 H10 N2 O3'     146.144 
GLU 'L-peptide linking' y 'GLUTAMIC ACID' ?                                                                                 
'C5 H9 N O4'       147.129 
GLY 'peptide linking'   y GLYCINE ?                                                                                 'C2 H5 N O2' 
75.067  
GSH non-polymer         . GLUTATHIONE ?                                                                                 
'C10 H17 N3 O6 S'  307.323 
HIS 'L-peptide linking' y HISTIDINE ?                                                                                 
'C6 H10 N3 O2 1'   156.162 
HOH non-polymer         . WATER ?                                                                                 'H2 O' 18.015  
ILE 'L-peptide linking' y ISOLEUCINE ?                                                                                 
'C6 H13 N O2'      131.173 
LEU 'L-peptide linking' y LEUCINE ?                                                                                 'C6 H13 N O2' 
131.173 
LYS 'L-peptide linking' y LYSINE ?                                                                                 
'C6 H15 N2 O2 1'   147.195 
MET 'L-peptide linking' y METHIONINE ?                                                                                 
'C5 H11 N O2 S'    149.211 
PG4 non-polymer         . 'TETRAETHYLENE GLYCOL' ?                                                                                 
'C8 H18 O5'        194.226 
PHE 'L-peptide linking' y PHENYLALANINE ?                                                                                 
'C9 H11 N O2'      165.189 
PRO 'L-peptide linking' y PROLINE ?                                                                                 'C5 H9 N O2' 
115.130 
SER 'L-peptide linking' y SERINE ?                                                                                 'C3 H7 N O3' 
105.093 
THR 'L-peptide linking' y THREONINE ?                                                                                 'C4 H9 N O3' 
119.119 
TRP 'L-peptide linking' y TRYPTOPHAN ?                                                                                 
'C11 H12 N2 O2'    204.225 
TYR 'L-peptide linking' y TYROSINE ?                                                                                 'C9 H11 N O3' 
181.189 
VAL 'L-peptide linking' y VALINE ?                                                                                 'C5 H11 N O2' 
117.146 
# 
_pdbx_chem_comp_identifier.comp_id           BOG 
_pdbx_chem_comp_identifier.type              'IUPAC CARBOHYDRATE SYMBOL' 
_pdbx_chem_comp_identifier.program           PDB-CARE 
_pdbx_chem_comp_identifier.program_version   1.0 
_pdbx_chem_comp_identifier.identifier        b-octylglucoside 
# 
loop_
_pdbx_poly_seq_scheme.asym_id 
_pdbx_poly_seq_scheme.entity_id 
_pdbx_poly_seq_scheme.seq_id 
_pdbx_poly_seq_scheme.mon_id 
_pdbx_poly_seq_scheme.ndb_seq_num 
_pdbx_poly_seq_scheme.pdb_seq_num 
_pdbx_poly_seq_scheme.auth_seq_num 
_pdbx_poly_seq_scheme.pdb_mon_id 
_pdbx_poly_seq_scheme.auth_mon_id 
_pdbx_poly_seq_scheme.pdb_strand_id 
_pdbx_poly_seq_scheme.pdb_ins_code 
_pdbx_poly_seq_scheme.hetero 
A 1 1   MET 1   -1  ?   ?   ?   A . n 
A 1 2   ALA 2   0   ?   ?   ?   A . n 
A 1 3   LEU 3   1   ?   ?   ?   A . n 
A 1 4   PRO 4   2   ?   ?   ?   A . n 
A 1 5   ALA 5   3   ?   ?   ?   A . n 
A 1 6   HIS 6   4   ?   ?   ?   A . n 
A 1 7   SER 7   5   5   SER SER A . n 
A 1 8   LEU 8   6   6   LEU LEU A . n 
A 1 9   VAL 9   7   7   VAL VAL A . n 
A 1 10  MET 10  8   8   MET MET A . n 
A 1 11  SER 11  9   9   SER SER A . n 
A 1 12  SER 12  10  10  SER SER A . n 
A 1 13  PRO 13  11  11  PRO PRO A . n 
A 1 14  ALA 14  12  12  ALA ALA A . n 
A 1 15  LEU 15  13  13  LEU LEU A . n 
A 1 16  PRO 16  14  14  PRO PRO A . n 
A 1 17  ALA 17  15  15  ALA ALA A . n 
A 1 18  PHE 18  16  16  PHE PHE A . n 
A 1 19  LEU 19  17  17  LEU LEU A . n 
A 1 20  LEU 20  18  18  LEU LEU A . n 
A 1 21  CYS 21  19  19  CYS CYS A . n 
A 1 22  SER 22  20  20  SER SER A . n 
A 1 23  THR 23  21  21  THR THR A . n 
A 1 24  LEU 24  22  22  LEU LEU A . n 
A 1 25  LEU 25  23  23  LEU LEU A . n 
A 1 26  VAL 26  24  24  VAL VAL A . n 
A 1 27  ILE 27  25  25  ILE ILE A . n 
A 1 28  LYS 28  26  26  LYS LYS A . n 
A 1 29  MET 29  27  27  MET MET A . n 
A 1 30  TYR 30  28  28  TYR TYR A . n 
A 1 31  VAL 31  29  29  VAL VAL A . n 
A 1 32  VAL 32  30  30  VAL VAL A . n 
A 1 33  ALA 33  31  31  ALA ALA A . n 
A 1 34  ILE 34  32  32  ILE ILE A . n 
A 1 35  ILE 35  33  33  ILE ILE A . n 
A 1 36  THR 36  34  34  THR THR A . n 
A 1 37  GLY 37  35  35  GLY GLY A . n 
A 1 38  GLN 38  36  36  GLN GLN A . n 
A 1 39  VAL 39  37  37  VAL VAL A . n 
A 1 40  ARG 40  38  38  ARG ARG A . n 
A 1 41  LEU 41  39  39  LEU LEU A . n 
A 1 42  ARG 42  40  40  ARG ARG A . n 
A 1 43  LYS 43  41  41  LYS LYS A . n 
A 1 44  LYS 44  42  42  LYS LYS A . n 
A 1 45  ALA 45  43  43  ALA ALA A . n 
A 1 46  PHE 46  44  44  PHE PHE A . n 
A 1 47  ALA 47  45  45  ALA ALA A . n 
A 1 48  ASN 48  46  46  ASN ASN A . n 
A 1 49  PRO 49  47  47  PRO PRO A . n 
A 1 50  GLU 50  48  48  GLU GLU A . n 
A 1 51  ASP 51  49  49  ASP ASP A . n 
A 1 52  ALA 52  50  50  ALA ALA A . n 
A 1 53  LEU 53  51  51  LEU LEU A . n 
A 1 54  ARG 54  52  52  ARG ARG A . n 
A 1 55  HIS 55  53  53  HIS HIS A . n 
A 1 56  GLY 56  54  54  GLY GLY A . n 
A 1 57  GLY 57  55  55  GLY GLY A . n 
A 1 58  PRO 58  56  56  PRO PRO A . n 
A 1 59  GLN 59  57  57  GLN GLN A . n 
A 1 60  TYR 60  58  58  TYR TYR A . n 
A 1 61  CYS 61  59  59  CYS CYS A . n 
A 1 62  ARG 62  60  60  ARG ARG A . n 
A 1 63  SER 63  61  61  SER SER A . n 
A 1 64  ASP 64  62  62  ASP ASP A . n 
A 1 65  PRO 65  63  63  PRO PRO A . n 
A 1 66  ASP 66  64  64  ASP ASP A . n 
A 1 67  VAL 67  65  65  VAL VAL A . n 
A 1 68  GLU 68  66  66  GLU GLU A . n 
A 1 69  ARG 69  67  67  ARG ARG A . n 
A 1 70  CYS 70  68  68  CYS CYS A . n 
A 1 71  LEU 71  69  69  LEU LEU A . n 
A 1 72  ARG 72  70  70  ARG ARG A . n 
A 1 73  ALA 73  71  71  ALA ALA A . n 
A 1 74  HIS 74  72  72  HIS HIS A . n 
A 1 75  ARG 75  73  73  ARG ARG A . n 
A 1 76  ASN 76  74  74  ASN ASN A . n 
A 1 77  ASP 77  75  75  ASP ASP A . n 
A 1 78  MET 78  76  76  MET MET A . n 
A 1 79  GLU 79  77  77  GLU GLU A . n 
A 1 80  THR 80  78  78  THR THR A . n 
A 1 81  ILE 81  79  79  ILE ILE A . n 
A 1 82  TYR 82  80  80  TYR TYR A . n 
A 1 83  PRO 83  81  81  PRO PRO A . n 
A 1 84  PHE 84  82  82  PHE PHE A . n 
A 1 85  LEU 85  83  83  LEU LEU A . n 
A 1 86  PHE 86  84  84  PHE PHE A . n 
A 1 87  LEU 87  85  85  LEU LEU A . n 
A 1 88  GLY 88  86  86  GLY GLY A . n 
A 1 89  PHE 89  87  87  PHE PHE A . n 
A 1 90  VAL 90  88  88  VAL VAL A . n 
A 1 91  TYR 91  89  89  TYR TYR A . n 
A 1 92  SER 92  90  90  SER SER A . n 
A 1 93  PHE 93  91  91  PHE PHE A . n 
A 1 94  LEU 94  92  92  LEU LEU A . n 
A 1 95  GLY 95  93  93  GLY GLY A . n 
A 1 96  PRO 96  94  94  PRO PRO A . n 
A 1 97  ASN 97  95  95  ASN ASN A . n 
A 1 98  PRO 98  96  96  PRO PRO A . n 
A 1 99  PHE 99  97  97  PHE PHE A . n 
A 1 100 VAL 100 98  98  VAL VAL A . n 
A 1 101 ALA 101 99  99  ALA ALA A . n 
A 1 102 TRP 102 100 100 TRP TRP A . n 
A 1 103 MET 103 101 101 MET MET A . n 
A 1 104 HIS 104 102 102 HIS HIS A . n 
A 1 105 PHE 105 103 103 PHE PHE A . n 
A 1 106 LEU 106 104 104 LEU LEU A . n 
A 1 107 VAL 107 105 105 VAL VAL A . n 
A 1 108 PHE 108 106 106 PHE PHE A . n 
A 1 109 LEU 109 107 107 LEU LEU A . n 
A 1 110 VAL 110 108 108 VAL VAL A . n 
A 1 111 GLY 111 109 109 GLY GLY A . n 
A 1 112 ARG 112 110 110 ARG ARG A . n 
A 1 113 VAL 113 111 111 VAL VAL A . n 
A 1 114 ALA 114 112 112 ALA ALA A . n 
A 1 115 HIS 115 113 113 HIS HIS A . n 
A 1 116 THR 116 114 114 THR THR A . n 
A 1 117 VAL 117 115 115 VAL VAL A . n 
A 1 118 ALA 118 116 116 ALA ALA A . n 
A 1 119 TYR 119 117 117 TYR TYR A . n 
A 1 120 LEU 120 118 118 LEU LEU A . n 
A 1 121 GLY 121 119 119 GLY GLY A . n 
A 1 122 LYS 122 120 120 LYS LYS A . n 
A 1 123 LEU 123 121 121 LEU LEU A . n 
A 1 124 ARG 124 122 122 ARG ARG A . n 
A 1 125 ALA 125 123 123 ALA ALA A . n 
A 1 126 PRO 126 124 124 PRO PRO A . n 
A 1 127 ILE 127 125 125 ILE ILE A . n 
A 1 128 ARG 128 126 126 ARG ARG A . n 
A 1 129 SER 129 127 127 SER SER A . n 
A 1 130 VAL 130 128 128 VAL VAL A . n 
A 1 131 THR 131 129 129 THR THR A . n 
A 1 132 TYR 132 130 130 TYR TYR A . n 
A 1 133 THR 133 131 131 THR THR A . n 
A 1 134 LEU 134 132 132 LEU LEU A . n 
A 1 135 ALA 135 133 133 ALA ALA A . n 
A 1 136 GLN 136 134 134 GLN GLN A . n 
A 1 137 LEU 137 135 135 LEU LEU A . n 
A 1 138 PRO 138 136 136 PRO PRO A . n 
A 1 139 CYS 139 137 137 CYS CYS A . n 
A 1 140 ALA 140 138 138 ALA ALA A . n 
A 1 141 SER 141 139 139 SER SER A . n 
A 1 142 MET 142 140 140 MET MET A . n 
A 1 143 ALA 143 141 141 ALA ALA A . n 
A 1 144 LEU 144 142 142 LEU LEU A . n 
A 1 145 GLN 145 143 143 GLN GLN A . n 
A 1 146 ILE 146 144 144 ILE ILE A . n 
A 1 147 LEU 147 145 145 LEU LEU A . n 
A 1 148 TRP 148 146 146 TRP TRP A . n 
A 1 149 GLU 149 147 147 GLU GLU A . n 
A 1 150 ALA 150 148 148 ALA ALA A . n 
A 1 151 ALA 151 149 149 ALA ALA A . n 
A 1 152 ARG 152 150 150 ARG ARG A . n 
A 1 153 HIS 153 151 151 HIS HIS A . n 
A 1 154 LEU 154 152 152 LEU LEU A . n 
# 
loop_
_pdbx_nonpoly_scheme.asym_id 
_pdbx_nonpoly_scheme.entity_id 
_pdbx_nonpoly_scheme.mon_id 
_pdbx_nonpoly_scheme.ndb_seq_num 
_pdbx_nonpoly_scheme.pdb_seq_num 
_pdbx_nonpoly_scheme.auth_seq_num 
_pdbx_nonpoly_scheme.pdb_mon_id 
_pdbx_nonpoly_scheme.auth_mon_id 
_pdbx_nonpoly_scheme.pdb_strand_id 
_pdbx_nonpoly_scheme.pdb_ins_code 
B 2 4UL 1  201 1  4UL SX1 A . 
C 3 GSH 1  202 1  GSH GTT A . 
D 4 BOG 1  203 2  BOG BOG A . 
E 4 BOG 1  204 3  BOG BOG A . 
F 5 PG4 1  205 4  PG4 PG4 A . 
G 6 1KA 1  206 5  1KA PG4 A . 
H 7 HOH 1  301 1  HOH HOH A . 
H 7 HOH 2  302 28 HOH HOH A . 
H 7 HOH 3  303 15 HOH HOH A . 
H 7 HOH 4  304 52 HOH HOH A . 
H 7 HOH 5  305 3  HOH HOH A . 
H 7 HOH 6  306 64 HOH HOH A . 
H 7 HOH 7  307 49 HOH HOH A . 
H 7 HOH 8  308 6  HOH HOH A . 
H 7 HOH 9  309 48 HOH HOH A . 
H 7 HOH 10 310 72 HOH HOH A . 
H 7 HOH 11 311 31 HOH HOH A . 
H 7 HOH 12 312 39 HOH HOH A . 
H 7 HOH 13 313 18 HOH HOH A . 
H 7 HOH 14 314 7  HOH HOH A . 
H 7 HOH 15 315 37 HOH HOH A . 
H 7 HOH 16 316 20 HOH HOH A . 
H 7 HOH 17 317 24 HOH HOH A . 
H 7 HOH 18 318 8  HOH HOH A . 
H 7 HOH 19 319 42 HOH HOH A . 
H 7 HOH 20 320 33 HOH HOH A . 
H 7 HOH 21 321 16 HOH HOH A . 
H 7 HOH 22 322 9  HOH HOH A . 
H 7 HOH 23 323 5  HOH HOH A . 
H 7 HOH 24 324 56 HOH HOH A . 
H 7 HOH 25 325 59 HOH HOH A . 
H 7 HOH 26 326 25 HOH HOH A . 
H 7 HOH 27 327 65 HOH HOH A . 
H 7 HOH 28 328 40 HOH HOH A . 
H 7 HOH 29 329 29 HOH HOH A . 
H 7 HOH 30 330 21 HOH HOH A . 
H 7 HOH 31 331 44 HOH HOH A . 
H 7 HOH 32 332 14 HOH HOH A . 
H 7 HOH 33 333 63 HOH HOH A . 
H 7 HOH 34 334 38 HOH HOH A . 
H 7 HOH 35 335 13 HOH HOH A . 
H 7 HOH 36 336 11 HOH HOH A . 
H 7 HOH 37 337 17 HOH HOH A . 
H 7 HOH 38 338 4  HOH HOH A . 
H 7 HOH 39 339 22 HOH HOH A . 
H 7 HOH 40 340 35 HOH HOH A . 
H 7 HOH 41 341 55 HOH HOH A . 
H 7 HOH 42 342 68 HOH HOH A . 
H 7 HOH 43 343 61 HOH HOH A . 
H 7 HOH 44 344 32 HOH HOH A . 
H 7 HOH 45 345 19 HOH HOH A . 
H 7 HOH 46 346 58 HOH HOH A . 
H 7 HOH 47 347 57 HOH HOH A . 
H 7 HOH 48 348 51 HOH HOH A . 
H 7 HOH 49 349 10 HOH HOH A . 
H 7 HOH 50 350 41 HOH HOH A . 
H 7 HOH 51 351 47 HOH HOH A . 
H 7 HOH 52 352 54 HOH HOH A . 
H 7 HOH 53 353 45 HOH HOH A . 
H 7 HOH 54 354 50 HOH HOH A . 
H 7 HOH 55 355 2  HOH HOH A . 
H 7 HOH 56 356 62 HOH HOH A . 
H 7 HOH 57 357 67 HOH HOH A . 
H 7 HOH 58 358 12 HOH HOH A . 
H 7 HOH 59 359 36 HOH HOH A . 
H 7 HOH 60 360 27 HOH HOH A . 
H 7 HOH 61 361 60 HOH HOH A . 
H 7 HOH 62 362 46 HOH HOH A . 
H 7 HOH 63 363 23 HOH HOH A . 
H 7 HOH 64 364 53 HOH HOH A . 
H 7 HOH 65 365 43 HOH HOH A . 
H 7 HOH 66 366 69 HOH HOH A . 
H 7 HOH 67 367 71 HOH HOH A . 
H 7 HOH 68 368 66 HOH HOH A . 
H 7 HOH 69 369 73 HOH HOH A . 
H 7 HOH 70 370 30 HOH HOH A . 
H 7 HOH 71 371 70 HOH HOH A . 
H 7 HOH 72 372 34 HOH HOH A . 
H 7 HOH 73 373 26 HOH HOH A . 
H 7 HOH 74 374 74 HOH HOH A . 
# 
loop_
_software.citation_id 
_software.classification 
_software.compiler_name 
_software.compiler_version 
_software.contact_author 
_software.contact_author_email 
_software.date 
_software.description 
_software.dependencies 
_software.hardware 
_software.language 
_software.location 
_software.mods 
_software.name 
_software.os 
_software.os_version 
_software.type 
_software.version 
_software.pdbx_ordinal 
? refinement       ? ? ? ? ? ? ? ? ? ? ? REFMAC ? ? ? 5.8.0049 1 
? 'data reduction' ? ? ? ? ? ? ? ? ? ? ? MOSFLM ? ? ? .        2 
? 'data scaling'   ? ? ? ? ? ? ? ? ? ? ? SCALA  ? ? ? .        3 
? phasing          ? ? ? ? ? ? ? ? ? ? ? PHASER ? ? ? .        4 
# 
_cell.entry_id           5BQI 
_cell.length_a           76.335 
_cell.length_b           76.335 
_cell.length_c           123.561 
_cell.angle_alpha        90.00 
_cell.angle_beta         90.00 
_cell.angle_gamma        120.00 
_cell.Z_PDB              9 
_cell.pdbx_unique_axis   ? 
# 
_symmetry.entry_id                         5BQI 
_symmetry.space_group_name_H-M             'H 3' 
_symmetry.pdbx_full_space_group_name_H-M   ? 
_symmetry.cell_setting                     ? 
_symmetry.Int_Tables_number                146 
# 
_exptl.absorpt_coefficient_mu     ? 
_exptl.absorpt_correction_T_max   ? 
_exptl.absorpt_correction_T_min   ? 
_exptl.absorpt_correction_type    ? 
_exptl.absorpt_process_details    ? 
_exptl.entry_id                   5BQI 
_exptl.crystals_number            1 
_exptl.details                    ? 
_exptl.method                     'X-RAY DIFFRACTION' 
_exptl.method_details             ? 
# 
_exptl_crystal.colour                      ? 
_exptl_crystal.density_diffrn              ? 
_exptl_crystal.density_Matthews            4.00 
_exptl_crystal.density_method              ? 
_exptl_crystal.density_percent_sol         69.27 
_exptl_crystal.description                 ? 
_exptl_crystal.F_000                       ? 
_exptl_crystal.id                          1 
_exptl_crystal.preparation                 ? 
_exptl_crystal.size_max                    ? 
_exptl_crystal.size_mid                    ? 
_exptl_crystal.size_min                    ? 
_exptl_crystal.size_rad                    ? 
_exptl_crystal.colour_lustre               ? 
_exptl_crystal.colour_modifier             ? 
_exptl_crystal.colour_primary              ? 
_exptl_crystal.density_meas                ? 
_exptl_crystal.density_meas_esd            ? 
_exptl_crystal.density_meas_gt             ? 
_exptl_crystal.density_meas_lt             ? 
_exptl_crystal.density_meas_temp           ? 
_exptl_crystal.density_meas_temp_esd       ? 
_exptl_crystal.density_meas_temp_gt        ? 
_exptl_crystal.density_meas_temp_lt        ? 
_exptl_crystal.pdbx_crystal_image_url      ? 
_exptl_crystal.pdbx_crystal_image_format   ? 
_exptl_crystal.pdbx_mosaicity              ? 
_exptl_crystal.pdbx_mosaicity_esd          ? 
# 
_exptl_crystal_grow.apparatus       ? 
_exptl_crystal_grow.atmosphere      ? 
_exptl_crystal_grow.crystal_id      1 
_exptl_crystal_grow.details         ? 
_exptl_crystal_grow.method          'VAPOR DIFFUSION, SITTING DROP' 
_exptl_crystal_grow.method_ref      ? 
_exptl_crystal_grow.pH              ? 
_exptl_crystal_grow.pressure        ? 
_exptl_crystal_grow.pressure_esd    ? 
_exptl_crystal_grow.seeding         ? 
_exptl_crystal_grow.seeding_ref     ? 
_exptl_crystal_grow.temp            294.15 
_exptl_crystal_grow.temp_details    ? 
_exptl_crystal_grow.temp_esd        ? 
_exptl_crystal_grow.time            ? 
_exptl_crystal_grow.pdbx_details    '100mM Tris HCl pH 8.5 + 33% PEG 2000 MME + 100mM Potassium Thiocyanate' 
_exptl_crystal_grow.pdbx_pH_range   ? 
# 
_diffrn.ambient_environment    ? 
_diffrn.ambient_temp           93.15 
_diffrn.ambient_temp_details   ? 
_diffrn.ambient_temp_esd       ? 
_diffrn.crystal_id             1 
_diffrn.crystal_support        ? 
_diffrn.crystal_treatment      ? 
_diffrn.details                ? 
_diffrn.id                     1 
_diffrn.ambient_pressure       ? 
_diffrn.ambient_pressure_esd   ? 
_diffrn.ambient_pressure_gt    ? 
_diffrn.ambient_pressure_lt    ? 
_diffrn.ambient_temp_gt        ? 
_diffrn.ambient_temp_lt        ? 
# 
_diffrn_detector.details                      ? 
_diffrn_detector.detector                     CCD 
_diffrn_detector.diffrn_id                    1 
_diffrn_detector.type                         'RAYONIX MX225HE' 
_diffrn_detector.area_resol_mean              ? 
_diffrn_detector.dtime                        ? 
_diffrn_detector.pdbx_frames_total            ? 
_diffrn_detector.pdbx_collection_time_total   ? 
_diffrn_detector.pdbx_collection_date         2015-02-16 
# 
_diffrn_radiation.collimation                      ? 
_diffrn_radiation.diffrn_id                        1 
_diffrn_radiation.filter_edge                      ? 
_diffrn_radiation.inhomogeneity                    ? 
_diffrn_radiation.monochromator                    ? 
_diffrn_radiation.polarisn_norm                    ? 
_diffrn_radiation.polarisn_ratio                   ? 
_diffrn_radiation.probe                            ? 
_diffrn_radiation.type                             ? 
_diffrn_radiation.xray_symbol                      ? 
_diffrn_radiation.wavelength_id                    1 
_diffrn_radiation.pdbx_monochromatic_or_laue_m_l   M 
_diffrn_radiation.pdbx_wavelength_list             ? 
_diffrn_radiation.pdbx_wavelength                  ? 
_diffrn_radiation.pdbx_diffrn_protocol             'SINGLE WAVELENGTH' 
_diffrn_radiation.pdbx_analyzer                    ? 
_diffrn_radiation.pdbx_scattering_type             x-ray 
# 
_diffrn_radiation_wavelength.id           1 
_diffrn_radiation_wavelength.wavelength   .97931 
_diffrn_radiation_wavelength.wt           1.0 
# 
_diffrn_source.current                     ? 
_diffrn_source.details                     ? 
_diffrn_source.diffrn_id                   1 
_diffrn_source.power                       ? 
_diffrn_source.size                        ? 
_diffrn_source.source                      SYNCHROTRON 
_diffrn_source.target                      ? 
_diffrn_source.type                        'APS BEAMLINE 31-ID' 
_diffrn_source.voltage                     ? 
_diffrn_source.take-off_angle              ? 
_diffrn_source.pdbx_wavelength_list        .97931 
_diffrn_source.pdbx_wavelength             ? 
_diffrn_source.pdbx_synchrotron_beamline   31-ID 
_diffrn_source.pdbx_synchrotron_site       APS 
# 
_reflns.B_iso_Wilson_estimate            ? 
_reflns.entry_id                         5BQI 
_reflns.data_reduction_details           ? 
_reflns.data_reduction_method            ? 
_reflns.d_resolution_high                1.88 
_reflns.d_resolution_low                 19.43 
_reflns.details                          ? 
_reflns.limit_h_max                      ? 
_reflns.limit_h_min                      ? 
_reflns.limit_k_max                      ? 
_reflns.limit_k_min                      ? 
_reflns.limit_l_max                      ? 
_reflns.limit_l_min                      ? 
_reflns.number_all                       ? 
_reflns.number_obs                       20694 
_reflns.observed_criterion               ? 
_reflns.observed_criterion_F_max         ? 
_reflns.observed_criterion_F_min         ? 
_reflns.observed_criterion_I_max         ? 
_reflns.observed_criterion_I_min         ? 
_reflns.observed_criterion_sigma_F       ? 
_reflns.observed_criterion_sigma_I       ? 
_reflns.percent_possible_obs             99.9 
_reflns.R_free_details                   ? 
_reflns.Rmerge_F_all                     ? 
_reflns.Rmerge_F_obs                     ? 
_reflns.Friedel_coverage                 ? 
_reflns.number_gt                        ? 
_reflns.threshold_expression             ? 
_reflns.pdbx_redundancy                  5.5 
_reflns.pdbx_Rmerge_I_obs                ? 
_reflns.pdbx_Rmerge_I_all                ? 
_reflns.pdbx_Rsym_value                  ? 
_reflns.pdbx_netI_over_av_sigmaI         ? 
_reflns.pdbx_netI_over_sigmaI            8.8 
_reflns.pdbx_res_netI_over_av_sigmaI_2   ? 
_reflns.pdbx_res_netI_over_sigmaI_2      ? 
_reflns.pdbx_chi_squared                 ? 
_reflns.pdbx_scaling_rejects             ? 
_reflns.pdbx_d_res_high_opt              ? 
_reflns.pdbx_d_res_low_opt               ? 
_reflns.pdbx_d_res_opt_method            ? 
_reflns.phase_calculation_details        ? 
_reflns.pdbx_Rrim_I_all                  ? 
_reflns.pdbx_Rpim_I_all                  ? 
_reflns.pdbx_d_opt                       ? 
_reflns.pdbx_number_measured_all         ? 
_reflns.pdbx_diffrn_id                   1 
_reflns.pdbx_ordinal                     1 
_reflns.pdbx_CC_half                     ? 
_reflns.pdbx_R_split                     ? 
# 
_reflns_shell.d_res_high                  1.88 
_reflns_shell.d_res_low                   1.98 
_reflns_shell.meanI_over_sigI_all         ? 
_reflns_shell.meanI_over_sigI_obs         2 
_reflns_shell.number_measured_all         ? 
_reflns_shell.number_measured_obs         ? 
_reflns_shell.number_possible             ? 
_reflns_shell.number_unique_all           ? 
_reflns_shell.number_unique_obs           ? 
_reflns_shell.percent_possible_all        100 
_reflns_shell.percent_possible_obs        ? 
_reflns_shell.Rmerge_F_all                ? 
_reflns_shell.Rmerge_F_obs                ? 
_reflns_shell.Rmerge_I_all                ? 
_reflns_shell.Rmerge_I_obs                .8 
_reflns_shell.meanI_over_sigI_gt          ? 
_reflns_shell.meanI_over_uI_all           ? 
_reflns_shell.meanI_over_uI_gt            ? 
_reflns_shell.number_measured_gt          ? 
_reflns_shell.number_unique_gt            ? 
_reflns_shell.percent_possible_gt         ? 
_reflns_shell.Rmerge_F_gt                 ? 
_reflns_shell.Rmerge_I_gt                 ? 
_reflns_shell.pdbx_redundancy             4.8 
_reflns_shell.pdbx_Rsym_value             ? 
_reflns_shell.pdbx_chi_squared            ? 
_reflns_shell.pdbx_netI_over_sigmaI_all   ? 
_reflns_shell.pdbx_netI_over_sigmaI_obs   ? 
_reflns_shell.pdbx_Rrim_I_all             ? 
_reflns_shell.pdbx_Rpim_I_all             ? 
_reflns_shell.pdbx_rejects                ? 
_reflns_shell.pdbx_ordinal                1 
_reflns_shell.pdbx_diffrn_id              1 
_reflns_shell.pdbx_CC_half                ? 
_reflns_shell.pdbx_R_split                ? 
# 
_refine.pdbx_refine_id                           'X-RAY DIFFRACTION' 
_refine.entry_id                                 5BQI 
_refine.pdbx_diffrn_id                           1 
_refine.pdbx_TLS_residual_ADP_flag               ? 
_refine.ls_number_reflns_obs                     20694 
_refine.ls_number_reflns_all                     ? 
_refine.pdbx_ls_sigma_I                          ? 
_refine.pdbx_ls_sigma_F                          ? 
_refine.pdbx_data_cutoff_high_absF               ? 
_refine.pdbx_data_cutoff_low_absF                ? 
_refine.pdbx_data_cutoff_high_rms_absF           ? 
_refine.ls_d_res_low                             19.43 
_refine.ls_d_res_high                            1.88 
_refine.ls_percent_reflns_obs                    99.80 
_refine.ls_R_factor_obs                          0.16537 
_refine.ls_R_factor_all                          ? 
_refine.ls_R_factor_R_work                       0.16455 
_refine.ls_R_factor_R_free                       0.18079 
_refine.ls_R_factor_R_free_error                 ? 
_refine.ls_R_factor_R_free_error_details         ? 
_refine.ls_percent_reflns_R_free                 5.1 
_refine.ls_number_reflns_R_free                  1105 
_refine.ls_number_parameters                     ? 
_refine.ls_number_restraints                     ? 
_refine.occupancy_min                            ? 
_refine.occupancy_max                            ? 
_refine.correlation_coeff_Fo_to_Fc               0.963 
_refine.correlation_coeff_Fo_to_Fc_free          0.952 
_refine.B_iso_mean                               32.891 
_refine.aniso_B[1][1]                            0.66 
_refine.aniso_B[2][2]                            0.66 
_refine.aniso_B[3][3]                            -2.14 
_refine.aniso_B[1][2]                            0.33 
_refine.aniso_B[1][3]                            -0.00 
_refine.aniso_B[2][3]                            -0.00 
_refine.solvent_model_details                    MASK 
_refine.solvent_model_param_ksol                 ? 
_refine.solvent_model_param_bsol                 ? 
_refine.pdbx_solvent_vdw_probe_radii             1.20 
_refine.pdbx_solvent_ion_probe_radii             0.80 
_refine.pdbx_solvent_shrinkage_radii             0.80 
_refine.pdbx_ls_cross_valid_method               THROUGHOUT 
_refine.details                                  ? 
_refine.pdbx_starting_model                      ? 
_refine.pdbx_method_to_determine_struct          ? 
_refine.pdbx_isotropic_thermal_model             ? 
_refine.pdbx_stereochemistry_target_values       'MAXIMUM LIKELIHOOD' 
_refine.pdbx_stereochem_target_val_spec_case     ? 
_refine.pdbx_R_Free_selection_details            RANDOM 
_refine.pdbx_overall_ESU_R                       0.096 
_refine.pdbx_overall_ESU_R_Free                  0.090 
_refine.overall_SU_ML                            0.066 
_refine.pdbx_overall_phase_error                 ? 
_refine.overall_SU_B                             2.271 
_refine.overall_SU_R_Cruickshank_DPI             ? 
_refine.pdbx_overall_SU_R_free_Cruickshank_DPI   ? 
_refine.pdbx_overall_SU_R_Blow_DPI               ? 
_refine.pdbx_overall_SU_R_free_Blow_DPI          ? 
# 
_refine_hist.pdbx_refine_id                   'X-RAY DIFFRACTION' 
_refine_hist.cycle_id                         LAST 
_refine_hist.pdbx_number_atoms_protein        1174 
_refine_hist.pdbx_number_atoms_nucleic_acid   0 
_refine_hist.pdbx_number_atoms_ligand         115 
_refine_hist.number_atoms_solvent             74 
_refine_hist.number_atoms_total               1363 
_refine_hist.d_res_high                       1.88 
_refine_hist.d_res_low                        19.43 
# 
loop_
_refine_ls_restr.type 
_refine_ls_restr.dev_ideal 
_refine_ls_restr.dev_ideal_target 
_refine_ls_restr.weight 
_refine_ls_restr.number 
_refine_ls_restr.pdbx_refine_id 
_refine_ls_restr.pdbx_restraint_function 
r_bond_refined_d             0.007  0.019  ? 1355 'X-RAY DIFFRACTION' ? 
r_bond_other_d               ?      ?      ? ?    'X-RAY DIFFRACTION' ? 
r_angle_refined_deg          1.044  2.013  ? 1842 'X-RAY DIFFRACTION' ? 
r_angle_other_deg            ?      ?      ? ?    'X-RAY DIFFRACTION' ? 
r_dihedral_angle_1_deg       3.961  5.000  ? 157  'X-RAY DIFFRACTION' ? 
r_dihedral_angle_2_deg       39.750 21.000 ? 50   'X-RAY DIFFRACTION' ? 
r_dihedral_angle_3_deg       13.194 15.000 ? 203  'X-RAY DIFFRACTION' ? 
r_dihedral_angle_4_deg       11.822 15.000 ? 11   'X-RAY DIFFRACTION' ? 
r_chiral_restr               0.062  0.200  ? 210  'X-RAY DIFFRACTION' ? 
r_gen_planes_refined         0.005  0.021  ? 986  'X-RAY DIFFRACTION' ? 
r_gen_planes_other           ?      ?      ? ?    'X-RAY DIFFRACTION' ? 
r_nbd_refined                ?      ?      ? ?    'X-RAY DIFFRACTION' ? 
r_nbd_other                  ?      ?      ? ?    'X-RAY DIFFRACTION' ? 
r_nbtor_refined              ?      ?      ? ?    'X-RAY DIFFRACTION' ? 
r_nbtor_other                ?      ?      ? ?    'X-RAY DIFFRACTION' ? 
r_xyhbond_nbd_refined        ?      ?      ? ?    'X-RAY DIFFRACTION' ? 
r_xyhbond_nbd_other          ?      ?      ? ?    'X-RAY DIFFRACTION' ? 
r_metal_ion_refined          ?      ?      ? ?    'X-RAY DIFFRACTION' ? 
r_metal_ion_other            ?      ?      ? ?    'X-RAY DIFFRACTION' ? 
r_symmetry_vdw_refined       ?      ?      ? ?    'X-RAY DIFFRACTION' ? 
r_symmetry_vdw_other         ?      ?      ? ?    'X-RAY DIFFRACTION' ? 
r_symmetry_hbond_refined     ?      ?      ? ?    'X-RAY DIFFRACTION' ? 
r_symmetry_hbond_other       ?      ?      ? ?    'X-RAY DIFFRACTION' ? 
r_symmetry_metal_ion_refined ?      ?      ? ?    'X-RAY DIFFRACTION' ? 
r_symmetry_metal_ion_other   ?      ?      ? ?    'X-RAY DIFFRACTION' ? 
r_mcbond_it                  16.704 46.158 ? 602  'X-RAY DIFFRACTION' ? 
r_mcbond_other               ?      ?      ? ?    'X-RAY DIFFRACTION' ? 
r_mcangle_it                 13.478 71.033 ? 752  'X-RAY DIFFRACTION' ? 
r_mcangle_other              ?      ?      ? ?    'X-RAY DIFFRACTION' ? 
r_scbond_it                  14.968 59.128 ? 752  'X-RAY DIFFRACTION' ? 
r_scbond_other               ?      ?      ? ?    'X-RAY DIFFRACTION' ? 
r_scangle_it                 ?      ?      ? ?    'X-RAY DIFFRACTION' ? 
r_scangle_other              ?      ?      ? ?    'X-RAY DIFFRACTION' ? 
r_long_range_B_refined       15.414 .      ? 2147 'X-RAY DIFFRACTION' ? 
r_long_range_B_other         ?      ?      ? ?    'X-RAY DIFFRACTION' ? 
r_rigid_bond_restr           ?      ?      ? ?    'X-RAY DIFFRACTION' ? 
r_sphericity_free            ?      ?      ? ?    'X-RAY DIFFRACTION' ? 
r_sphericity_bonded          ?      ?      ? ?    'X-RAY DIFFRACTION' ? 
# 
_refine_ls_shell.pdbx_refine_id                   'X-RAY DIFFRACTION' 
_refine_ls_shell.pdbx_total_number_of_bins_used   20 
_refine_ls_shell.d_res_high                       1.880 
_refine_ls_shell.d_res_low                        1.928 
_refine_ls_shell.number_reflns_R_work             1507 
_refine_ls_shell.R_factor_R_work                  0.271 
_refine_ls_shell.percent_reflns_obs               99.69 
_refine_ls_shell.R_factor_R_free                  0.236 
_refine_ls_shell.R_factor_R_free_error            ? 
_refine_ls_shell.percent_reflns_R_free            ? 
_refine_ls_shell.number_reflns_R_free             80 
_refine_ls_shell.number_reflns_all                ? 
_refine_ls_shell.R_factor_all                     ? 
# 
_struct.entry_id                     5BQI 
_struct.title                        'Discovery of a Potent and Selective mPGES-1 Inhibitor for the Treatment of Pain' 
_struct.pdbx_model_details           ? 
_struct.pdbx_formula_weight          ? 
_struct.pdbx_formula_weight_method   ? 
_struct.pdbx_model_type_details      ? 
_struct.pdbx_CASP_flag               ? 
# 
_struct_keywords.entry_id        5BQI 
_struct_keywords.text            'mPGES-1, enzyme, integral membrane protein, TARGETNAME, Isomerase-isomerase inhibitor complex' 
_struct_keywords.pdbx_keywords   'Isomerase/isomerase inhibitor' 
# 
loop_
_struct_asym.id 
_struct_asym.pdbx_blank_PDB_chainid_flag 
_struct_asym.pdbx_modified 
_struct_asym.entity_id 
_struct_asym.details 
A N N 1 ? 
B N N 2 ? 
C N N 3 ? 
D N N 4 ? 
E N N 4 ? 
F N N 5 ? 
G N N 6 ? 
H N N 7 ? 
# 
_struct_ref.db_code                    PTGES_HUMAN 
_struct_ref.db_name                    UNP 
_struct_ref.details                    ? 
_struct_ref.entity_id                  1 
_struct_ref.id                         1 
_struct_ref.seq_align                  ? 
_struct_ref.seq_dif                    ? 
_struct_ref.pdbx_db_accession          O14684 
_struct_ref.pdbx_db_isoform            ? 
_struct_ref.pdbx_seq_one_letter_code   
;PAHSLVMSSPALPAFLLCSTLLVIKMYVVAIITGQVRLRKKAFANPEDALRHGGPQYCRSDPDVERCLRAHRNDMETIYP
FLFLGFVYSFLGPNPFVAWMHFLVFLVGRVAHTVAYLGKLRAPIRSVTYTLAQLPCASMALQILWEAARHL
;
_struct_ref.pdbx_align_begin           2 
_struct_ref.pdbx_align_end             ? 
# 
_struct_ref_seq.align_id                      1 
_struct_ref_seq.ref_id                        1 
_struct_ref_seq.pdbx_PDB_id_code              5BQI 
_struct_ref_seq.pdbx_strand_id                A 
_struct_ref_seq.seq_align_beg                 4 
_struct_ref_seq.pdbx_seq_align_beg_ins_code   ? 
_struct_ref_seq.seq_align_end                 154 
_struct_ref_seq.pdbx_seq_align_end_ins_code   ? 
_struct_ref_seq.pdbx_db_accession             O14684 
_struct_ref_seq.db_align_beg                  2 
_struct_ref_seq.pdbx_db_align_beg_ins_code    ? 
_struct_ref_seq.db_align_end                  152 
_struct_ref_seq.pdbx_db_align_end_ins_code    ? 
_struct_ref_seq.pdbx_auth_seq_align_beg       2 
_struct_ref_seq.pdbx_auth_seq_align_end       152 
# 
loop_
_struct_ref_seq_dif.align_id 
_struct_ref_seq_dif.pdbx_pdb_id_code 
_struct_ref_seq_dif.mon_id 
_struct_ref_seq_dif.pdbx_pdb_strand_id 
_struct_ref_seq_dif.seq_num 
_struct_ref_seq_dif.pdbx_pdb_ins_code 
_struct_ref_seq_dif.pdbx_seq_db_name 
_struct_ref_seq_dif.pdbx_seq_db_accession_code 
_struct_ref_seq_dif.db_mon_id 
_struct_ref_seq_dif.pdbx_seq_db_seq_num 
_struct_ref_seq_dif.details 
_struct_ref_seq_dif.pdbx_auth_seq_num 
_struct_ref_seq_dif.pdbx_ordinal 
1 5BQI MET A 1 ? UNP O14684 ? ? 'initiating methionine' -1 1 
1 5BQI ALA A 2 ? UNP O14684 ? ? 'expression tag'        0  2 
1 5BQI LEU A 3 ? UNP O14684 ? ? 'expression tag'        1  3 
# 
_pdbx_struct_assembly.id                   1 
_pdbx_struct_assembly.details              author_and_software_defined_assembly 
_pdbx_struct_assembly.method_details       PISA 
_pdbx_struct_assembly.oligomeric_details   trimeric 
_pdbx_struct_assembly.oligomeric_count     3 
# 
loop_
_pdbx_struct_assembly_prop.biol_id 
_pdbx_struct_assembly_prop.type 
_pdbx_struct_assembly_prop.value 
_pdbx_struct_assembly_prop.details 
1 'ABSA (A^2)' 13730 ? 
1 MORE         -55   ? 
1 'SSA (A^2)'  19220 ? 
# 
_pdbx_struct_assembly_gen.assembly_id       1 
_pdbx_struct_assembly_gen.oper_expression   1,2,3 
_pdbx_struct_assembly_gen.asym_id_list      A,B,C,D,E,F,G,H 
# 
loop_
_pdbx_struct_oper_list.id 
_pdbx_struct_oper_list.type 
_pdbx_struct_oper_list.name 
_pdbx_struct_oper_list.symmetry_operation 
_pdbx_struct_oper_list.matrix[1][1] 
_pdbx_struct_oper_list.matrix[1][2] 
_pdbx_struct_oper_list.matrix[1][3] 
_pdbx_struct_oper_list.vector[1] 
_pdbx_struct_oper_list.matrix[2][1] 
_pdbx_struct_oper_list.matrix[2][2] 
_pdbx_struct_oper_list.matrix[2][3] 
_pdbx_struct_oper_list.vector[2] 
_pdbx_struct_oper_list.matrix[3][1] 
_pdbx_struct_oper_list.matrix[3][2] 
_pdbx_struct_oper_list.matrix[3][3] 
_pdbx_struct_oper_list.vector[3] 
1 'identity operation'         1_555 x,y,z     1.0000000000  0.0000000000 0.0000000000  0.0000000000   0.0000000000 1.0000000000 0.0000000000  0.0000000000 0.0000000000  0.0000000000  1.0000000000  0.0000000000   
2 'crystal symmetry operation' 2_555 -y,x-y,z  -0.3281959011 0.4637177586 -0.8229540029 -16.0231985991 0.4915268550 0.8278092282 0.2704315672  5.7172774949 0.8066528382  -0.3157494610 -0.4996133271 -2.7178341388  
3 'crystal symmetry operation' 3_555 -x+y,-x,z -0.3281959011 0.4915268550 0.8066528382  -5.8765949071  0.4637177586 0.8278092282 -0.3157494610 1.8392720052 -0.8229540029 0.2704315672  -0.4996133271 -16.0903538958 
# 
loop_
_struct_conf.conf_type_id 
_struct_conf.id 
_struct_conf.pdbx_PDB_helix_id 
_struct_conf.beg_label_comp_id 
_struct_conf.beg_label_asym_id 
_struct_conf.beg_label_seq_id 
_struct_conf.pdbx_beg_PDB_ins_code 
_struct_conf.end_label_comp_id 
_struct_conf.end_label_asym_id 
_struct_conf.end_label_seq_id 
_struct_conf.pdbx_end_PDB_ins_code 
_struct_conf.beg_auth_comp_id 
_struct_conf.beg_auth_asym_id 
_struct_conf.beg_auth_seq_id 
_struct_conf.end_auth_comp_id 
_struct_conf.end_auth_asym_id 
_struct_conf.end_auth_seq_id 
_struct_conf.pdbx_PDB_helix_class 
_struct_conf.details 
_struct_conf.pdbx_PDB_helix_length 
HELX_P HELX_P1 AA1 SER A 7   ? SER A 11  ? SER A 5   SER A 9   5 ? 5  
HELX_P HELX_P2 AA2 ALA A 14  ? LYS A 44  ? ALA A 12  LYS A 42  1 ? 31 
HELX_P HELX_P3 AA3 ASN A 48  ? HIS A 55  ? ASN A 46  HIS A 53  1 ? 8  
HELX_P HELX_P4 AA4 GLY A 57  ? CYS A 61  ? GLY A 55  CYS A 59  5 ? 5  
HELX_P HELX_P5 AA5 ASP A 64  ? PHE A 93  ? ASP A 62  PHE A 91  1 ? 30 
HELX_P HELX_P6 AA6 ASN A 97  ? GLY A 121 ? ASN A 95  GLY A 119 1 ? 25 
HELX_P HELX_P7 AA7 PRO A 126 ? HIS A 153 ? PRO A 124 HIS A 151 1 ? 28 
# 
_struct_conf_type.id          HELX_P 
_struct_conf_type.criteria    ? 
_struct_conf_type.reference   ? 
# 
_struct_mon_prot_cis.pdbx_id                1 
_struct_mon_prot_cis.label_comp_id          ALA 
_struct_mon_prot_cis.label_seq_id           125 
_struct_mon_prot_cis.label_asym_id          A 
_struct_mon_prot_cis.label_alt_id           . 
_struct_mon_prot_cis.pdbx_PDB_ins_code      ? 
_struct_mon_prot_cis.auth_comp_id           ALA 
_struct_mon_prot_cis.auth_seq_id            123 
_struct_mon_prot_cis.auth_asym_id           A 
_struct_mon_prot_cis.pdbx_label_comp_id_2   PRO 
_struct_mon_prot_cis.pdbx_label_seq_id_2    126 
_struct_mon_prot_cis.pdbx_label_asym_id_2   A 
_struct_mon_prot_cis.pdbx_PDB_ins_code_2    ? 
_struct_mon_prot_cis.pdbx_auth_comp_id_2    PRO 
_struct_mon_prot_cis.pdbx_auth_seq_id_2     124 
_struct_mon_prot_cis.pdbx_auth_asym_id_2    A 
_struct_mon_prot_cis.pdbx_PDB_model_num     1 
_struct_mon_prot_cis.pdbx_omega_angle       0.71 
# 
loop_
_pdbx_struct_special_symmetry.id 
_pdbx_struct_special_symmetry.PDB_model_num 
_pdbx_struct_special_symmetry.auth_asym_id 
_pdbx_struct_special_symmetry.auth_comp_id 
_pdbx_struct_special_symmetry.auth_seq_id 
_pdbx_struct_special_symmetry.PDB_ins_code 
_pdbx_struct_special_symmetry.label_asym_id 
_pdbx_struct_special_symmetry.label_comp_id 
_pdbx_struct_special_symmetry.label_seq_id 
1 1 A HOH 363 ? H HOH . 
2 1 A HOH 370 ? H HOH . 
# 
loop_
_pdbx_unobs_or_zero_occ_residues.id 
_pdbx_unobs_or_zero_occ_residues.PDB_model_num 
_pdbx_unobs_or_zero_occ_residues.polymer_flag 
_pdbx_unobs_or_zero_occ_residues.occupancy_flag 
_pdbx_unobs_or_zero_occ_residues.auth_asym_id 
_pdbx_unobs_or_zero_occ_residues.auth_comp_id 
_pdbx_unobs_or_zero_occ_residues.auth_seq_id 
_pdbx_unobs_or_zero_occ_residues.PDB_ins_code 
_pdbx_unobs_or_zero_occ_residues.label_asym_id 
_pdbx_unobs_or_zero_occ_residues.label_comp_id 
_pdbx_unobs_or_zero_occ_residues.label_seq_id 
1 1 Y 1 A MET -1 ? A MET 1 
2 1 Y 1 A ALA 0  ? A ALA 2 
3 1 Y 1 A LEU 1  ? A LEU 3 
4 1 Y 1 A PRO 2  ? A PRO 4 
5 1 Y 1 A ALA 3  ? A ALA 5 
6 1 Y 1 A HIS 4  ? A HIS 6 
# 
loop_
_chem_comp_atom.comp_id 
_chem_comp_atom.atom_id 
_chem_comp_atom.type_symbol 
_chem_comp_atom.pdbx_aromatic_flag 
_chem_comp_atom.pdbx_stereo_config 
_chem_comp_atom.pdbx_ordinal 
1KA C1     C N N 1   
1KA O1     O N N 2   
1KA C2     C N N 3   
1KA O2     O N N 4   
1KA C3     C N N 5   
1KA C4     C N N 6   
1KA O4     O N N 7   
1KA H1     H N N 8   
1KA H2     H N N 9   
1KA H3     H N N 10  
1KA H4     H N N 11  
1KA H5     H N N 12  
1KA H6     H N N 13  
1KA H7     H N N 14  
1KA H8     H N N 15  
4UL O1     O N N 16  
4UL C7     C Y N 17  
4UL C6     C Y N 18  
4UL C1     C Y N 19  
4UL N1     N Y N 20  
4UL C5     C Y N 21  
4UL C4     C Y N 22  
4UL C3     C Y N 23  
4UL C2     C N N 24  
4UL F4     F N N 25  
4UL C22    C N N 26  
4UL F3     F N N 27  
4UL C13    C Y N 28  
4UL N3     N Y N 29  
4UL C14    C Y N 30  
4UL C15    C Y N 31  
4UL C17    C N N 32  
4UL N4     N N N 33  
4UL C18    C N N 34  
4UL C19    C N N 35  
4UL C21    C N N 36  
4UL C20    C N N 37  
4UL C16    C Y N 38  
4UL C12    C Y N 39  
4UL C11    C N N 40  
4UL O      O N N 41  
4UL N2     N N N 42  
4UL C      C Y N 43  
4UL N      N Y N 44  
4UL C9     C Y N 45  
4UL C8     C Y N 46  
4UL C10    C N N 47  
4UL F2     F N N 48  
4UL F1     F N N 49  
4UL F      F N N 50  
4UL H1     H N N 51  
4UL H2     H N N 52  
4UL H3     H N N 53  
4UL H4     H N N 54  
4UL H5     H N N 55  
4UL H6     H N N 56  
4UL H7     H N N 57  
4UL H8     H N N 58  
4UL H9     H N N 59  
4UL H10    H N N 60  
4UL H11    H N N 61  
4UL H12    H N N 62  
4UL H13    H N N 63  
4UL H14    H N N 64  
4UL H15    H N N 65  
4UL H16    H N N 66  
4UL H17    H N N 67  
4UL H18    H N N 68  
4UL H19    H N N 69  
4UL H20    H N N 70  
4UL H22    H N N 71  
4UL H23    H N N 72  
ALA N      N N N 73  
ALA CA     C N S 74  
ALA C      C N N 75  
ALA O      O N N 76  
ALA CB     C N N 77  
ALA OXT    O N N 78  
ALA H      H N N 79  
ALA H2     H N N 80  
ALA HA     H N N 81  
ALA HB1    H N N 82  
ALA HB2    H N N 83  
ALA HB3    H N N 84  
ALA HXT    H N N 85  
ARG N      N N N 86  
ARG CA     C N S 87  
ARG C      C N N 88  
ARG O      O N N 89  
ARG CB     C N N 90  
ARG CG     C N N 91  
ARG CD     C N N 92  
ARG NE     N N N 93  
ARG CZ     C N N 94  
ARG NH1    N N N 95  
ARG NH2    N N N 96  
ARG OXT    O N N 97  
ARG H      H N N 98  
ARG H2     H N N 99  
ARG HA     H N N 100 
ARG HB2    H N N 101 
ARG HB3    H N N 102 
ARG HG2    H N N 103 
ARG HG3    H N N 104 
ARG HD2    H N N 105 
ARG HD3    H N N 106 
ARG HE     H N N 107 
ARG HH11   H N N 108 
ARG HH12   H N N 109 
ARG HH21   H N N 110 
ARG HH22   H N N 111 
ARG HXT    H N N 112 
ASN N      N N N 113 
ASN CA     C N S 114 
ASN C      C N N 115 
ASN O      O N N 116 
ASN CB     C N N 117 
ASN CG     C N N 118 
ASN OD1    O N N 119 
ASN ND2    N N N 120 
ASN OXT    O N N 121 
ASN H      H N N 122 
ASN H2     H N N 123 
ASN HA     H N N 124 
ASN HB2    H N N 125 
ASN HB3    H N N 126 
ASN HD21   H N N 127 
ASN HD22   H N N 128 
ASN HXT    H N N 129 
ASP N      N N N 130 
ASP CA     C N S 131 
ASP C      C N N 132 
ASP O      O N N 133 
ASP CB     C N N 134 
ASP CG     C N N 135 
ASP OD1    O N N 136 
ASP OD2    O N N 137 
ASP OXT    O N N 138 
ASP H      H N N 139 
ASP H2     H N N 140 
ASP HA     H N N 141 
ASP HB2    H N N 142 
ASP HB3    H N N 143 
ASP HD2    H N N 144 
ASP HXT    H N N 145 
BOG C1     C N R 146 
BOG O1     O N N 147 
BOG C2     C N R 148 
BOG O2     O N N 149 
BOG C3     C N S 150 
BOG O3     O N N 151 
BOG C4     C N S 152 
BOG O4     O N N 153 
BOG C5     C N R 154 
BOG O5     O N N 155 
BOG C6     C N N 156 
BOG O6     O N N 157 
BOG "C1'"  C N N 158 
BOG "C2'"  C N N 159 
BOG "C3'"  C N N 160 
BOG "C4'"  C N N 161 
BOG "C5'"  C N N 162 
BOG "C6'"  C N N 163 
BOG "C7'"  C N N 164 
BOG "C8'"  C N N 165 
BOG H1     H N N 166 
BOG H2     H N N 167 
BOG HO2    H N N 168 
BOG H3     H N N 169 
BOG HO3    H N N 170 
BOG H4     H N N 171 
BOG HO4    H N N 172 
BOG H5     H N N 173 
BOG H61    H N N 174 
BOG H62    H N N 175 
BOG HO6    H N N 176 
BOG "H1'1" H N N 177 
BOG "H1'2" H N N 178 
BOG "H2'1" H N N 179 
BOG "H2'2" H N N 180 
BOG "H3'1" H N N 181 
BOG "H3'2" H N N 182 
BOG "H4'1" H N N 183 
BOG "H4'2" H N N 184 
BOG "H5'1" H N N 185 
BOG "H5'2" H N N 186 
BOG "H6'1" H N N 187 
BOG "H6'2" H N N 188 
BOG "H7'1" H N N 189 
BOG "H7'2" H N N 190 
BOG "H8'1" H N N 191 
BOG "H8'2" H N N 192 
BOG "H8'3" H N N 193 
CYS N      N N N 194 
CYS CA     C N R 195 
CYS C      C N N 196 
CYS O      O N N 197 
CYS CB     C N N 198 
CYS SG     S N N 199 
CYS OXT    O N N 200 
CYS H      H N N 201 
CYS H2     H N N 202 
CYS HA     H N N 203 
CYS HB2    H N N 204 
CYS HB3    H N N 205 
CYS HG     H N N 206 
CYS HXT    H N N 207 
GLN N      N N N 208 
GLN CA     C N S 209 
GLN C      C N N 210 
GLN O      O N N 211 
GLN CB     C N N 212 
GLN CG     C N N 213 
GLN CD     C N N 214 
GLN OE1    O N N 215 
GLN NE2    N N N 216 
GLN OXT    O N N 217 
GLN H      H N N 218 
GLN H2     H N N 219 
GLN HA     H N N 220 
GLN HB2    H N N 221 
GLN HB3    H N N 222 
GLN HG2    H N N 223 
GLN HG3    H N N 224 
GLN HE21   H N N 225 
GLN HE22   H N N 226 
GLN HXT    H N N 227 
GLU N      N N N 228 
GLU CA     C N S 229 
GLU C      C N N 230 
GLU O      O N N 231 
GLU CB     C N N 232 
GLU CG     C N N 233 
GLU CD     C N N 234 
GLU OE1    O N N 235 
GLU OE2    O N N 236 
GLU OXT    O N N 237 
GLU H      H N N 238 
GLU H2     H N N 239 
GLU HA     H N N 240 
GLU HB2    H N N 241 
GLU HB3    H N N 242 
GLU HG2    H N N 243 
GLU HG3    H N N 244 
GLU HE2    H N N 245 
GLU HXT    H N N 246 
GLY N      N N N 247 
GLY CA     C N N 248 
GLY C      C N N 249 
GLY O      O N N 250 
GLY OXT    O N N 251 
GLY H      H N N 252 
GLY H2     H N N 253 
GLY HA2    H N N 254 
GLY HA3    H N N 255 
GLY HXT    H N N 256 
GSH N1     N N N 257 
GSH CA1    C N S 258 
GSH C1     C N N 259 
GSH O11    O N N 260 
GSH O12    O N N 261 
GSH CB1    C N N 262 
GSH CG1    C N N 263 
GSH CD1    C N N 264 
GSH OE1    O N N 265 
GSH N2     N N N 266 
GSH CA2    C N R 267 
GSH C2     C N N 268 
GSH O2     O N N 269 
GSH CB2    C N N 270 
GSH SG2    S N N 271 
GSH N3     N N N 272 
GSH CA3    C N N 273 
GSH C3     C N N 274 
GSH O31    O N N 275 
GSH O32    O N N 276 
GSH HN11   H N N 277 
GSH HN12   H N N 278 
GSH HA1    H N N 279 
GSH H12    H N N 280 
GSH HB12   H N N 281 
GSH HB13   H N N 282 
GSH HG12   H N N 283 
GSH HG13   H N N 284 
GSH HN2    H N N 285 
GSH HA2    H N N 286 
GSH HB22   H N N 287 
GSH HB23   H N N 288 
GSH HSG    H N N 289 
GSH HN3    H N N 290 
GSH HA31   H N N 291 
GSH HA32   H N N 292 
GSH H32    H N N 293 
HIS N      N N N 294 
HIS CA     C N S 295 
HIS C      C N N 296 
HIS O      O N N 297 
HIS CB     C N N 298 
HIS CG     C Y N 299 
HIS ND1    N Y N 300 
HIS CD2    C Y N 301 
HIS CE1    C Y N 302 
HIS NE2    N Y N 303 
HIS OXT    O N N 304 
HIS H      H N N 305 
HIS H2     H N N 306 
HIS HA     H N N 307 
HIS HB2    H N N 308 
HIS HB3    H N N 309 
HIS HD1    H N N 310 
HIS HD2    H N N 311 
HIS HE1    H N N 312 
HIS HE2    H N N 313 
HIS HXT    H N N 314 
HOH O      O N N 315 
HOH H1     H N N 316 
HOH H2     H N N 317 
ILE N      N N N 318 
ILE CA     C N S 319 
ILE C      C N N 320 
ILE O      O N N 321 
ILE CB     C N S 322 
ILE CG1    C N N 323 
ILE CG2    C N N 324 
ILE CD1    C N N 325 
ILE OXT    O N N 326 
ILE H      H N N 327 
ILE H2     H N N 328 
ILE HA     H N N 329 
ILE HB     H N N 330 
ILE HG12   H N N 331 
ILE HG13   H N N 332 
ILE HG21   H N N 333 
ILE HG22   H N N 334 
ILE HG23   H N N 335 
ILE HD11   H N N 336 
ILE HD12   H N N 337 
ILE HD13   H N N 338 
ILE HXT    H N N 339 
LEU N      N N N 340 
LEU CA     C N S 341 
LEU C      C N N 342 
LEU O      O N N 343 
LEU CB     C N N 344 
LEU CG     C N N 345 
LEU CD1    C N N 346 
LEU CD2    C N N 347 
LEU OXT    O N N 348 
LEU H      H N N 349 
LEU H2     H N N 350 
LEU HA     H N N 351 
LEU HB2    H N N 352 
LEU HB3    H N N 353 
LEU HG     H N N 354 
LEU HD11   H N N 355 
LEU HD12   H N N 356 
LEU HD13   H N N 357 
LEU HD21   H N N 358 
LEU HD22   H N N 359 
LEU HD23   H N N 360 
LEU HXT    H N N 361 
LYS N      N N N 362 
LYS CA     C N S 363 
LYS C      C N N 364 
LYS O      O N N 365 
LYS CB     C N N 366 
LYS CG     C N N 367 
LYS CD     C N N 368 
LYS CE     C N N 369 
LYS NZ     N N N 370 
LYS OXT    O N N 371 
LYS H      H N N 372 
LYS H2     H N N 373 
LYS HA     H N N 374 
LYS HB2    H N N 375 
LYS HB3    H N N 376 
LYS HG2    H N N 377 
LYS HG3    H N N 378 
LYS HD2    H N N 379 
LYS HD3    H N N 380 
LYS HE2    H N N 381 
LYS HE3    H N N 382 
LYS HZ1    H N N 383 
LYS HZ2    H N N 384 
LYS HZ3    H N N 385 
LYS HXT    H N N 386 
MET N      N N N 387 
MET CA     C N S 388 
MET C      C N N 389 
MET O      O N N 390 
MET CB     C N N 391 
MET CG     C N N 392 
MET SD     S N N 393 
MET CE     C N N 394 
MET OXT    O N N 395 
MET H      H N N 396 
MET H2     H N N 397 
MET HA     H N N 398 
MET HB2    H N N 399 
MET HB3    H N N 400 
MET HG2    H N N 401 
MET HG3    H N N 402 
MET HE1    H N N 403 
MET HE2    H N N 404 
MET HE3    H N N 405 
MET HXT    H N N 406 
PG4 O1     O N N 407 
PG4 C1     C N N 408 
PG4 C2     C N N 409 
PG4 O2     O N N 410 
PG4 C3     C N N 411 
PG4 C4     C N N 412 
PG4 O3     O N N 413 
PG4 C5     C N N 414 
PG4 C6     C N N 415 
PG4 O4     O N N 416 
PG4 C7     C N N 417 
PG4 C8     C N N 418 
PG4 O5     O N N 419 
PG4 HO1    H N N 420 
PG4 H11    H N N 421 
PG4 H12    H N N 422 
PG4 H21    H N N 423 
PG4 H22    H N N 424 
PG4 H31    H N N 425 
PG4 H32    H N N 426 
PG4 H41    H N N 427 
PG4 H42    H N N 428 
PG4 H51    H N N 429 
PG4 H52    H N N 430 
PG4 H61    H N N 431 
PG4 H62    H N N 432 
PG4 H71    H N N 433 
PG4 H72    H N N 434 
PG4 H81    H N N 435 
PG4 H82    H N N 436 
PG4 HO5    H N N 437 
PHE N      N N N 438 
PHE CA     C N S 439 
PHE C      C N N 440 
PHE O      O N N 441 
PHE CB     C N N 442 
PHE CG     C Y N 443 
PHE CD1    C Y N 444 
PHE CD2    C Y N 445 
PHE CE1    C Y N 446 
PHE CE2    C Y N 447 
PHE CZ     C Y N 448 
PHE OXT    O N N 449 
PHE H      H N N 450 
PHE H2     H N N 451 
PHE HA     H N N 452 
PHE HB2    H N N 453 
PHE HB3    H N N 454 
PHE HD1    H N N 455 
PHE HD2    H N N 456 
PHE HE1    H N N 457 
PHE HE2    H N N 458 
PHE HZ     H N N 459 
PHE HXT    H N N 460 
PRO N      N N N 461 
PRO CA     C N S 462 
PRO C      C N N 463 
PRO O      O N N 464 
PRO CB     C N N 465 
PRO CG     C N N 466 
PRO CD     C N N 467 
PRO OXT    O N N 468 
PRO H      H N N 469 
PRO HA     H N N 470 
PRO HB2    H N N 471 
PRO HB3    H N N 472 
PRO HG2    H N N 473 
PRO HG3    H N N 474 
PRO HD2    H N N 475 
PRO HD3    H N N 476 
PRO HXT    H N N 477 
SER N      N N N 478 
SER CA     C N S 479 
SER C      C N N 480 
SER O      O N N 481 
SER CB     C N N 482 
SER OG     O N N 483 
SER OXT    O N N 484 
SER H      H N N 485 
SER H2     H N N 486 
SER HA     H N N 487 
SER HB2    H N N 488 
SER HB3    H N N 489 
SER HG     H N N 490 
SER HXT    H N N 491 
THR N      N N N 492 
THR CA     C N S 493 
THR C      C N N 494 
THR O      O N N 495 
THR CB     C N R 496 
THR OG1    O N N 497 
THR CG2    C N N 498 
THR OXT    O N N 499 
THR H      H N N 500 
THR H2     H N N 501 
THR HA     H N N 502 
THR HB     H N N 503 
THR HG1    H N N 504 
THR HG21   H N N 505 
THR HG22   H N N 506 
THR HG23   H N N 507 
THR HXT    H N N 508 
TRP N      N N N 509 
TRP CA     C N S 510 
TRP C      C N N 511 
TRP O      O N N 512 
TRP CB     C N N 513 
TRP CG     C Y N 514 
TRP CD1    C Y N 515 
TRP CD2    C Y N 516 
TRP NE1    N Y N 517 
TRP CE2    C Y N 518 
TRP CE3    C Y N 519 
TRP CZ2    C Y N 520 
TRP CZ3    C Y N 521 
TRP CH2    C Y N 522 
TRP OXT    O N N 523 
TRP H      H N N 524 
TRP H2     H N N 525 
TRP HA     H N N 526 
TRP HB2    H N N 527 
TRP HB3    H N N 528 
TRP HD1    H N N 529 
TRP HE1    H N N 530 
TRP HE3    H N N 531 
TRP HZ2    H N N 532 
TRP HZ3    H N N 533 
TRP HH2    H N N 534 
TRP HXT    H N N 535 
TYR N      N N N 536 
TYR CA     C N S 537 
TYR C      C N N 538 
TYR O      O N N 539 
TYR CB     C N N 540 
TYR CG     C Y N 541 
TYR CD1    C Y N 542 
TYR CD2    C Y N 543 
TYR CE1    C Y N 544 
TYR CE2    C Y N 545 
TYR CZ     C Y N 546 
TYR OH     O N N 547 
TYR OXT    O N N 548 
TYR H      H N N 549 
TYR H2     H N N 550 
TYR HA     H N N 551 
TYR HB2    H N N 552 
TYR HB3    H N N 553 
TYR HD1    H N N 554 
TYR HD2    H N N 555 
TYR HE1    H N N 556 
TYR HE2    H N N 557 
TYR HH     H N N 558 
TYR HXT    H N N 559 
VAL N      N N N 560 
VAL CA     C N S 561 
VAL C      C N N 562 
VAL O      O N N 563 
VAL CB     C N N 564 
VAL CG1    C N N 565 
VAL CG2    C N N 566 
VAL OXT    O N N 567 
VAL H      H N N 568 
VAL H2     H N N 569 
VAL HA     H N N 570 
VAL HB     H N N 571 
VAL HG11   H N N 572 
VAL HG12   H N N 573 
VAL HG13   H N N 574 
VAL HG21   H N N 575 
VAL HG22   H N N 576 
VAL HG23   H N N 577 
VAL HXT    H N N 578 
# 
loop_
_chem_comp_bond.comp_id 
_chem_comp_bond.atom_id_1 
_chem_comp_bond.atom_id_2 
_chem_comp_bond.value_order 
_chem_comp_bond.pdbx_aromatic_flag 
_chem_comp_bond.pdbx_stereo_config 
_chem_comp_bond.pdbx_ordinal 
1KA O4    C4     sing N N 1   
1KA C4    C3     sing N N 2   
1KA C3    O2     sing N N 3   
1KA C2    O2     sing N N 4   
1KA C2    C1     sing N N 5   
1KA C1    O1     doub N N 6   
1KA C1    H1     sing N N 7   
1KA C2    H2     sing N N 8   
1KA C2    H3     sing N N 9   
1KA C3    H4     sing N N 10  
1KA C3    H5     sing N N 11  
1KA C4    H6     sing N N 12  
1KA C4    H7     sing N N 13  
1KA O4    H8     sing N N 14  
4UL F2    C10    sing N N 15  
4UL F1    C10    sing N N 16  
4UL F     C10    sing N N 17  
4UL C10   C7     sing N N 18  
4UL C7    C6     doub Y N 19  
4UL C7    C8     sing Y N 20  
4UL C6    C5     sing Y N 21  
4UL C8    C9     doub Y N 22  
4UL C5    C4     doub Y N 23  
4UL C9    C4     sing Y N 24  
4UL C4    C3     sing N N 25  
4UL C20   C19    sing N N 26  
4UL C21   C19    sing N N 27  
4UL C19   C18    sing N N 28  
4UL C3    N      sing Y N 29  
4UL C3    C1     doub Y N 30  
4UL N     C      doub Y N 31  
4UL C18   O1     doub N N 32  
4UL C18   N4     sing N N 33  
4UL C1    C2     sing N N 34  
4UL C1    N1     sing Y N 35  
4UL C     N1     sing Y N 36  
4UL C     N2     sing N N 37  
4UL N4    C17    sing N N 38  
4UL N2    C11    sing N N 39  
4UL C17   C15    sing N N 40  
4UL C16   C15    doub Y N 41  
4UL C16   C12    sing Y N 42  
4UL C11   C12    sing N N 43  
4UL C11   O      doub N N 44  
4UL C15   C14    sing Y N 45  
4UL C12   C13    doub Y N 46  
4UL F3    C22    sing N N 47  
4UL C14   N3     doub Y N 48  
4UL C13   N3     sing Y N 49  
4UL C13   C22    sing N N 50  
4UL C22   F4     sing N N 51  
4UL C6    H1     sing N N 52  
4UL N1    H2     sing N N 53  
4UL C5    H3     sing N N 54  
4UL C2    H4     sing N N 55  
4UL C2    H5     sing N N 56  
4UL C2    H6     sing N N 57  
4UL C22   H7     sing N N 58  
4UL C14   H8     sing N N 59  
4UL C17   H9     sing N N 60  
4UL C17   H10    sing N N 61  
4UL N4    H11    sing N N 62  
4UL C19   H12    sing N N 63  
4UL C21   H13    sing N N 64  
4UL C21   H14    sing N N 65  
4UL C21   H15    sing N N 66  
4UL C20   H16    sing N N 67  
4UL C20   H17    sing N N 68  
4UL C20   H18    sing N N 69  
4UL C16   H19    sing N N 70  
4UL N2    H20    sing N N 71  
4UL C9    H22    sing N N 72  
4UL C8    H23    sing N N 73  
ALA N     CA     sing N N 74  
ALA N     H      sing N N 75  
ALA N     H2     sing N N 76  
ALA CA    C      sing N N 77  
ALA CA    CB     sing N N 78  
ALA CA    HA     sing N N 79  
ALA C     O      doub N N 80  
ALA C     OXT    sing N N 81  
ALA CB    HB1    sing N N 82  
ALA CB    HB2    sing N N 83  
ALA CB    HB3    sing N N 84  
ALA OXT   HXT    sing N N 85  
ARG N     CA     sing N N 86  
ARG N     H      sing N N 87  
ARG N     H2     sing N N 88  
ARG CA    C      sing N N 89  
ARG CA    CB     sing N N 90  
ARG CA    HA     sing N N 91  
ARG C     O      doub N N 92  
ARG C     OXT    sing N N 93  
ARG CB    CG     sing N N 94  
ARG CB    HB2    sing N N 95  
ARG CB    HB3    sing N N 96  
ARG CG    CD     sing N N 97  
ARG CG    HG2    sing N N 98  
ARG CG    HG3    sing N N 99  
ARG CD    NE     sing N N 100 
ARG CD    HD2    sing N N 101 
ARG CD    HD3    sing N N 102 
ARG NE    CZ     sing N N 103 
ARG NE    HE     sing N N 104 
ARG CZ    NH1    sing N N 105 
ARG CZ    NH2    doub N N 106 
ARG NH1   HH11   sing N N 107 
ARG NH1   HH12   sing N N 108 
ARG NH2   HH21   sing N N 109 
ARG NH2   HH22   sing N N 110 
ARG OXT   HXT    sing N N 111 
ASN N     CA     sing N N 112 
ASN N     H      sing N N 113 
ASN N     H2     sing N N 114 
ASN CA    C      sing N N 115 
ASN CA    CB     sing N N 116 
ASN CA    HA     sing N N 117 
ASN C     O      doub N N 118 
ASN C     OXT    sing N N 119 
ASN CB    CG     sing N N 120 
ASN CB    HB2    sing N N 121 
ASN CB    HB3    sing N N 122 
ASN CG    OD1    doub N N 123 
ASN CG    ND2    sing N N 124 
ASN ND2   HD21   sing N N 125 
ASN ND2   HD22   sing N N 126 
ASN OXT   HXT    sing N N 127 
ASP N     CA     sing N N 128 
ASP N     H      sing N N 129 
ASP N     H2     sing N N 130 
ASP CA    C      sing N N 131 
ASP CA    CB     sing N N 132 
ASP CA    HA     sing N N 133 
ASP C     O      doub N N 134 
ASP C     OXT    sing N N 135 
ASP CB    CG     sing N N 136 
ASP CB    HB2    sing N N 137 
ASP CB    HB3    sing N N 138 
ASP CG    OD1    doub N N 139 
ASP CG    OD2    sing N N 140 
ASP OD2   HD2    sing N N 141 
ASP OXT   HXT    sing N N 142 
BOG C1    O1     sing N N 143 
BOG C1    C2     sing N N 144 
BOG C1    O5     sing N N 145 
BOG C1    H1     sing N N 146 
BOG O1    "C1'"  sing N N 147 
BOG C2    O2     sing N N 148 
BOG C2    C3     sing N N 149 
BOG C2    H2     sing N N 150 
BOG O2    HO2    sing N N 151 
BOG C3    O3     sing N N 152 
BOG C3    C4     sing N N 153 
BOG C3    H3     sing N N 154 
BOG O3    HO3    sing N N 155 
BOG C4    O4     sing N N 156 
BOG C4    C5     sing N N 157 
BOG C4    H4     sing N N 158 
BOG O4    HO4    sing N N 159 
BOG C5    O5     sing N N 160 
BOG C5    C6     sing N N 161 
BOG C5    H5     sing N N 162 
BOG C6    O6     sing N N 163 
BOG C6    H61    sing N N 164 
BOG C6    H62    sing N N 165 
BOG O6    HO6    sing N N 166 
BOG "C1'" "C2'"  sing N N 167 
BOG "C1'" "H1'1" sing N N 168 
BOG "C1'" "H1'2" sing N N 169 
BOG "C2'" "C3'"  sing N N 170 
BOG "C2'" "H2'1" sing N N 171 
BOG "C2'" "H2'2" sing N N 172 
BOG "C3'" "C4'"  sing N N 173 
BOG "C3'" "H3'1" sing N N 174 
BOG "C3'" "H3'2" sing N N 175 
BOG "C4'" "C5'"  sing N N 176 
BOG "C4'" "H4'1" sing N N 177 
BOG "C4'" "H4'2" sing N N 178 
BOG "C5'" "C6'"  sing N N 179 
BOG "C5'" "H5'1" sing N N 180 
BOG "C5'" "H5'2" sing N N 181 
BOG "C6'" "C7'"  sing N N 182 
BOG "C6'" "H6'1" sing N N 183 
BOG "C6'" "H6'2" sing N N 184 
BOG "C7'" "C8'"  sing N N 185 
BOG "C7'" "H7'1" sing N N 186 
BOG "C7'" "H7'2" sing N N 187 
BOG "C8'" "H8'1" sing N N 188 
BOG "C8'" "H8'2" sing N N 189 
BOG "C8'" "H8'3" sing N N 190 
CYS N     CA     sing N N 191 
CYS N     H      sing N N 192 
CYS N     H2     sing N N 193 
CYS CA    C      sing N N 194 
CYS CA    CB     sing N N 195 
CYS CA    HA     sing N N 196 
CYS C     O      doub N N 197 
CYS C     OXT    sing N N 198 
CYS CB    SG     sing N N 199 
CYS CB    HB2    sing N N 200 
CYS CB    HB3    sing N N 201 
CYS SG    HG     sing N N 202 
CYS OXT   HXT    sing N N 203 
GLN N     CA     sing N N 204 
GLN N     H      sing N N 205 
GLN N     H2     sing N N 206 
GLN CA    C      sing N N 207 
GLN CA    CB     sing N N 208 
GLN CA    HA     sing N N 209 
GLN C     O      doub N N 210 
GLN C     OXT    sing N N 211 
GLN CB    CG     sing N N 212 
GLN CB    HB2    sing N N 213 
GLN CB    HB3    sing N N 214 
GLN CG    CD     sing N N 215 
GLN CG    HG2    sing N N 216 
GLN CG    HG3    sing N N 217 
GLN CD    OE1    doub N N 218 
GLN CD    NE2    sing N N 219 
GLN NE2   HE21   sing N N 220 
GLN NE2   HE22   sing N N 221 
GLN OXT   HXT    sing N N 222 
GLU N     CA     sing N N 223 
GLU N     H      sing N N 224 
GLU N     H2     sing N N 225 
GLU CA    C      sing N N 226 
GLU CA    CB     sing N N 227 
GLU CA    HA     sing N N 228 
GLU C     O      doub N N 229 
GLU C     OXT    sing N N 230 
GLU CB    CG     sing N N 231 
GLU CB    HB2    sing N N 232 
GLU CB    HB3    sing N N 233 
GLU CG    CD     sing N N 234 
GLU CG    HG2    sing N N 235 
GLU CG    HG3    sing N N 236 
GLU CD    OE1    doub N N 237 
GLU CD    OE2    sing N N 238 
GLU OE2   HE2    sing N N 239 
GLU OXT   HXT    sing N N 240 
GLY N     CA     sing N N 241 
GLY N     H      sing N N 242 
GLY N     H2     sing N N 243 
GLY CA    C      sing N N 244 
GLY CA    HA2    sing N N 245 
GLY CA    HA3    sing N N 246 
GLY C     O      doub N N 247 
GLY C     OXT    sing N N 248 
GLY OXT   HXT    sing N N 249 
GSH N1    CA1    sing N N 250 
GSH N1    HN11   sing N N 251 
GSH N1    HN12   sing N N 252 
GSH CA1   C1     sing N N 253 
GSH CA1   CB1    sing N N 254 
GSH CA1   HA1    sing N N 255 
GSH C1    O11    doub N N 256 
GSH C1    O12    sing N N 257 
GSH O12   H12    sing N N 258 
GSH CB1   CG1    sing N N 259 
GSH CB1   HB12   sing N N 260 
GSH CB1   HB13   sing N N 261 
GSH CG1   CD1    sing N N 262 
GSH CG1   HG12   sing N N 263 
GSH CG1   HG13   sing N N 264 
GSH CD1   OE1    doub N N 265 
GSH CD1   N2     sing N N 266 
GSH N2    CA2    sing N N 267 
GSH N2    HN2    sing N N 268 
GSH CA2   C2     sing N N 269 
GSH CA2   CB2    sing N N 270 
GSH CA2   HA2    sing N N 271 
GSH C2    O2     doub N N 272 
GSH C2    N3     sing N N 273 
GSH CB2   SG2    sing N N 274 
GSH CB2   HB22   sing N N 275 
GSH CB2   HB23   sing N N 276 
GSH SG2   HSG    sing N N 277 
GSH N3    CA3    sing N N 278 
GSH N3    HN3    sing N N 279 
GSH CA3   C3     sing N N 280 
GSH CA3   HA31   sing N N 281 
GSH CA3   HA32   sing N N 282 
GSH C3    O31    doub N N 283 
GSH C3    O32    sing N N 284 
GSH O32   H32    sing N N 285 
HIS N     CA     sing N N 286 
HIS N     H      sing N N 287 
HIS N     H2     sing N N 288 
HIS CA    C      sing N N 289 
HIS CA    CB     sing N N 290 
HIS CA    HA     sing N N 291 
HIS C     O      doub N N 292 
HIS C     OXT    sing N N 293 
HIS CB    CG     sing N N 294 
HIS CB    HB2    sing N N 295 
HIS CB    HB3    sing N N 296 
HIS CG    ND1    sing Y N 297 
HIS CG    CD2    doub Y N 298 
HIS ND1   CE1    doub Y N 299 
HIS ND1   HD1    sing N N 300 
HIS CD2   NE2    sing Y N 301 
HIS CD2   HD2    sing N N 302 
HIS CE1   NE2    sing Y N 303 
HIS CE1   HE1    sing N N 304 
HIS NE2   HE2    sing N N 305 
HIS OXT   HXT    sing N N 306 
HOH O     H1     sing N N 307 
HOH O     H2     sing N N 308 
ILE N     CA     sing N N 309 
ILE N     H      sing N N 310 
ILE N     H2     sing N N 311 
ILE CA    C      sing N N 312 
ILE CA    CB     sing N N 313 
ILE CA    HA     sing N N 314 
ILE C     O      doub N N 315 
ILE C     OXT    sing N N 316 
ILE CB    CG1    sing N N 317 
ILE CB    CG2    sing N N 318 
ILE CB    HB     sing N N 319 
ILE CG1   CD1    sing N N 320 
ILE CG1   HG12   sing N N 321 
ILE CG1   HG13   sing N N 322 
ILE CG2   HG21   sing N N 323 
ILE CG2   HG22   sing N N 324 
ILE CG2   HG23   sing N N 325 
ILE CD1   HD11   sing N N 326 
ILE CD1   HD12   sing N N 327 
ILE CD1   HD13   sing N N 328 
ILE OXT   HXT    sing N N 329 
LEU N     CA     sing N N 330 
LEU N     H      sing N N 331 
LEU N     H2     sing N N 332 
LEU CA    C      sing N N 333 
LEU CA    CB     sing N N 334 
LEU CA    HA     sing N N 335 
LEU C     O      doub N N 336 
LEU C     OXT    sing N N 337 
LEU CB    CG     sing N N 338 
LEU CB    HB2    sing N N 339 
LEU CB    HB3    sing N N 340 
LEU CG    CD1    sing N N 341 
LEU CG    CD2    sing N N 342 
LEU CG    HG     sing N N 343 
LEU CD1   HD11   sing N N 344 
LEU CD1   HD12   sing N N 345 
LEU CD1   HD13   sing N N 346 
LEU CD2   HD21   sing N N 347 
LEU CD2   HD22   sing N N 348 
LEU CD2   HD23   sing N N 349 
LEU OXT   HXT    sing N N 350 
LYS N     CA     sing N N 351 
LYS N     H      sing N N 352 
LYS N     H2     sing N N 353 
LYS CA    C      sing N N 354 
LYS CA    CB     sing N N 355 
LYS CA    HA     sing N N 356 
LYS C     O      doub N N 357 
LYS C     OXT    sing N N 358 
LYS CB    CG     sing N N 359 
LYS CB    HB2    sing N N 360 
LYS CB    HB3    sing N N 361 
LYS CG    CD     sing N N 362 
LYS CG    HG2    sing N N 363 
LYS CG    HG3    sing N N 364 
LYS CD    CE     sing N N 365 
LYS CD    HD2    sing N N 366 
LYS CD    HD3    sing N N 367 
LYS CE    NZ     sing N N 368 
LYS CE    HE2    sing N N 369 
LYS CE    HE3    sing N N 370 
LYS NZ    HZ1    sing N N 371 
LYS NZ    HZ2    sing N N 372 
LYS NZ    HZ3    sing N N 373 
LYS OXT   HXT    sing N N 374 
MET N     CA     sing N N 375 
MET N     H      sing N N 376 
MET N     H2     sing N N 377 
MET CA    C      sing N N 378 
MET CA    CB     sing N N 379 
MET CA    HA     sing N N 380 
MET C     O      doub N N 381 
MET C     OXT    sing N N 382 
MET CB    CG     sing N N 383 
MET CB    HB2    sing N N 384 
MET CB    HB3    sing N N 385 
MET CG    SD     sing N N 386 
MET CG    HG2    sing N N 387 
MET CG    HG3    sing N N 388 
MET SD    CE     sing N N 389 
MET CE    HE1    sing N N 390 
MET CE    HE2    sing N N 391 
MET CE    HE3    sing N N 392 
MET OXT   HXT    sing N N 393 
PG4 O1    C1     sing N N 394 
PG4 O1    HO1    sing N N 395 
PG4 C1    C2     sing N N 396 
PG4 C1    H11    sing N N 397 
PG4 C1    H12    sing N N 398 
PG4 C2    O2     sing N N 399 
PG4 C2    H21    sing N N 400 
PG4 C2    H22    sing N N 401 
PG4 O2    C3     sing N N 402 
PG4 C3    C4     sing N N 403 
PG4 C3    H31    sing N N 404 
PG4 C3    H32    sing N N 405 
PG4 C4    O3     sing N N 406 
PG4 C4    H41    sing N N 407 
PG4 C4    H42    sing N N 408 
PG4 O3    C5     sing N N 409 
PG4 C5    C6     sing N N 410 
PG4 C5    H51    sing N N 411 
PG4 C5    H52    sing N N 412 
PG4 C6    O4     sing N N 413 
PG4 C6    H61    sing N N 414 
PG4 C6    H62    sing N N 415 
PG4 O4    C7     sing N N 416 
PG4 C7    C8     sing N N 417 
PG4 C7    H71    sing N N 418 
PG4 C7    H72    sing N N 419 
PG4 C8    O5     sing N N 420 
PG4 C8    H81    sing N N 421 
PG4 C8    H82    sing N N 422 
PG4 O5    HO5    sing N N 423 
PHE N     CA     sing N N 424 
PHE N     H      sing N N 425 
PHE N     H2     sing N N 426 
PHE CA    C      sing N N 427 
PHE CA    CB     sing N N 428 
PHE CA    HA     sing N N 429 
PHE C     O      doub N N 430 
PHE C     OXT    sing N N 431 
PHE CB    CG     sing N N 432 
PHE CB    HB2    sing N N 433 
PHE CB    HB3    sing N N 434 
PHE CG    CD1    doub Y N 435 
PHE CG    CD2    sing Y N 436 
PHE CD1   CE1    sing Y N 437 
PHE CD1   HD1    sing N N 438 
PHE CD2   CE2    doub Y N 439 
PHE CD2   HD2    sing N N 440 
PHE CE1   CZ     doub Y N 441 
PHE CE1   HE1    sing N N 442 
PHE CE2   CZ     sing Y N 443 
PHE CE2   HE2    sing N N 444 
PHE CZ    HZ     sing N N 445 
PHE OXT   HXT    sing N N 446 
PRO N     CA     sing N N 447 
PRO N     CD     sing N N 448 
PRO N     H      sing N N 449 
PRO CA    C      sing N N 450 
PRO CA    CB     sing N N 451 
PRO CA    HA     sing N N 452 
PRO C     O      doub N N 453 
PRO C     OXT    sing N N 454 
PRO CB    CG     sing N N 455 
PRO CB    HB2    sing N N 456 
PRO CB    HB3    sing N N 457 
PRO CG    CD     sing N N 458 
PRO CG    HG2    sing N N 459 
PRO CG    HG3    sing N N 460 
PRO CD    HD2    sing N N 461 
PRO CD    HD3    sing N N 462 
PRO OXT   HXT    sing N N 463 
SER N     CA     sing N N 464 
SER N     H      sing N N 465 
SER N     H2     sing N N 466 
SER CA    C      sing N N 467 
SER CA    CB     sing N N 468 
SER CA    HA     sing N N 469 
SER C     O      doub N N 470 
SER C     OXT    sing N N 471 
SER CB    OG     sing N N 472 
SER CB    HB2    sing N N 473 
SER CB    HB3    sing N N 474 
SER OG    HG     sing N N 475 
SER OXT   HXT    sing N N 476 
THR N     CA     sing N N 477 
THR N     H      sing N N 478 
THR N     H2     sing N N 479 
THR CA    C      sing N N 480 
THR CA    CB     sing N N 481 
THR CA    HA     sing N N 482 
THR C     O      doub N N 483 
THR C     OXT    sing N N 484 
THR CB    OG1    sing N N 485 
THR CB    CG2    sing N N 486 
THR CB    HB     sing N N 487 
THR OG1   HG1    sing N N 488 
THR CG2   HG21   sing N N 489 
THR CG2   HG22   sing N N 490 
THR CG2   HG23   sing N N 491 
THR OXT   HXT    sing N N 492 
TRP N     CA     sing N N 493 
TRP N     H      sing N N 494 
TRP N     H2     sing N N 495 
TRP CA    C      sing N N 496 
TRP CA    CB     sing N N 497 
TRP CA    HA     sing N N 498 
TRP C     O      doub N N 499 
TRP C     OXT    sing N N 500 
TRP CB    CG     sing N N 501 
TRP CB    HB2    sing N N 502 
TRP CB    HB3    sing N N 503 
TRP CG    CD1    doub Y N 504 
TRP CG    CD2    sing Y N 505 
TRP CD1   NE1    sing Y N 506 
TRP CD1   HD1    sing N N 507 
TRP CD2   CE2    doub Y N 508 
TRP CD2   CE3    sing Y N 509 
TRP NE1   CE2    sing Y N 510 
TRP NE1   HE1    sing N N 511 
TRP CE2   CZ2    sing Y N 512 
TRP CE3   CZ3    doub Y N 513 
TRP CE3   HE3    sing N N 514 
TRP CZ2   CH2    doub Y N 515 
TRP CZ2   HZ2    sing N N 516 
TRP CZ3   CH2    sing Y N 517 
TRP CZ3   HZ3    sing N N 518 
TRP CH2   HH2    sing N N 519 
TRP OXT   HXT    sing N N 520 
TYR N     CA     sing N N 521 
TYR N     H      sing N N 522 
TYR N     H2     sing N N 523 
TYR CA    C      sing N N 524 
TYR CA    CB     sing N N 525 
TYR CA    HA     sing N N 526 
TYR C     O      doub N N 527 
TYR C     OXT    sing N N 528 
TYR CB    CG     sing N N 529 
TYR CB    HB2    sing N N 530 
TYR CB    HB3    sing N N 531 
TYR CG    CD1    doub Y N 532 
TYR CG    CD2    sing Y N 533 
TYR CD1   CE1    sing Y N 534 
TYR CD1   HD1    sing N N 535 
TYR CD2   CE2    doub Y N 536 
TYR CD2   HD2    sing N N 537 
TYR CE1   CZ     doub Y N 538 
TYR CE1   HE1    sing N N 539 
TYR CE2   CZ     sing Y N 540 
TYR CE2   HE2    sing N N 541 
TYR CZ    OH     sing N N 542 
TYR OH    HH     sing N N 543 
TYR OXT   HXT    sing N N 544 
VAL N     CA     sing N N 545 
VAL N     H      sing N N 546 
VAL N     H2     sing N N 547 
VAL CA    C      sing N N 548 
VAL CA    CB     sing N N 549 
VAL CA    HA     sing N N 550 
VAL C     O      doub N N 551 
VAL C     OXT    sing N N 552 
VAL CB    CG1    sing N N 553 
VAL CB    CG2    sing N N 554 
VAL CB    HB     sing N N 555 
VAL CG1   HG11   sing N N 556 
VAL CG1   HG12   sing N N 557 
VAL CG1   HG13   sing N N 558 
VAL CG2   HG21   sing N N 559 
VAL CG2   HG22   sing N N 560 
VAL CG2   HG23   sing N N 561 
VAL OXT   HXT    sing N N 562 
# 
_atom_sites.entry_id                    5BQI 
_atom_sites.fract_transf_matrix[1][1]   0.00712991 
_atom_sites.fract_transf_matrix[1][2]   -0.00234055 
_atom_sites.fract_transf_matrix[1][3]   0.01313374 
_atom_sites.fract_transf_matrix[2][1]   -0.00710439 
_atom_sites.fract_transf_matrix[2][2]   0.00277841 
_atom_sites.fract_transf_matrix[2][3]   0.01306270 
_atom_sites.fract_transf_matrix[3][1]   -0.00273893 
_atom_sites.fract_transf_matrix[3][2]   -0.00761433 
_atom_sites.fract_transf_matrix[3][3]   0.00012994 
_atom_sites.fract_transf_vector[1]      0.140284 
_atom_sites.fract_transf_vector[2]      0.023035 
_atom_sites.fract_transf_vector[3]      0.163835 
# 
loop_
_atom_type.symbol 
C 
F 
N 
O 
S 
# 
loop_
_atom_site.group_PDB 
_atom_site.id 
_atom_site.type_symbol 
_atom_site.label_atom_id 
_atom_site.label_alt_id 
_atom_site.label_comp_id 
_atom_site.label_asym_id 
_atom_site.label_entity_id 
_atom_site.label_seq_id 
_atom_site.pdbx_PDB_ins_code 
_atom_site.Cartn_x 
_atom_site.Cartn_y 
_atom_site.Cartn_z 
_atom_site.occupancy 
_atom_site.B_iso_or_equiv 
_atom_site.pdbx_formal_charge 
_atom_site.auth_seq_id 
_atom_site.auth_comp_id 
_atom_site.auth_asym_id 
_atom_site.auth_atom_id 
_atom_site.pdbx_PDB_model_num 
ATOM   1    N N     . SER A 1 7   ? 12.898  23.288  -7.897  1.00 84.59  ? 5   SER A N     1 
ATOM   2    C CA    . SER A 1 7   ? 11.991  22.115  -8.055  1.00 85.56  ? 5   SER A CA    1 
ATOM   3    C C     . SER A 1 7   ? 10.764  22.237  -7.159  1.00 187.87 ? 5   SER A C     1 
ATOM   4    O O     . SER A 1 7   ? 10.866  22.678  -6.011  1.00 65.80  ? 5   SER A O     1 
ATOM   5    C CB    . SER A 1 7   ? 12.739  20.815  -7.753  1.00 84.86  ? 5   SER A CB    1 
ATOM   6    O OG    . SER A 1 7   ? 11.899  19.685  -7.927  1.00 75.71  ? 5   SER A OG    1 
ATOM   7    N N     . LEU A 1 8   ? 9.609   21.827  -7.686  1.00 73.82  ? 6   LEU A N     1 
ATOM   8    C CA    . LEU A 1 8   ? 8.337   21.915  -6.957  1.00 134.85 ? 6   LEU A CA    1 
ATOM   9    C C     . LEU A 1 8   ? 8.197   20.907  -5.802  1.00 222.73 ? 6   LEU A C     1 
ATOM   10   O O     . LEU A 1 8   ? 7.180   20.886  -5.110  1.00 45.70  ? 6   LEU A O     1 
ATOM   11   C CB    . LEU A 1 8   ? 7.141   21.828  -7.918  1.00 65.09  ? 6   LEU A CB    1 
ATOM   12   C CG    . LEU A 1 8   ? 6.832   23.084  -8.748  1.00 100.57 ? 6   LEU A CG    1 
ATOM   13   C CD1   . LEU A 1 8   ? 7.518   23.040  -10.106 1.00 66.73  ? 6   LEU A CD1   1 
ATOM   14   C CD2   . LEU A 1 8   ? 5.332   23.263  -8.923  1.00 87.41  ? 6   LEU A CD2   1 
ATOM   15   N N     . VAL A 1 9   ? 9.226   20.087  -5.591  1.00 66.61  ? 7   VAL A N     1 
ATOM   16   C CA    . VAL A 1 9   ? 9.315   19.216  -4.412  1.00 65.85  ? 7   VAL A CA    1 
ATOM   17   C C     . VAL A 1 9   ? 9.679   20.052  -3.166  1.00 53.22  ? 7   VAL A C     1 
ATOM   18   O O     . VAL A 1 9   ? 9.704   19.541  -2.042  1.00 138.56 ? 7   VAL A O     1 
ATOM   19   C CB    . VAL A 1 9   ? 10.324  18.061  -4.636  1.00 53.11  ? 7   VAL A CB    1 
ATOM   20   C CG1   . VAL A 1 9   ? 10.197  16.999  -3.556  1.00 62.98  ? 7   VAL A CG1   1 
ATOM   21   C CG2   . VAL A 1 9   ? 10.095  17.414  -5.991  1.00 68.41  ? 7   VAL A CG2   1 
ATOM   22   N N     . MET A 1 10  ? 9.938   21.341  -3.381  1.00 190.07 ? 8   MET A N     1 
ATOM   23   C CA    . MET A 1 10  ? 10.256  22.284  -2.305  1.00 108.36 ? 8   MET A CA    1 
ATOM   24   C C     . MET A 1 10  ? 9.041   23.102  -1.852  1.00 146.16 ? 8   MET A C     1 
ATOM   25   O O     . MET A 1 10  ? 9.163   23.978  -0.993  1.00 64.72  ? 8   MET A O     1 
ATOM   26   C CB    . MET A 1 10  ? 11.394  23.223  -2.729  1.00 107.69 ? 8   MET A CB    1 
ATOM   27   C CG    . MET A 1 10  ? 12.735  22.540  -2.962  1.00 80.21  ? 8   MET A CG    1 
ATOM   28   S SD    . MET A 1 10  ? 13.705  22.246  -1.467  1.00 112.65 ? 8   MET A SD    1 
ATOM   29   C CE    . MET A 1 10  ? 12.881  20.826  -0.741  1.00 63.11  ? 8   MET A CE    1 
ATOM   30   N N     . SER A 1 11  ? 7.876   22.801  -2.426  1.00 67.12  ? 9   SER A N     1 
ATOM   31   C CA    . SER A 1 11  ? 6.628   23.514  -2.126  1.00 79.34  ? 9   SER A CA    1 
ATOM   32   C C     . SER A 1 11  ? 6.223   23.441  -0.649  1.00 89.46  ? 9   SER A C     1 
ATOM   33   O O     . SER A 1 11  ? 5.528   24.333  -0.148  1.00 80.32  ? 9   SER A O     1 
ATOM   34   C CB    . SER A 1 11  ? 5.492   22.984  -3.004  1.00 52.98  ? 9   SER A CB    1 
ATOM   35   O OG    . SER A 1 11  ? 5.857   22.981  -4.372  1.00 53.24  ? 9   SER A OG    1 
ATOM   36   N N     . SER A 1 12  ? 6.653   22.369  0.021   1.00 69.01  ? 10  SER A N     1 
ATOM   37   C CA    A SER A 1 12  ? 6.405   22.173  1.449   0.50 53.59  ? 10  SER A CA    1 
ATOM   38   C CA    B SER A 1 12  ? 6.384   22.148  1.446   0.50 54.96  ? 10  SER A CA    1 
ATOM   39   C C     . SER A 1 12  ? 7.475   21.266  2.060   1.00 37.34  ? 10  SER A C     1 
ATOM   40   O O     . SER A 1 12  ? 7.945   20.328  1.409   1.00 39.22  ? 10  SER A O     1 
ATOM   41   C CB    A SER A 1 12  ? 5.009   21.593  1.681   0.50 62.16  ? 10  SER A CB    1 
ATOM   42   C CB    B SER A 1 12  ? 5.017   21.488  1.632   0.50 57.14  ? 10  SER A CB    1 
ATOM   43   O OG    A SER A 1 12  ? 4.859   20.336  1.048   0.50 57.88  ? 10  SER A OG    1 
ATOM   44   O OG    B SER A 1 12  ? 3.964   22.369  1.280   0.50 57.58  ? 10  SER A OG    1 
ATOM   45   N N     . PRO A 1 13  ? 7.881   21.548  3.326   1.00 41.15  ? 11  PRO A N     1 
ATOM   46   C CA    . PRO A 1 13  ? 8.973   20.756  3.926   1.00 38.66  ? 11  PRO A CA    1 
ATOM   47   C C     . PRO A 1 13  ? 8.708   19.248  4.062   1.00 52.05  ? 11  PRO A C     1 
ATOM   48   O O     . PRO A 1 13  ? 9.652   18.467  4.086   1.00 36.96  ? 11  PRO A O     1 
ATOM   49   C CB    . PRO A 1 13  ? 9.141   21.377  5.322   1.00 34.74  ? 11  PRO A CB    1 
ATOM   50   C CG    . PRO A 1 13  ? 8.535   22.733  5.223   1.00 41.17  ? 11  PRO A CG    1 
ATOM   51   C CD    . PRO A 1 13  ? 7.405   22.600  4.247   1.00 50.56  ? 11  PRO A CD    1 
ATOM   52   N N     . ALA A 1 14  ? 7.446   18.840  4.160   1.00 29.42  ? 12  ALA A N     1 
ATOM   53   C CA    . ALA A 1 14  ? 7.117   17.414  4.337   1.00 25.32  ? 12  ALA A CA    1 
ATOM   54   C C     . ALA A 1 14  ? 7.032   16.654  3.015   1.00 27.65  ? 12  ALA A C     1 
ATOM   55   O O     . ALA A 1 14  ? 7.096   15.424  2.998   1.00 25.43  ? 12  ALA A O     1 
ATOM   56   C CB    . ALA A 1 14  ? 5.817   17.259  5.111   1.00 36.77  ? 12  ALA A CB    1 
ATOM   57   N N     . LEU A 1 15  ? 6.895   17.395  1.917   1.00 20.60  ? 13  LEU A N     1 
ATOM   58   C CA    . LEU A 1 15  ? 6.644   16.801  0.605   1.00 22.56  ? 13  LEU A CA    1 
ATOM   59   C C     . LEU A 1 15  ? 7.696   15.778  0.136   1.00 21.80  ? 13  LEU A C     1 
ATOM   60   O O     . LEU A 1 15  ? 7.312   14.711  -0.341  1.00 24.97  ? 13  LEU A O     1 
ATOM   61   C CB    . LEU A 1 15  ? 6.408   17.888  -0.452  1.00 21.14  ? 13  LEU A CB    1 
ATOM   62   C CG    . LEU A 1 15  ? 5.933   17.441  -1.839  1.00 30.34  ? 13  LEU A CG    1 
ATOM   63   C CD1   . LEU A 1 15  ? 4.630   16.645  -1.746  1.00 25.15  ? 13  LEU A CD1   1 
ATOM   64   C CD2   . LEU A 1 15  ? 5.777   18.652  -2.752  1.00 37.14  ? 13  LEU A CD2   1 
ATOM   65   N N     . PRO A 1 16  ? 9.011   16.090  0.262   1.00 28.21  ? 14  PRO A N     1 
ATOM   66   C CA    . PRO A 1 16  ? 9.999   15.094  -0.195  1.00 24.75  ? 14  PRO A CA    1 
ATOM   67   C C     . PRO A 1 16  ? 9.893   13.758  0.543   1.00 23.14  ? 14  PRO A C     1 
ATOM   68   O O     . PRO A 1 16  ? 9.978   12.704  -0.094  1.00 24.25  ? 14  PRO A O     1 
ATOM   69   C CB    . PRO A 1 16  ? 11.357  15.767  0.087   1.00 25.07  ? 14  PRO A CB    1 
ATOM   70   C CG    . PRO A 1 16  ? 11.056  17.232  0.104   1.00 27.37  ? 14  PRO A CG    1 
ATOM   71   C CD    . PRO A 1 16  ? 9.659   17.364  0.652   1.00 28.42  ? 14  PRO A CD    1 
ATOM   72   N N     . ALA A 1 17  ? 9.701   13.804  1.863   1.00 18.96  ? 15  ALA A N     1 
ATOM   73   C CA    . ALA A 1 17  ? 9.513   12.588  2.647   1.00 28.23  ? 15  ALA A CA    1 
ATOM   74   C C     . ALA A 1 17  ? 8.250   11.831  2.196   1.00 27.54  ? 15  ALA A C     1 
ATOM   75   O O     . ALA A 1 17  ? 8.262   10.609  2.085   1.00 21.41  ? 15  ALA A O     1 
ATOM   76   C CB    . ALA A 1 17  ? 9.453   12.912  4.138   1.00 21.50  ? 15  ALA A CB    1 
ATOM   77   N N     . PHE A 1 18  ? 7.170   12.559  1.926   1.00 21.34  ? 16  PHE A N     1 
ATOM   78   C CA    . PHE A 1 18  ? 5.956   11.920  1.449   1.00 20.71  ? 16  PHE A CA    1 
ATOM   79   C C     . PHE A 1 18  ? 6.189   11.204  0.117   1.00 20.06  ? 16  PHE A C     1 
ATOM   80   O O     . PHE A 1 18  ? 5.785   10.054  -0.050  1.00 21.86  ? 16  PHE A O     1 
ATOM   81   C CB    . PHE A 1 18  ? 4.796   12.909  1.268   1.00 18.54  ? 16  PHE A CB    1 
ATOM   82   C CG    . PHE A 1 18  ? 3.656   12.325  0.455   1.00 19.57  ? 16  PHE A CG    1 
ATOM   83   C CD1   . PHE A 1 18  ? 2.841   11.331  0.999   1.00 21.85  ? 16  PHE A CD1   1 
ATOM   84   C CD2   . PHE A 1 18  ? 3.448   12.712  -0.873  1.00 20.94  ? 16  PHE A CD2   1 
ATOM   85   C CE1   . PHE A 1 18  ? 1.813   10.763  0.253   1.00 20.89  ? 16  PHE A CE1   1 
ATOM   86   C CE2   . PHE A 1 18  ? 2.418   12.142  -1.626  1.00 20.31  ? 16  PHE A CE2   1 
ATOM   87   C CZ    . PHE A 1 18  ? 1.599   11.174  -1.060  1.00 21.34  ? 16  PHE A CZ    1 
ATOM   88   N N     . LEU A 1 19  ? 6.819   11.903  -0.826  1.00 18.45  ? 17  LEU A N     1 
ATOM   89   C CA    . LEU A 1 19  ? 7.038   11.371  -2.169  1.00 21.78  ? 17  LEU A CA    1 
ATOM   90   C C     . LEU A 1 19  ? 7.985   10.182  -2.179  1.00 21.67  ? 17  LEU A C     1 
ATOM   91   O O     . LEU A 1 19  ? 7.841   9.280   -3.005  1.00 23.74  ? 17  LEU A O     1 
ATOM   92   C CB    . LEU A 1 19  ? 7.534   12.463  -3.124  1.00 21.74  ? 17  LEU A CB    1 
ATOM   93   C CG    . LEU A 1 19  ? 6.526   13.571  -3.442  1.00 20.94  ? 17  LEU A CG    1 
ATOM   94   C CD1   . LEU A 1 19  ? 7.184   14.683  -4.254  1.00 27.92  ? 17  LEU A CD1   1 
ATOM   95   C CD2   . LEU A 1 19  ? 5.329   12.998  -4.194  1.00 22.94  ? 17  LEU A CD2   1 
ATOM   96   N N     . LEU A 1 20  ? 8.948   10.180  -1.260  1.00 23.92  ? 18  LEU A N     1 
ATOM   97   C CA    . LEU A 1 20  ? 9.843   9.039   -1.113  1.00 22.05  ? 18  LEU A CA    1 
ATOM   98   C C     . LEU A 1 20  ? 9.091   7.806   -0.619  1.00 24.10  ? 18  LEU A C     1 
ATOM   99   O O     . LEU A 1 20  ? 9.224   6.733   -1.199  1.00 22.96  ? 18  LEU A O     1 
ATOM   100  C CB    . LEU A 1 20  ? 11.010  9.353   -0.163  1.00 23.41  ? 18  LEU A CB    1 
ATOM   101  C CG    . LEU A 1 20  ? 12.008  8.201   0.031   1.00 39.95  ? 18  LEU A CG    1 
ATOM   102  C CD1   . LEU A 1 20  ? 13.067  8.236   -1.058  1.00 37.26  ? 18  LEU A CD1   1 
ATOM   103  C CD2   . LEU A 1 20  ? 12.658  8.256   1.403   1.00 48.72  ? 18  LEU A CD2   1 
ATOM   104  N N     . CYS A 1 21  ? 8.307   7.965   0.447   1.00 20.73  ? 19  CYS A N     1 
ATOM   105  C CA    . CYS A 1 21  ? 7.580   6.846   1.048   1.00 19.14  ? 19  CYS A CA    1 
ATOM   106  C C     . CYS A 1 21  ? 6.477   6.323   0.122   1.00 24.38  ? 19  CYS A C     1 
ATOM   107  O O     . CYS A 1 21  ? 6.324   5.114   -0.040  1.00 22.53  ? 19  CYS A O     1 
ATOM   108  C CB    . CYS A 1 21  ? 6.987   7.242   2.401   1.00 22.70  ? 19  CYS A CB    1 
ATOM   109  S SG    . CYS A 1 21  ? 8.231   7.565   3.681   1.00 35.95  ? 19  CYS A SG    1 
ATOM   110  N N     . SER A 1 22  ? 5.727   7.235   -0.493  1.00 22.55  ? 20  SER A N     1 
ATOM   111  C CA    . SER A 1 22  ? 4.662   6.848   -1.425  1.00 29.28  ? 20  SER A CA    1 
ATOM   112  C C     . SER A 1 22  ? 5.219   6.109   -2.626  1.00 25.05  ? 20  SER A C     1 
ATOM   113  O O     . SER A 1 22  ? 4.663   5.103   -3.052  1.00 20.94  ? 20  SER A O     1 
ATOM   114  C CB    A SER A 1 22  ? 3.838   8.070   -1.858  0.65 21.13  ? 20  SER A CB    1 
ATOM   115  C CB    B SER A 1 22  ? 3.922   8.080   -1.933  0.35 22.36  ? 20  SER A CB    1 
ATOM   116  O OG    A SER A 1 22  ? 4.650   9.063   -2.459  0.65 19.35  ? 20  SER A OG    1 
ATOM   117  O OG    B SER A 1 22  ? 3.440   8.843   -0.860  0.35 15.12  ? 20  SER A OG    1 
ATOM   118  N N     . THR A 1 23  ? 6.318   6.612   -3.180  1.00 20.13  ? 21  THR A N     1 
ATOM   119  C CA    . THR A 1 23  ? 6.873   6.005   -4.387  1.00 21.95  ? 21  THR A CA    1 
ATOM   120  C C     . THR A 1 23  ? 7.443   4.624   -4.089  1.00 22.24  ? 21  THR A C     1 
ATOM   121  O O     . THR A 1 23  ? 7.259   3.694   -4.880  1.00 20.53  ? 21  THR A O     1 
ATOM   122  C CB    . THR A 1 23  ? 7.878   6.937   -5.088  1.00 24.68  ? 21  THR A CB    1 
ATOM   123  O OG1   . THR A 1 23  ? 7.211   8.165   -5.400  1.00 31.88  ? 21  THR A OG1   1 
ATOM   124  C CG2   . THR A 1 23  ? 8.380   6.329   -6.376  1.00 21.22  ? 21  THR A CG2   1 
ATOM   125  N N     . LEU A 1 24  ? 8.100   4.484   -2.937  1.00 21.18  ? 22  LEU A N     1 
ATOM   126  C CA    . LEU A 1 24  ? 8.547   3.168   -2.484  1.00 23.86  ? 22  LEU A CA    1 
ATOM   127  C C     . LEU A 1 24  ? 7.385   2.170   -2.345  1.00 25.24  ? 22  LEU A C     1 
ATOM   128  O O     . LEU A 1 24  ? 7.521   1.001   -2.709  1.00 19.23  ? 22  LEU A O     1 
ATOM   129  C CB    . LEU A 1 24  ? 9.326   3.268   -1.170  1.00 18.11  ? 22  LEU A CB    1 
ATOM   130  C CG    . LEU A 1 24  ? 10.739  3.873   -1.271  1.00 25.20  ? 22  LEU A CG    1 
ATOM   131  C CD1   . LEU A 1 24  ? 11.313  4.098   0.121   1.00 25.37  ? 22  LEU A CD1   1 
ATOM   132  C CD2   . LEU A 1 24  ? 11.659  3.000   -2.114  1.00 24.36  ? 22  LEU A CD2   1 
ATOM   133  N N     . LEU A 1 25  ? 6.249   2.632   -1.831  1.00 18.62  ? 23  LEU A N     1 
ATOM   134  C CA    . LEU A 1 25  ? 5.083   1.751   -1.676  1.00 19.49  ? 23  LEU A CA    1 
ATOM   135  C C     . LEU A 1 25  ? 4.434   1.371   -2.999  1.00 20.04  ? 23  LEU A C     1 
ATOM   136  O O     . LEU A 1 25  ? 3.922   0.277   -3.130  1.00 18.50  ? 23  LEU A O     1 
ATOM   137  C CB    . LEU A 1 25  ? 4.044   2.368   -0.739  1.00 18.06  ? 23  LEU A CB    1 
ATOM   138  C CG    . LEU A 1 25  ? 4.502   2.336   0.730   1.00 24.11  ? 23  LEU A CG    1 
ATOM   139  C CD1   . LEU A 1 25  ? 3.609   3.228   1.567   1.00 31.82  ? 23  LEU A CD1   1 
ATOM   140  C CD2   . LEU A 1 25  ? 4.559   0.924   1.299   1.00 24.87  ? 23  LEU A CD2   1 
ATOM   141  N N     . VAL A 1 26  ? 4.454   2.275   -3.974  1.00 20.53  ? 24  VAL A N     1 
ATOM   142  C CA    . VAL A 1 26  ? 3.977   1.933   -5.310  1.00 22.26  ? 24  VAL A CA    1 
ATOM   143  C C     . VAL A 1 26  ? 4.890   0.858   -5.930  1.00 17.28  ? 24  VAL A C     1 
ATOM   144  O O     . VAL A 1 26  ? 4.413   -0.115  -6.519  1.00 17.91  ? 24  VAL A O     1 
ATOM   145  C CB    . VAL A 1 26  ? 3.886   3.184   -6.227  1.00 21.72  ? 24  VAL A CB    1 
ATOM   146  C CG1   . VAL A 1 26  ? 3.592   2.784   -7.666  1.00 23.62  ? 24  VAL A CG1   1 
ATOM   147  C CG2   . VAL A 1 26  ? 2.827   4.150   -5.716  1.00 19.16  ? 24  VAL A CG2   1 
ATOM   148  N N     . ILE A 1 27  ? 6.200   1.037   -5.793  1.00 19.46  ? 25  ILE A N     1 
ATOM   149  C CA    . ILE A 1 27  ? 7.160   0.044   -6.259  1.00 21.70  ? 25  ILE A CA    1 
ATOM   150  C C     . ILE A 1 27  ? 6.936   -1.292  -5.532  1.00 22.51  ? 25  ILE A C     1 
ATOM   151  O O     . ILE A 1 27  ? 7.000   -2.351  -6.150  1.00 21.44  ? 25  ILE A O     1 
ATOM   152  C CB    . ILE A 1 27  ? 8.626   0.546   -6.101  1.00 20.06  ? 25  ILE A CB    1 
ATOM   153  C CG1   . ILE A 1 27  ? 8.904   1.692   -7.088  1.00 23.62  ? 25  ILE A CG1   1 
ATOM   154  C CG2   . ILE A 1 27  ? 9.631   -0.585  -6.333  1.00 22.37  ? 25  ILE A CG2   1 
ATOM   155  C CD1   . ILE A 1 27  ? 10.144  2.504   -6.747  1.00 24.76  ? 25  ILE A CD1   1 
ATOM   156  N N     . LYS A 1 28  ? 6.647   -1.226  -4.233  1.00 16.85  ? 26  LYS A N     1 
ATOM   157  C CA    . LYS A 1 28  ? 6.330   -2.433  -3.451  1.00 23.94  ? 26  LYS A CA    1 
ATOM   158  C C     . LYS A 1 28  ? 5.088   -3.160  -3.989  1.00 25.36  ? 26  LYS A C     1 
ATOM   159  O O     . LYS A 1 28  ? 5.041   -4.384  -3.983  1.00 23.52  ? 26  LYS A O     1 
ATOM   160  C CB    . LYS A 1 28  ? 6.148   -2.108  -1.969  1.00 17.20  ? 26  LYS A CB    1 
ATOM   161  C CG    . LYS A 1 28  ? 6.015   -3.349  -1.078  1.00 20.07  ? 26  LYS A CG    1 
ATOM   162  C CD    . LYS A 1 28  ? 5.065   -3.097  0.095   1.00 21.39  ? 26  LYS A CD    1 
ATOM   163  C CE    . LYS A 1 28  ? 3.618   -2.954  -0.380  1.00 26.80  ? 26  LYS A CE    1 
ATOM   164  N NZ    . LYS A 1 28  ? 3.091   -4.236  -0.934  1.00 21.77  ? 26  LYS A NZ    1 
ATOM   165  N N     . MET A 1 29  ? 4.094   -2.412  -4.456  1.00 17.74  ? 27  MET A N     1 
ATOM   166  C CA    . MET A 1 29  ? 2.912   -3.039  -5.093  1.00 17.09  ? 27  MET A CA    1 
ATOM   167  C C     . MET A 1 29  ? 3.249   -3.681  -6.432  1.00 20.27  ? 27  MET A C     1 
ATOM   168  O O     . MET A 1 29  ? 2.747   -4.761  -6.730  1.00 19.68  ? 27  MET A O     1 
ATOM   169  C CB    . MET A 1 29  ? 1.761   -2.035  -5.253  1.00 19.31  ? 27  MET A CB    1 
ATOM   170  C CG    . MET A 1 29  ? 1.169   -1.577  -3.928  1.00 20.20  ? 27  MET A CG    1 
ATOM   171  S SD    . MET A 1 29  ? -0.167  -0.366  -4.118  1.00 25.32  ? 27  MET A SD    1 
ATOM   172  C CE    . MET A 1 29  ? -1.407  -1.370  -4.926  1.00 22.75  ? 27  MET A CE    1 
ATOM   173  N N     . TYR A 1 30  ? 4.094   -3.018  -7.233  1.00 19.40  ? 28  TYR A N     1 
ATOM   174  C CA    . TYR A 1 30  ? 4.595   -3.604  -8.482  1.00 19.90  ? 28  TYR A CA    1 
ATOM   175  C C     . TYR A 1 30  ? 5.327   -4.925  -8.229  1.00 20.01  ? 28  TYR A C     1 
ATOM   176  O O     . TYR A 1 30  ? 5.199   -5.867  -9.010  1.00 24.30  ? 28  TYR A O     1 
ATOM   177  C CB    . TYR A 1 30  ? 5.519   -2.630  -9.248  1.00 23.82  ? 28  TYR A CB    1 
ATOM   178  C CG    . TYR A 1 30  ? 4.831   -1.385  -9.805  1.00 25.03  ? 28  TYR A CG    1 
ATOM   179  C CD1   . TYR A 1 30  ? 3.443   -1.350  -10.012 1.00 27.64  ? 28  TYR A CD1   1 
ATOM   180  C CD2   . TYR A 1 30  ? 5.575   -0.258  -10.154 1.00 26.31  ? 28  TYR A CD2   1 
ATOM   181  C CE1   . TYR A 1 30  ? 2.821   -0.214  -10.526 1.00 26.77  ? 28  TYR A CE1   1 
ATOM   182  C CE2   . TYR A 1 30  ? 4.967   0.879   -10.673 1.00 25.20  ? 28  TYR A CE2   1 
ATOM   183  C CZ    . TYR A 1 30  ? 3.590   0.893   -10.864 1.00 24.16  ? 28  TYR A CZ    1 
ATOM   184  O OH    . TYR A 1 30  ? 2.996   2.024   -11.386 1.00 24.74  ? 28  TYR A OH    1 
ATOM   185  N N     . VAL A 1 31  ? 6.094   -4.978  -7.142  1.00 21.66  ? 29  VAL A N     1 
ATOM   186  C CA    . VAL A 1 31  ? 6.788   -6.207  -6.728  1.00 23.02  ? 29  VAL A CA    1 
ATOM   187  C C     . VAL A 1 31  ? 5.794   -7.324  -6.399  1.00 25.69  ? 29  VAL A C     1 
ATOM   188  O O     . VAL A 1 31  ? 5.993   -8.473  -6.793  1.00 22.50  ? 29  VAL A O     1 
ATOM   189  C CB    . VAL A 1 31  ? 7.753   -5.950  -5.544  1.00 26.09  ? 29  VAL A CB    1 
ATOM   190  C CG1   . VAL A 1 31  ? 8.303   -7.260  -4.977  1.00 25.84  ? 29  VAL A CG1   1 
ATOM   191  C CG2   . VAL A 1 31  ? 8.893   -5.048  -6.000  1.00 25.12  ? 29  VAL A CG2   1 
ATOM   192  N N     . VAL A 1 32  ? 4.712   -6.981  -5.701  1.00 18.32  ? 30  VAL A N     1 
ATOM   193  C CA    . VAL A 1 32  ? 3.656   -7.952  -5.424  1.00 18.36  ? 30  VAL A CA    1 
ATOM   194  C C     . VAL A 1 32  ? 3.022   -8.473  -6.733  1.00 18.25  ? 30  VAL A C     1 
ATOM   195  O O     . VAL A 1 32  ? 2.767   -9.672  -6.862  1.00 21.62  ? 30  VAL A O     1 
ATOM   196  C CB    . VAL A 1 32  ? 2.598   -7.375  -4.464  1.00 19.02  ? 30  VAL A CB    1 
ATOM   197  C CG1   . VAL A 1 32  ? 1.383   -8.292  -4.363  1.00 18.52  ? 30  VAL A CG1   1 
ATOM   198  C CG2   . VAL A 1 32  ? 3.225   -7.149  -3.090  1.00 20.60  ? 30  VAL A CG2   1 
ATOM   199  N N     . ALA A 1 33  ? 2.790   -7.579  -7.697  1.00 21.82  ? 31  ALA A N     1 
ATOM   200  C CA    . ALA A 1 33  ? 2.280   -7.992  -9.025  1.00 20.21  ? 31  ALA A CA    1 
ATOM   201  C C     . ALA A 1 33  ? 3.219   -8.974  -9.714  1.00 19.71  ? 31  ALA A C     1 
ATOM   202  O O     . ALA A 1 33  ? 2.770   -9.954  -10.297 1.00 19.92  ? 31  ALA A O     1 
ATOM   203  C CB    . ALA A 1 33  ? 2.039   -6.779  -9.924  1.00 18.58  ? 31  ALA A CB    1 
ATOM   204  N N     . ILE A 1 34  ? 4.518   -8.690  -9.655  1.00 18.86  ? 32  ILE A N     1 
ATOM   205  C CA    . ILE A 1 34  ? 5.534   -9.535  -10.281 1.00 25.57  ? 32  ILE A CA    1 
ATOM   206  C C     . ILE A 1 34  ? 5.582   -10.905 -9.598  1.00 22.96  ? 32  ILE A C     1 
ATOM   207  O O     . ILE A 1 34  ? 5.564   -11.943 -10.273 1.00 23.93  ? 32  ILE A O     1 
ATOM   208  C CB    . ILE A 1 34  ? 6.921   -8.846  -10.299 1.00 29.71  ? 32  ILE A CB    1 
ATOM   209  C CG1   . ILE A 1 34  ? 6.910   -7.659  -11.282 1.00 29.05  ? 32  ILE A CG1   1 
ATOM   210  C CG2   . ILE A 1 34  ? 8.031   -9.841  -10.657 1.00 29.42  ? 32  ILE A CG2   1 
ATOM   211  C CD1   . ILE A 1 34  ? 8.116   -6.742  -11.166 1.00 32.58  ? 32  ILE A CD1   1 
ATOM   212  N N     . ILE A 1 35  ? 5.622   -10.902 -8.264  1.00 20.93  ? 33  ILE A N     1 
ATOM   213  C CA    . ILE A 1 35  ? 5.517   -12.142 -7.482  1.00 18.74  ? 33  ILE A CA    1 
ATOM   214  C C     . ILE A 1 35  ? 4.274   -12.956 -7.864  1.00 24.80  ? 33  ILE A C     1 
ATOM   215  O O     . ILE A 1 35  ? 4.368   -14.164 -8.087  1.00 25.42  ? 33  ILE A O     1 
ATOM   216  C CB    . ILE A 1 35  ? 5.548   -11.877 -5.958  1.00 21.04  ? 33  ILE A CB    1 
ATOM   217  C CG1   . ILE A 1 35  ? 6.934   -11.344 -5.547  1.00 24.90  ? 33  ILE A CG1   1 
ATOM   218  C CG2   . ILE A 1 35  ? 5.197   -13.146 -5.176  1.00 22.28  ? 33  ILE A CG2   1 
ATOM   219  C CD1   . ILE A 1 35  ? 7.010   -10.810 -4.126  1.00 24.44  ? 33  ILE A CD1   1 
ATOM   220  N N     . THR A 1 36  ? 3.123   -12.292 -7.955  1.00 19.51  ? 34  THR A N     1 
ATOM   221  C CA    . THR A 1 36  ? 1.867   -12.973 -8.302  1.00 14.90  ? 34  THR A CA    1 
ATOM   222  C C     . THR A 1 36  ? 2.043   -13.700 -9.644  1.00 22.07  ? 34  THR A C     1 
ATOM   223  O O     . THR A 1 36  ? 1.737   -14.887 -9.752  1.00 23.51  ? 34  THR A O     1 
ATOM   224  C CB    . THR A 1 36  ? 0.674   -11.986 -8.380  1.00 20.94  ? 34  THR A CB    1 
ATOM   225  O OG1   . THR A 1 36  ? 0.554   -11.268 -7.141  1.00 21.74  ? 34  THR A OG1   1 
ATOM   226  C CG2   . THR A 1 36  ? -0.639  -12.724 -8.670  1.00 21.83  ? 34  THR A CG2   1 
ATOM   227  N N     . GLY A 1 37  ? 2.567   -12.989 -10.646 1.00 21.64  ? 35  GLY A N     1 
ATOM   228  C CA    . GLY A 1 37  ? 2.817   -13.584 -11.971 1.00 21.48  ? 35  GLY A CA    1 
ATOM   229  C C     . GLY A 1 37  ? 3.753   -14.784 -11.923 1.00 21.42  ? 35  GLY A C     1 
ATOM   230  O O     . GLY A 1 37  ? 3.535   -15.794 -12.602 1.00 22.79  ? 35  GLY A O     1 
ATOM   231  N N     . GLN A 1 38  ? 4.813   -14.670 -11.130 1.00 20.69  ? 36  GLN A N     1 
ATOM   232  C CA    . GLN A 1 38  ? 5.760   -15.768 -10.955 1.00 25.59  ? 36  GLN A CA    1 
ATOM   233  C C     . GLN A 1 38  ? 5.114   -16.985 -10.304 1.00 32.87  ? 36  GLN A C     1 
ATOM   234  O O     . GLN A 1 38  ? 5.389   -18.122 -10.694 1.00 25.19  ? 36  GLN A O     1 
ATOM   235  C CB    . GLN A 1 38  ? 6.978   -15.306 -10.148 1.00 25.84  ? 36  GLN A CB    1 
ATOM   236  C CG    . GLN A 1 38  ? 7.887   -14.390 -10.952 1.00 29.31  ? 36  GLN A CG    1 
ATOM   237  C CD    . GLN A 1 38  ? 8.436   -15.093 -12.182 1.00 51.10  ? 36  GLN A CD    1 
ATOM   238  O OE1   . GLN A 1 38  ? 9.094   -16.127 -12.069 1.00 45.17  ? 36  GLN A OE1   1 
ATOM   239  N NE2   . GLN A 1 38  ? 8.151   -14.547 -13.363 1.00 32.87  ? 36  GLN A NE2   1 
ATOM   240  N N     . VAL A 1 39  ? 4.260   -16.743 -9.313  1.00 23.50  ? 37  VAL A N     1 
ATOM   241  C CA    . VAL A 1 39  ? 3.532   -17.821 -8.650  1.00 27.62  ? 37  VAL A CA    1 
ATOM   242  C C     . VAL A 1 39  ? 2.585   -18.530 -9.641  1.00 29.87  ? 37  VAL A C     1 
ATOM   243  O O     . VAL A 1 39  ? 2.539   -19.762 -9.686  1.00 26.30  ? 37  VAL A O     1 
ATOM   244  C CB    . VAL A 1 39  ? 2.813   -17.325 -7.367  1.00 20.12  ? 37  VAL A CB    1 
ATOM   245  C CG1   . VAL A 1 39  ? 1.951   -18.423 -6.759  1.00 23.28  ? 37  VAL A CG1   1 
ATOM   246  C CG2   . VAL A 1 39  ? 3.846   -16.876 -6.332  1.00 25.58  ? 37  VAL A CG2   1 
ATOM   247  N N     . ARG A 1 40  ? 1.870   -17.753 -10.455 1.00 20.28  ? 38  ARG A N     1 
ATOM   248  C CA    . ARG A 1 40  ? 0.990   -18.318 -11.491 1.00 20.10  ? 38  ARG A CA    1 
ATOM   249  C C     . ARG A 1 40  ? 1.767   -19.229 -12.449 1.00 25.38  ? 38  ARG A C     1 
ATOM   250  O O     . ARG A 1 40  ? 1.322   -20.323 -12.752 1.00 24.76  ? 38  ARG A O     1 
ATOM   251  C CB    . ARG A 1 40  ? 0.299   -17.213 -12.295 1.00 20.28  ? 38  ARG A CB    1 
ATOM   252  C CG    . ARG A 1 40  ? -0.780  -16.446 -11.538 1.00 20.69  ? 38  ARG A CG    1 
ATOM   253  C CD    . ARG A 1 40  ? -1.603  -15.605 -12.512 1.00 24.35  ? 38  ARG A CD    1 
ATOM   254  N NE    . ARG A 1 40  ? -2.722  -14.922 -11.863 1.00 21.27  ? 38  ARG A NE    1 
ATOM   255  C CZ    . ARG A 1 40  ? -3.877  -15.495 -11.532 1.00 21.78  ? 38  ARG A CZ    1 
ATOM   256  N NH1   . ARG A 1 40  ? -4.092  -16.790 -11.765 1.00 22.71  ? 38  ARG A NH1   1 
ATOM   257  N NH2   . ARG A 1 40  ? -4.823  -14.767 -10.956 1.00 24.17  ? 38  ARG A NH2   1 
ATOM   258  N N     . LEU A 1 41  ? 2.927   -18.766 -12.906 1.00 26.39  ? 39  LEU A N     1 
ATOM   259  C CA    . LEU A 1 41  ? 3.753   -19.520 -13.853 1.00 33.24  ? 39  LEU A CA    1 
ATOM   260  C C     . LEU A 1 41  ? 4.336   -20.786 -13.232 1.00 33.37  ? 39  LEU A C     1 
ATOM   261  O O     . LEU A 1 41  ? 4.270   -21.863 -13.826 1.00 29.92  ? 39  LEU A O     1 
ATOM   262  C CB    . LEU A 1 41  ? 4.880   -18.641 -14.412 1.00 31.49  ? 39  LEU A CB    1 
ATOM   263  C CG    . LEU A 1 41  ? 4.464   -17.576 -15.431 1.00 36.02  ? 39  LEU A CG    1 
ATOM   264  C CD1   . LEU A 1 41  ? 5.537   -16.506 -15.576 1.00 33.43  ? 39  LEU A CD1   1 
ATOM   265  C CD2   . LEU A 1 41  ? 4.139   -18.224 -16.773 1.00 29.90  ? 39  LEU A CD2   1 
ATOM   266  N N     . ARG A 1 42  ? 4.887   -20.649 -12.032 1.00 29.63  ? 40  ARG A N     1 
ATOM   267  C CA    . ARG A 1 42  ? 5.507   -21.770 -11.327 1.00 39.22  ? 40  ARG A CA    1 
ATOM   268  C C     . ARG A 1 42  ? 4.520   -22.819 -10.813 1.00 44.76  ? 40  ARG A C     1 
ATOM   269  O O     . ARG A 1 42  ? 4.816   -24.016 -10.851 1.00 35.58  ? 40  ARG A O     1 
ATOM   270  C CB    . ARG A 1 42  ? 6.412   -21.270 -10.197 1.00 37.19  ? 40  ARG A CB    1 
ATOM   271  C CG    . ARG A 1 42  ? 7.873   -21.139 -10.605 1.00 80.23  ? 40  ARG A CG    1 
ATOM   272  C CD    . ARG A 1 42  ? 8.158   -19.843 -11.348 1.00 64.77  ? 40  ARG A CD    1 
ATOM   273  N NE    . ARG A 1 42  ? 8.849   -18.869 -10.504 1.00 71.80  ? 40  ARG A NE    1 
ATOM   274  C CZ    . ARG A 1 42  ? 10.169  -18.692 -10.482 1.00 153.91 ? 40  ARG A CZ    1 
ATOM   275  N NH1   . ARG A 1 42  ? 10.962  -19.421 -11.259 1.00 113.62 ? 40  ARG A NH1   1 
ATOM   276  N NH2   . ARG A 1 42  ? 10.701  -17.779 -9.680  1.00 84.58  ? 40  ARG A NH2   1 
ATOM   277  N N     . LYS A 1 43  ? 3.357   -22.382 -10.338 1.00 27.43  ? 41  LYS A N     1 
ATOM   278  C CA    . LYS A 1 43  ? 2.326   -23.315 -9.877  1.00 24.79  ? 41  LYS A CA    1 
ATOM   279  C C     . LYS A 1 43  ? 1.371   -23.713 -11.009 1.00 26.52  ? 41  LYS A C     1 
ATOM   280  O O     . LYS A 1 43  ? 0.478   -24.533 -10.803 1.00 30.86  ? 41  LYS A O     1 
ATOM   281  C CB    . LYS A 1 43  ? 1.516   -22.738 -8.702  1.00 31.41  ? 41  LYS A CB    1 
ATOM   282  C CG    . LYS A 1 43  ? 2.304   -22.356 -7.446  1.00 40.78  ? 41  LYS A CG    1 
ATOM   283  C CD    . LYS A 1 43  ? 2.735   -23.545 -6.596  1.00 55.41  ? 41  LYS A CD    1 
ATOM   284  C CE    . LYS A 1 43  ? 1.581   -24.213 -5.861  1.00 53.76  ? 41  LYS A CE    1 
ATOM   285  N NZ    . LYS A 1 43  ? 1.021   -23.392 -4.749  1.00 49.99  ? 41  LYS A NZ    1 
ATOM   286  N N     . LYS A 1 44  ? 1.546   -23.109 -12.186 1.00 22.06  ? 42  LYS A N     1 
ATOM   287  C CA    . LYS A 1 44  ? 0.644   -23.323 -13.334 1.00 23.37  ? 42  LYS A CA    1 
ATOM   288  C C     . LYS A 1 44  ? -0.817  -23.164 -12.946 1.00 24.17  ? 42  LYS A C     1 
ATOM   289  O O     . LYS A 1 44  ? -1.629  -24.098 -13.057 1.00 23.88  ? 42  LYS A O     1 
ATOM   290  C CB    . LYS A 1 44  ? 0.918   -24.668 -14.025 1.00 33.54  ? 42  LYS A CB    1 
ATOM   291  C CG    . LYS A 1 44  ? 2.376   -24.843 -14.443 1.00 32.05  ? 42  LYS A CG    1 
ATOM   292  C CD    . LYS A 1 44  ? 2.611   -26.171 -15.151 1.00 41.82  ? 42  LYS A CD    1 
ATOM   293  C CE    . LYS A 1 44  ? 2.517   -26.024 -16.659 1.00 50.98  ? 42  LYS A CE    1 
ATOM   294  N NZ    . LYS A 1 44  ? 3.539   -25.092 -17.225 1.00 40.19  ? 42  LYS A NZ    1 
ATOM   295  N N     . ALA A 1 45  ? -1.142  -21.962 -12.471 1.00 27.22  ? 43  ALA A N     1 
ATOM   296  C CA    . ALA A 1 45  ? -2.508  -21.628 -12.103 1.00 24.18  ? 43  ALA A CA    1 
ATOM   297  C C     . ALA A 1 45  ? -2.885  -20.284 -12.723 1.00 22.87  ? 43  ALA A C     1 
ATOM   298  O O     . ALA A 1 45  ? -2.530  -19.215 -12.214 1.00 22.36  ? 43  ALA A O     1 
ATOM   299  C CB    . ALA A 1 45  ? -2.663  -21.603 -10.590 1.00 22.79  ? 43  ALA A CB    1 
ATOM   300  N N     . PHE A 1 46  ? -3.596  -20.356 -13.839 1.00 20.51  ? 44  PHE A N     1 
ATOM   301  C CA    . PHE A 1 46  ? -3.912  -19.181 -14.626 1.00 21.66  ? 44  PHE A CA    1 
ATOM   302  C C     . PHE A 1 46  ? -5.387  -18.872 -14.514 1.00 20.61  ? 44  PHE A C     1 
ATOM   303  O O     . PHE A 1 46  ? -6.208  -19.771 -14.325 1.00 26.64  ? 44  PHE A O     1 
ATOM   304  C CB    . PHE A 1 46  ? -3.500  -19.391 -16.089 1.00 19.70  ? 44  PHE A CB    1 
ATOM   305  C CG    . PHE A 1 46  ? -2.050  -19.741 -16.252 1.00 24.35  ? 44  PHE A CG    1 
ATOM   306  C CD1   . PHE A 1 46  ? -1.078  -18.740 -16.269 1.00 23.81  ? 44  PHE A CD1   1 
ATOM   307  C CD2   . PHE A 1 46  ? -1.647  -21.073 -16.347 1.00 25.40  ? 44  PHE A CD2   1 
ATOM   308  C CE1   . PHE A 1 46  ? 0.268   -19.056 -16.397 1.00 32.84  ? 44  PHE A CE1   1 
ATOM   309  C CE2   . PHE A 1 46  ? -0.303  -21.397 -16.474 1.00 22.34  ? 44  PHE A CE2   1 
ATOM   310  C CZ    . PHE A 1 46  ? 0.656   -20.388 -16.494 1.00 25.53  ? 44  PHE A CZ    1 
ATOM   311  N N     . ALA A 1 47  ? -5.715  -17.587 -14.632 1.00 25.91  ? 45  ALA A N     1 
ATOM   312  C CA    . ALA A 1 47  ? -7.090  -17.136 -14.503 1.00 30.99  ? 45  ALA A CA    1 
ATOM   313  C C     . ALA A 1 47  ? -7.833  -17.241 -15.835 1.00 28.70  ? 45  ALA A C     1 
ATOM   314  O O     . ALA A 1 47  ? -9.059  -17.292 -15.860 1.00 29.11  ? 45  ALA A O     1 
ATOM   315  C CB    . ALA A 1 47  ? -7.122  -15.705 -13.977 1.00 27.19  ? 45  ALA A CB    1 
ATOM   316  N N     . ASN A 1 48  ? -7.084  -17.277 -16.937 1.00 20.71  ? 46  ASN A N     1 
ATOM   317  C CA    . ASN A 1 48  ? -7.683  -17.242 -18.272 1.00 20.26  ? 46  ASN A CA    1 
ATOM   318  C C     . ASN A 1 48  ? -7.329  -18.470 -19.099 1.00 21.57  ? 46  ASN A C     1 
ATOM   319  O O     . ASN A 1 48  ? -6.183  -18.904 -19.082 1.00 20.27  ? 46  ASN A O     1 
ATOM   320  C CB    . ASN A 1 48  ? -7.228  -15.983 -19.013 1.00 19.24  ? 46  ASN A CB    1 
ATOM   321  C CG    . ASN A 1 48  ? -7.530  -14.724 -18.238 1.00 25.90  ? 46  ASN A CG    1 
ATOM   322  O OD1   . ASN A 1 48  ? -8.694  -14.357 -18.078 1.00 24.72  ? 46  ASN A OD1   1 
ATOM   323  N ND2   . ASN A 1 48  ? -6.488  -14.072 -17.723 1.00 21.30  ? 46  ASN A ND2   1 
ATOM   324  N N     . PRO A 1 49  ? -8.307  -19.020 -19.834 1.00 25.68  ? 47  PRO A N     1 
ATOM   325  C CA    . PRO A 1 49  ? -8.021  -20.167 -20.709 1.00 25.42  ? 47  PRO A CA    1 
ATOM   326  C C     . PRO A 1 49  ? -6.913  -19.878 -21.713 1.00 23.26  ? 47  PRO A C     1 
ATOM   327  O O     . PRO A 1 49  ? -6.053  -20.740 -21.927 1.00 27.18  ? 47  PRO A O     1 
ATOM   328  C CB    . PRO A 1 49  ? -9.354  -20.414 -21.422 1.00 25.18  ? 47  PRO A CB    1 
ATOM   329  C CG    . PRO A 1 49  ? -10.387 -19.853 -20.495 1.00 37.71  ? 47  PRO A CG    1 
ATOM   330  C CD    . PRO A 1 49  ? -9.744  -18.672 -19.827 1.00 26.28  ? 47  PRO A CD    1 
ATOM   331  N N     . GLU A 1 50  ? -6.903  -18.678 -22.304 1.00 21.36  ? 48  GLU A N     1 
ATOM   332  C CA    . GLU A 1 50  ? -5.841  -18.312 -23.251 1.00 22.67  ? 48  GLU A CA    1 
ATOM   333  C C     . GLU A 1 50  ? -4.434  -18.413 -22.648 1.00 29.63  ? 48  GLU A C     1 
ATOM   334  O O     . GLU A 1 50  ? -3.508  -18.846 -23.325 1.00 25.07  ? 48  GLU A O     1 
ATOM   335  C CB    . GLU A 1 50  ? -6.074  -16.937 -23.914 1.00 22.55  ? 48  GLU A CB    1 
ATOM   336  C CG    . GLU A 1 50  ? -6.075  -15.722 -22.975 1.00 29.96  ? 48  GLU A CG    1 
ATOM   337  C CD    . GLU A 1 50  ? -7.462  -15.354 -22.443 1.00 32.48  ? 48  GLU A CD    1 
ATOM   338  O OE1   . GLU A 1 50  ? -8.320  -16.252 -22.270 1.00 25.94  ? 48  GLU A OE1   1 
ATOM   339  O OE2   . GLU A 1 50  ? -7.688  -14.151 -22.168 1.00 29.56  ? 48  GLU A OE2   1 
ATOM   340  N N     . ASP A 1 51  ? -4.280  -18.040 -21.375 1.00 20.09  ? 49  ASP A N     1 
ATOM   341  C CA    . ASP A 1 51  ? -2.983  -18.163 -20.697 1.00 18.25  ? 49  ASP A CA    1 
ATOM   342  C C     . ASP A 1 51  ? -2.653  -19.652 -20.476 1.00 18.58  ? 49  ASP A C     1 
ATOM   343  O O     . ASP A 1 51  ? -1.531  -20.092 -20.751 1.00 24.46  ? 49  ASP A O     1 
ATOM   344  C CB    . ASP A 1 51  ? -2.996  -17.456 -19.331 1.00 20.26  ? 49  ASP A CB    1 
ATOM   345  C CG    . ASP A 1 51  ? -3.435  -15.980 -19.403 1.00 31.61  ? 49  ASP A CG    1 
ATOM   346  O OD1   . ASP A 1 51  ? -3.471  -15.372 -20.494 1.00 33.68  ? 49  ASP A OD1   1 
ATOM   347  O OD2   . ASP A 1 51  ? -3.743  -15.424 -18.329 1.00 35.91  ? 49  ASP A OD2   1 
ATOM   348  N N     . ALA A 1 52  ? -3.635  -20.409 -19.975 1.00 20.14  ? 50  ALA A N     1 
ATOM   349  C CA    . ALA A 1 52  ? -3.455  -21.829 -19.650 1.00 26.32  ? 50  ALA A CA    1 
ATOM   350  C C     . ALA A 1 52  ? -3.045  -22.643 -20.882 1.00 26.92  ? 50  ALA A C     1 
ATOM   351  O O     . ALA A 1 52  ? -2.141  -23.466 -20.804 1.00 23.84  ? 50  ALA A O     1 
ATOM   352  C CB    . ALA A 1 52  ? -4.720  -22.407 -19.025 1.00 20.93  ? 50  ALA A CB    1 
ATOM   353  N N     . LEU A 1 53  ? -3.698  -22.384 -22.014 1.00 23.32  ? 51  LEU A N     1 
ATOM   354  C CA    . LEU A 1 53  ? -3.422  -23.113 -23.258 1.00 29.84  ? 51  LEU A CA    1 
ATOM   355  C C     . LEU A 1 53  ? -2.019  -22.854 -23.802 1.00 31.63  ? 51  LEU A C     1 
ATOM   356  O O     . LEU A 1 53  ? -1.440  -23.697 -24.480 1.00 30.51  ? 51  LEU A O     1 
ATOM   357  C CB    . LEU A 1 53  ? -4.466  -22.788 -24.327 1.00 20.44  ? 51  LEU A CB    1 
ATOM   358  C CG    . LEU A 1 53  ? -5.884  -23.334 -24.104 1.00 27.50  ? 51  LEU A CG    1 
ATOM   359  C CD1   . LEU A 1 53  ? -6.881  -22.704 -25.065 1.00 34.91  ? 51  LEU A CD1   1 
ATOM   360  C CD2   . LEU A 1 53  ? -5.923  -24.850 -24.214 1.00 30.64  ? 51  LEU A CD2   1 
ATOM   361  N N     . ARG A 1 54  ? -1.480  -21.680 -23.505 1.00 25.65  ? 52  ARG A N     1 
ATOM   362  C CA    . ARG A 1 54  ? -0.111  -21.347 -23.879 1.00 29.05  ? 52  ARG A CA    1 
ATOM   363  C C     . ARG A 1 54  ? 0.894   -22.040 -22.958 1.00 30.44  ? 52  ARG A C     1 
ATOM   364  O O     . ARG A 1 54  ? 2.029   -22.300 -23.357 1.00 30.65  ? 52  ARG A O     1 
ATOM   365  C CB    . ARG A 1 54  ? 0.062   -19.824 -23.850 1.00 31.80  ? 52  ARG A CB    1 
ATOM   366  C CG    . ARG A 1 54  ? 1.483   -19.298 -23.761 1.00 40.69  ? 52  ARG A CG    1 
ATOM   367  C CD    . ARG A 1 54  ? 2.152   -19.184 -25.120 1.00 42.21  ? 52  ARG A CD    1 
ATOM   368  N NE    . ARG A 1 54  ? 3.027   -18.013 -25.163 1.00 112.77 ? 52  ARG A NE    1 
ATOM   369  C CZ    . ARG A 1 54  ? 4.240   -17.942 -24.615 1.00 92.44  ? 52  ARG A CZ    1 
ATOM   370  N NH1   . ARG A 1 54  ? 4.757   -18.983 -23.973 1.00 143.72 ? 52  ARG A NH1   1 
ATOM   371  N NH2   . ARG A 1 54  ? 4.939   -16.821 -24.712 1.00 77.42  ? 52  ARG A NH2   1 
ATOM   372  N N     . HIS A 1 55  ? 0.476   -22.354 -21.734 1.00 25.13  ? 53  HIS A N     1 
ATOM   373  C CA    . HIS A 1 55  ? 1.410   -22.862 -20.727 1.00 26.35  ? 53  HIS A CA    1 
ATOM   374  C C     . HIS A 1 55  ? 1.138   -24.282 -20.232 1.00 34.90  ? 53  HIS A C     1 
ATOM   375  O O     . HIS A 1 55  ? 1.435   -24.599 -19.079 1.00 34.57  ? 53  HIS A O     1 
ATOM   376  C CB    . HIS A 1 55  ? 1.490   -21.885 -19.537 1.00 25.26  ? 53  HIS A CB    1 
ATOM   377  C CG    . HIS A 1 55  ? 2.160   -20.591 -19.876 1.00 30.63  ? 53  HIS A CG    1 
ATOM   378  N ND1   . HIS A 1 55  ? 3.530   -20.459 -19.951 1.00 39.96  ? 53  HIS A ND1   1 
ATOM   379  C CD2   . HIS A 1 55  ? 1.647   -19.378 -20.189 1.00 33.08  ? 53  HIS A CD2   1 
ATOM   380  C CE1   . HIS A 1 55  ? 3.833   -19.218 -20.290 1.00 34.80  ? 53  HIS A CE1   1 
ATOM   381  N NE2   . HIS A 1 55  ? 2.708   -18.542 -20.443 1.00 31.83  ? 53  HIS A NE2   1 
ATOM   382  N N     . GLY A 1 56  ? 0.585   -25.136 -21.092 1.00 29.28  ? 54  GLY A N     1 
ATOM   383  C CA    . GLY A 1 56  ? 0.471   -26.552 -20.757 1.00 29.89  ? 54  GLY A CA    1 
ATOM   384  C C     . GLY A 1 56  ? -0.865  -27.221 -21.001 1.00 32.42  ? 54  GLY A C     1 
ATOM   385  O O     . GLY A 1 56  ? -0.934  -28.450 -21.090 1.00 31.05  ? 54  GLY A O     1 
ATOM   386  N N     . GLY A 1 57  ? -1.929  -26.429 -21.101 1.00 26.03  ? 55  GLY A N     1 
ATOM   387  C CA    . GLY A 1 57  ? -3.253  -26.979 -21.381 1.00 22.39  ? 55  GLY A CA    1 
ATOM   388  C C     . GLY A 1 57  ? -4.355  -26.420 -20.503 1.00 27.71  ? 55  GLY A C     1 
ATOM   389  O O     . GLY A 1 57  ? -4.074  -25.746 -19.513 1.00 26.74  ? 55  GLY A O     1 
ATOM   390  N N     . PRO A 1 58  ? -5.619  -26.731 -20.845 1.00 28.77  ? 56  PRO A N     1 
ATOM   391  C CA    . PRO A 1 58  ? -6.806  -26.120 -20.249 1.00 36.48  ? 56  PRO A CA    1 
ATOM   392  C C     . PRO A 1 58  ? -6.974  -26.435 -18.771 1.00 28.28  ? 56  PRO A C     1 
ATOM   393  O O     . PRO A 1 58  ? -7.649  -25.687 -18.064 1.00 31.45  ? 56  PRO A O     1 
ATOM   394  C CB    . PRO A 1 58  ? -7.962  -26.726 -21.059 1.00 35.70  ? 56  PRO A CB    1 
ATOM   395  C CG    . PRO A 1 58  ? -7.437  -28.043 -21.517 1.00 34.01  ? 56  PRO A CG    1 
ATOM   396  C CD    . PRO A 1 58  ? -5.980  -27.803 -21.797 1.00 24.57  ? 56  PRO A CD    1 
ATOM   397  N N     . GLN A 1 59  ? -6.356  -27.521 -18.310 1.00 24.69  ? 57  GLN A N     1 
ATOM   398  C CA    . GLN A 1 59  ? -6.428  -27.909 -16.902 1.00 32.07  ? 57  GLN A CA    1 
ATOM   399  C C     . GLN A 1 59  ? -5.640  -26.962 -15.983 1.00 30.26  ? 57  GLN A C     1 
ATOM   400  O O     . GLN A 1 59  ? -5.798  -27.016 -14.764 1.00 27.60  ? 57  GLN A O     1 
ATOM   401  C CB    . GLN A 1 59  ? -5.968  -29.364 -16.702 1.00 31.19  ? 57  GLN A CB    1 
ATOM   402  C CG    . GLN A 1 59  ? -4.463  -29.595 -16.826 1.00 28.08  ? 57  GLN A CG    1 
ATOM   403  C CD    . GLN A 1 59  ? -3.980  -29.766 -18.263 1.00 60.32  ? 57  GLN A CD    1 
ATOM   404  O OE1   . GLN A 1 59  ? -4.672  -29.432 -19.226 1.00 34.28  ? 57  GLN A OE1   1 
ATOM   405  N NE2   . GLN A 1 59  ? -2.773  -30.288 -18.407 1.00 52.31  ? 57  GLN A NE2   1 
ATOM   406  N N     . TYR A 1 60  ? -4.799  -26.110 -16.568 1.00 25.20  ? 58  TYR A N     1 
ATOM   407  C CA    . TYR A 1 60  ? -4.052  -25.114 -15.796 1.00 27.85  ? 58  TYR A CA    1 
ATOM   408  C C     . TYR A 1 60  ? -4.809  -23.785 -15.672 1.00 25.83  ? 58  TYR A C     1 
ATOM   409  O O     . TYR A 1 60  ? -4.287  -22.810 -15.133 1.00 25.40  ? 58  TYR A O     1 
ATOM   410  C CB    . TYR A 1 60  ? -2.640  -24.925 -16.351 1.00 25.85  ? 58  TYR A CB    1 
ATOM   411  C CG    . TYR A 1 60  ? -1.834  -26.202 -16.304 1.00 35.69  ? 58  TYR A CG    1 
ATOM   412  C CD1   . TYR A 1 60  ? -1.635  -26.879 -15.096 1.00 27.79  ? 58  TYR A CD1   1 
ATOM   413  C CD2   . TYR A 1 60  ? -1.285  -26.746 -17.463 1.00 38.42  ? 58  TYR A CD2   1 
ATOM   414  C CE1   . TYR A 1 60  ? -0.906  -28.057 -15.044 1.00 30.52  ? 58  TYR A CE1   1 
ATOM   415  C CE2   . TYR A 1 60  ? -0.553  -27.923 -17.423 1.00 40.45  ? 58  TYR A CE2   1 
ATOM   416  C CZ    . TYR A 1 60  ? -0.368  -28.573 -16.216 1.00 40.07  ? 58  TYR A CZ    1 
ATOM   417  O OH    . TYR A 1 60  ? 0.359   -29.741 -16.179 1.00 39.56  ? 58  TYR A OH    1 
ATOM   418  N N     . CYS A 1 61  ? -6.041  -23.756 -16.172 1.00 24.26  ? 59  CYS A N     1 
ATOM   419  C CA    . CYS A 1 61  ? -6.941  -22.654 -15.866 1.00 31.43  ? 59  CYS A CA    1 
ATOM   420  C C     . CYS A 1 61  ? -7.642  -23.081 -14.587 1.00 26.81  ? 59  CYS A C     1 
ATOM   421  O O     . CYS A 1 61  ? -8.623  -23.818 -14.620 1.00 27.49  ? 59  CYS A O     1 
ATOM   422  C CB    . CYS A 1 61  ? -7.938  -22.378 -17.002 1.00 25.17  ? 59  CYS A CB    1 
ATOM   423  S SG    . CYS A 1 61  ? -8.953  -20.894 -16.716 1.00 32.74  ? 59  CYS A SG    1 
ATOM   424  N N     . ARG A 1 62  ? -7.089  -22.660 -13.455 1.00 25.30  ? 60  ARG A N     1 
ATOM   425  C CA    . ARG A 1 62  ? -7.534  -23.147 -12.153 1.00 24.09  ? 60  ARG A CA    1 
ATOM   426  C C     . ARG A 1 62  ? -7.084  -22.184 -11.069 1.00 32.05  ? 60  ARG A C     1 
ATOM   427  O O     . ARG A 1 62  ? -6.140  -21.420 -11.264 1.00 23.28  ? 60  ARG A O     1 
ATOM   428  C CB    . ARG A 1 62  ? -6.929  -24.526 -11.869 1.00 25.40  ? 60  ARG A CB    1 
ATOM   429  C CG    . ARG A 1 62  ? -5.407  -24.549 -11.924 1.00 29.51  ? 60  ARG A CG    1 
ATOM   430  C CD    . ARG A 1 62  ? -4.850  -25.944 -11.671 1.00 22.66  ? 60  ARG A CD    1 
ATOM   431  N NE    . ARG A 1 62  ? -3.386  -25.939 -11.690 1.00 25.01  ? 60  ARG A NE    1 
ATOM   432  C CZ    . ARG A 1 62  ? -2.631  -26.987 -11.370 1.00 33.30  ? 60  ARG A CZ    1 
ATOM   433  N NH1   . ARG A 1 62  ? -3.198  -28.121 -10.992 1.00 31.88  ? 60  ARG A NH1   1 
ATOM   434  N NH2   . ARG A 1 62  ? -1.307  -26.901 -11.422 1.00 23.50  ? 60  ARG A NH2   1 
ATOM   435  N N     . SER A 1 63  ? -7.740  -22.243 -9.917  1.00 26.84  ? 61  SER A N     1 
ATOM   436  C CA    . SER A 1 63  ? -7.306  -21.433 -8.792  1.00 25.75  ? 61  SER A CA    1 
ATOM   437  C C     . SER A 1 63  ? -6.193  -22.159 -8.045  1.00 29.13  ? 61  SER A C     1 
ATOM   438  O O     . SER A 1 63  ? -5.997  -23.360 -8.210  1.00 33.90  ? 61  SER A O     1 
ATOM   439  C CB    . SER A 1 63  ? -8.477  -21.105 -7.863  1.00 29.37  ? 61  SER A CB    1 
ATOM   440  O OG    . SER A 1 63  ? -8.905  -22.261 -7.174  1.00 45.08  ? 61  SER A OG    1 
ATOM   441  N N     . ASP A 1 64  ? -5.457  -21.410 -7.238  1.00 26.05  ? 62  ASP A N     1 
ATOM   442  C CA    . ASP A 1 64  ? -4.380  -21.946 -6.420  1.00 25.00  ? 62  ASP A CA    1 
ATOM   443  C C     . ASP A 1 64  ? -4.326  -21.103 -5.142  1.00 31.59  ? 62  ASP A C     1 
ATOM   444  O O     . ASP A 1 64  ? -4.482  -19.885 -5.211  1.00 26.26  ? 62  ASP A O     1 
ATOM   445  C CB    . ASP A 1 64  ? -3.054  -21.842 -7.176  1.00 27.11  ? 62  ASP A CB    1 
ATOM   446  C CG    . ASP A 1 64  ? -1.869  -22.258 -6.332  1.00 40.45  ? 62  ASP A CG    1 
ATOM   447  O OD1   . ASP A 1 64  ? -1.535  -23.458 -6.324  1.00 40.70  ? 62  ASP A OD1   1 
ATOM   448  O OD2   . ASP A 1 64  ? -1.275  -21.381 -5.673  1.00 38.53  ? 62  ASP A OD2   1 
ATOM   449  N N     . PRO A 1 65  ? -4.125  -21.741 -3.974  1.00 33.16  ? 63  PRO A N     1 
ATOM   450  C CA    . PRO A 1 65  ? -4.140  -20.982 -2.715  1.00 25.92  ? 63  PRO A CA    1 
ATOM   451  C C     . PRO A 1 65  ? -3.046  -19.915 -2.608  1.00 20.41  ? 63  PRO A C     1 
ATOM   452  O O     . PRO A 1 65  ? -3.296  -18.843 -2.047  1.00 23.49  ? 63  PRO A O     1 
ATOM   453  C CB    . PRO A 1 65  ? -3.928  -22.067 -1.639  1.00 30.97  ? 63  PRO A CB    1 
ATOM   454  C CG    . PRO A 1 65  ? -4.332  -23.347 -2.296  1.00 38.21  ? 63  PRO A CG    1 
ATOM   455  C CD    . PRO A 1 65  ? -3.975  -23.193 -3.745  1.00 33.24  ? 63  PRO A CD    1 
ATOM   456  N N     . ASP A 1 66  ? -1.849  -20.196 -3.124  1.00 21.70  ? 64  ASP A N     1 
ATOM   457  C CA    . ASP A 1 66  ? -0.762  -19.202 -3.101  1.00 24.77  ? 64  ASP A CA    1 
ATOM   458  C C     . ASP A 1 66  ? -1.036  -18.009 -4.021  1.00 28.12  ? 64  ASP A C     1 
ATOM   459  O O     . ASP A 1 66  ? -0.715  -16.874 -3.683  1.00 23.85  ? 64  ASP A O     1 
ATOM   460  C CB    . ASP A 1 66  ? 0.587   -19.831 -3.448  1.00 27.14  ? 64  ASP A CB    1 
ATOM   461  C CG    . ASP A 1 66  ? 1.091   -20.770 -2.365  1.00 46.77  ? 64  ASP A CG    1 
ATOM   462  O OD1   . ASP A 1 66  ? 0.731   -20.594 -1.180  1.00 33.47  ? 64  ASP A OD1   1 
ATOM   463  O OD2   . ASP A 1 66  ? 1.853   -21.693 -2.703  1.00 36.18  ? 64  ASP A OD2   1 
ATOM   464  N N     . VAL A 1 67  ? -1.621  -18.276 -5.184  1.00 21.07  ? 65  VAL A N     1 
ATOM   465  C CA    . VAL A 1 67  ? -2.050  -17.211 -6.080  1.00 22.59  ? 65  VAL A CA    1 
ATOM   466  C C     . VAL A 1 67  ? -3.132  -16.376 -5.383  1.00 26.99  ? 65  VAL A C     1 
ATOM   467  O O     . VAL A 1 67  ? -3.069  -15.147 -5.397  1.00 24.45  ? 65  VAL A O     1 
ATOM   468  C CB    . VAL A 1 67  ? -2.584  -17.759 -7.430  1.00 23.96  ? 65  VAL A CB    1 
ATOM   469  C CG1   . VAL A 1 67  ? -3.155  -16.626 -8.281  1.00 20.89  ? 65  VAL A CG1   1 
ATOM   470  C CG2   . VAL A 1 67  ? -1.471  -18.483 -8.198  1.00 23.20  ? 65  VAL A CG2   1 
ATOM   471  N N     . GLU A 1 68  ? -4.109  -17.038 -4.762  1.00 22.08  ? 66  GLU A N     1 
ATOM   472  C CA    . GLU A 1 68  ? -5.202  -16.303 -4.104  1.00 17.10  ? 66  GLU A CA    1 
ATOM   473  C C     . GLU A 1 68  ? -4.668  -15.422 -2.968  1.00 20.70  ? 66  GLU A C     1 
ATOM   474  O O     . GLU A 1 68  ? -5.140  -14.303 -2.778  1.00 18.98  ? 66  GLU A O     1 
ATOM   475  C CB    . GLU A 1 68  ? -6.299  -17.248 -3.603  1.00 20.62  ? 66  GLU A CB    1 
ATOM   476  C CG    . GLU A 1 68  ? -7.078  -17.926 -4.729  1.00 22.79  ? 66  GLU A CG    1 
ATOM   477  C CD    . GLU A 1 68  ? -8.045  -19.000 -4.252  1.00 52.82  ? 66  GLU A CD    1 
ATOM   478  O OE1   . GLU A 1 68  ? -7.839  -19.575 -3.162  1.00 69.91  ? 66  GLU A OE1   1 
ATOM   479  O OE2   . GLU A 1 68  ? -9.015  -19.285 -4.987  1.00 70.08  ? 66  GLU A OE2   1 
ATOM   480  N N     . ARG A 1 69  ? -3.695  -15.943 -2.220  1.00 20.20  ? 67  ARG A N     1 
ATOM   481  C CA    . ARG A 1 69  ? -3.003  -15.190 -1.155  1.00 16.41  ? 67  ARG A CA    1 
ATOM   482  C C     . ARG A 1 69  ? -2.300  -13.944 -1.720  1.00 21.02  ? 67  ARG A C     1 
ATOM   483  O O     . ARG A 1 69  ? -2.423  -12.856 -1.159  1.00 19.80  ? 67  ARG A O     1 
ATOM   484  C CB    . ARG A 1 69  ? -1.995  -16.097 -0.439  1.00 21.91  ? 67  ARG A CB    1 
ATOM   485  C CG    . ARG A 1 69  ? -1.156  -15.421 0.650   1.00 18.30  ? 67  ARG A CG    1 
ATOM   486  C CD    . ARG A 1 69  ? -0.288  -16.438 1.384   1.00 20.34  ? 67  ARG A CD    1 
ATOM   487  N NE    . ARG A 1 69  ? -1.095  -17.376 2.172   1.00 25.09  ? 67  ARG A NE    1 
ATOM   488  C CZ    . ARG A 1 69  ? -1.474  -17.174 3.432   1.00 24.21  ? 67  ARG A CZ    1 
ATOM   489  N NH1   . ARG A 1 69  ? -1.124  -16.061 4.073   1.00 22.36  ? 67  ARG A NH1   1 
ATOM   490  N NH2   . ARG A 1 69  ? -2.219  -18.082 4.049   1.00 21.00  ? 67  ARG A NH2   1 
ATOM   491  N N     . CYS A 1 70  ? -1.569  -14.101 -2.823  1.00 18.09  ? 68  CYS A N     1 
ATOM   492  C CA    . CYS A 1 70  ? -0.920  -12.953 -3.474  1.00 21.39  ? 68  CYS A CA    1 
ATOM   493  C C     . CYS A 1 70  ? -1.940  -11.887 -3.866  1.00 18.07  ? 68  CYS A C     1 
ATOM   494  O O     . CYS A 1 70  ? -1.707  -10.698 -3.658  1.00 17.30  ? 68  CYS A O     1 
ATOM   495  C CB    . CYS A 1 70  ? -0.163  -13.392 -4.726  1.00 21.71  ? 68  CYS A CB    1 
ATOM   496  S SG    . CYS A 1 70  ? 1.361   -14.299 -4.383  1.00 24.55  ? 68  CYS A SG    1 
ATOM   497  N N     . LEU A 1 71  ? -3.060  -12.329 -4.438  1.00 18.13  ? 69  LEU A N     1 
ATOM   498  C CA    . LEU A 1 71  ? -4.131  -11.426 -4.870  1.00 18.12  ? 69  LEU A CA    1 
ATOM   499  C C     . LEU A 1 71  ? -4.736  -10.676 -3.695  1.00 17.75  ? 69  LEU A C     1 
ATOM   500  O O     . LEU A 1 71  ? -5.027  -9.497  -3.810  1.00 17.72  ? 69  LEU A O     1 
ATOM   501  C CB    . LEU A 1 71  ? -5.224  -12.188 -5.640  1.00 21.85  ? 69  LEU A CB    1 
ATOM   502  C CG    . LEU A 1 71  ? -4.865  -12.694 -7.049  1.00 28.18  ? 69  LEU A CG    1 
ATOM   503  C CD1   . LEU A 1 71  ? -5.979  -13.581 -7.590  1.00 26.59  ? 69  LEU A CD1   1 
ATOM   504  C CD2   . LEU A 1 71  ? -4.602  -11.530 -7.997  1.00 28.39  ? 69  LEU A CD2   1 
ATOM   505  N N     . ARG A 1 72  ? -4.909  -11.357 -2.562  1.00 16.47  ? 70  ARG A N     1 
ATOM   506  C CA    . ARG A 1 72  ? -5.425  -10.707 -1.352  1.00 19.24  ? 70  ARG A CA    1 
ATOM   507  C C     . ARG A 1 72  ? -4.453  -9.654  -0.831  1.00 16.34  ? 70  ARG A C     1 
ATOM   508  O O     . ARG A 1 72  ? -4.878  -8.593  -0.379  1.00 18.67  ? 70  ARG A O     1 
ATOM   509  C CB    . ARG A 1 72  ? -5.731  -11.733 -0.234  1.00 15.90  ? 70  ARG A CB    1 
ATOM   510  C CG    . ARG A 1 72  ? -6.957  -12.606 -0.499  1.00 17.71  ? 70  ARG A CG    1 
ATOM   511  C CD    . ARG A 1 72  ? -7.433  -13.340 0.764   1.00 18.56  ? 70  ARG A CD    1 
ATOM   512  N NE    . ARG A 1 72  ? -6.433  -14.298 1.259   1.00 18.53  ? 70  ARG A NE    1 
ATOM   513  C CZ    . ARG A 1 72  ? -6.250  -15.530 0.778   1.00 26.05  ? 70  ARG A CZ    1 
ATOM   514  N NH1   . ARG A 1 72  ? -6.998  -15.989 -0.219  1.00 21.67  ? 70  ARG A NH1   1 
ATOM   515  N NH2   . ARG A 1 72  ? -5.313  -16.310 1.301   1.00 24.13  ? 70  ARG A NH2   1 
ATOM   516  N N     . ALA A 1 73  ? -3.151  -9.946  -0.886  1.00 17.42  ? 71  ALA A N     1 
ATOM   517  C CA    . ALA A 1 73  ? -2.143  -8.989  -0.419  1.00 17.83  ? 71  ALA A CA    1 
ATOM   518  C C     . ALA A 1 73  ? -2.174  -7.740  -1.292  1.00 20.96  ? 71  ALA A C     1 
ATOM   519  O O     . ALA A 1 73  ? -2.128  -6.611  -0.789  1.00 18.01  ? 71  ALA A O     1 
ATOM   520  C CB    . ALA A 1 73  ? -0.754  -9.612  -0.421  1.00 14.35  ? 71  ALA A CB    1 
ATOM   521  N N     . HIS A 1 74  ? -2.297  -7.956  -2.599  1.00 18.33  ? 72  HIS A N     1 
ATOM   522  C CA    . HIS A 1 74  ? -2.327  -6.860  -3.564  1.00 15.26  ? 72  HIS A CA    1 
ATOM   523  C C     . HIS A 1 74  ? -3.598  -6.042  -3.365  1.00 17.89  ? 72  HIS A C     1 
ATOM   524  O O     . HIS A 1 74  ? -3.556  -4.809  -3.387  1.00 18.57  ? 72  HIS A O     1 
ATOM   525  C CB    . HIS A 1 74  ? -2.270  -7.411  -4.995  1.00 14.89  ? 72  HIS A CB    1 
ATOM   526  C CG    . HIS A 1 74  ? -1.816  -6.408  -6.017  1.00 21.73  ? 72  HIS A CG    1 
ATOM   527  N ND1   . HIS A 1 74  ? -1.369  -6.776  -7.269  1.00 24.69  ? 72  HIS A ND1   1 
ATOM   528  C CD2   . HIS A 1 74  ? -1.748  -5.055  -5.977  1.00 25.82  ? 72  HIS A CD2   1 
ATOM   529  C CE1   . HIS A 1 74  ? -1.050  -5.692  -7.958  1.00 22.51  ? 72  HIS A CE1   1 
ATOM   530  N NE2   . HIS A 1 74  ? -1.262  -4.635  -7.193  1.00 21.79  ? 72  HIS A NE2   1 
ATOM   531  N N     . ARG A 1 75  ? -4.726  -6.727  -3.153  1.00 16.61  ? 73  ARG A N     1 
ATOM   532  C CA    . ARG A 1 75  ? -5.984  -6.026  -2.922  1.00 19.75  ? 73  ARG A CA    1 
ATOM   533  C C     . ARG A 1 75  ? -5.960  -5.205  -1.624  1.00 17.83  ? 73  ARG A C     1 
ATOM   534  O O     . ARG A 1 75  ? -6.432  -4.067  -1.577  1.00 15.98  ? 73  ARG A O     1 
ATOM   535  C CB    . ARG A 1 75  ? -7.184  -6.987  -2.941  1.00 14.65  ? 73  ARG A CB    1 
ATOM   536  C CG    . ARG A 1 75  ? -8.477  -6.267  -2.567  1.00 22.12  ? 73  ARG A CG    1 
ATOM   537  C CD    . ARG A 1 75  ? -9.720  -7.135  -2.598  1.00 21.83  ? 73  ARG A CD    1 
ATOM   538  N NE    . ARG A 1 75  ? -10.827 -6.391  -2.003  1.00 25.80  ? 73  ARG A NE    1 
ATOM   539  C CZ    . ARG A 1 75  ? -12.118 -6.580  -2.269  1.00 28.02  ? 73  ARG A CZ    1 
ATOM   540  N NH1   . ARG A 1 75  ? -13.017 -5.823  -1.664  1.00 22.27  ? 73  ARG A NH1   1 
ATOM   541  N NH2   . ARG A 1 75  ? -12.514 -7.509  -3.130  1.00 22.42  ? 73  ARG A NH2   1 
ATOM   542  N N     . ASN A 1 76  ? -5.420  -5.783  -0.566  1.00 15.63  ? 74  ASN A N     1 
ATOM   543  C CA    . ASN A 1 76  ? -5.299  -5.037  0.676   1.00 20.15  ? 74  ASN A CA    1 
ATOM   544  C C     . ASN A 1 76  ? -4.416  -3.780  0.503   1.00 20.47  ? 74  ASN A C     1 
ATOM   545  O O     . ASN A 1 76  ? -4.740  -2.712  1.038   1.00 17.04  ? 74  ASN A O     1 
ATOM   546  C CB    . ASN A 1 76  ? -4.820  -5.936  1.818   1.00 18.03  ? 74  ASN A CB    1 
ATOM   547  C CG    . ASN A 1 76  ? -4.946  -5.258  3.167   1.00 19.69  ? 74  ASN A CG    1 
ATOM   548  O OD1   . ASN A 1 76  ? -4.067  -4.500  3.574   1.00 21.05  ? 74  ASN A OD1   1 
ATOM   549  N ND2   . ASN A 1 76  ? -6.059  -5.510  3.859   1.00 19.67  ? 74  ASN A ND2   1 
ATOM   550  N N     . ASP A 1 77  ? -3.324  -3.904  -0.252  1.00 18.80  ? 75  ASP A N     1 
ATOM   551  C CA    . ASP A 1 77  ? -2.542  -2.737  -0.682  1.00 20.38  ? 75  ASP A CA    1 
ATOM   552  C C     . ASP A 1 77  ? -3.422  -1.657  -1.327  1.00 19.03  ? 75  ASP A C     1 
ATOM   553  O O     . ASP A 1 77  ? -3.318  -0.490  -0.983  1.00 19.06  ? 75  ASP A O     1 
ATOM   554  C CB    . ASP A 1 77  ? -1.450  -3.137  -1.679  1.00 19.60  ? 75  ASP A CB    1 
ATOM   555  C CG    . ASP A 1 77  ? -0.294  -3.875  -1.033  1.00 29.35  ? 75  ASP A CG    1 
ATOM   556  O OD1   . ASP A 1 77  ? -0.278  -4.011  0.204   1.00 26.77  ? 75  ASP A OD1   1 
ATOM   557  O OD2   . ASP A 1 77  ? 0.606   -4.323  -1.777  1.00 28.08  ? 75  ASP A OD2   1 
ATOM   558  N N     . MET A 1 78  ? -4.295  -2.051  -2.249  1.00 18.34  ? 76  MET A N     1 
ATOM   559  C CA    . MET A 1 78  ? -5.149  -1.074  -2.944  1.00 18.45  ? 76  MET A CA    1 
ATOM   560  C C     . MET A 1 78  ? -6.153  -0.417  -1.994  1.00 25.13  ? 76  MET A C     1 
ATOM   561  O O     . MET A 1 78  ? -6.535  0.741   -2.184  1.00 20.55  ? 76  MET A O     1 
ATOM   562  C CB    . MET A 1 78  ? -5.873  -1.725  -4.122  1.00 20.20  ? 76  MET A CB    1 
ATOM   563  C CG    . MET A 1 78  ? -4.935  -2.181  -5.237  1.00 21.37  ? 76  MET A CG    1 
ATOM   564  S SD    . MET A 1 78  ? -5.813  -2.550  -6.774  1.00 28.83  ? 76  MET A SD    1 
ATOM   565  C CE    . MET A 1 78  ? -6.687  -4.039  -6.308  1.00 27.00  ? 76  MET A CE    1 
ATOM   566  N N     . GLU A 1 79  ? -6.563  -1.160  -0.967  1.00 16.73  ? 77  GLU A N     1 
ATOM   567  C CA    . GLU A 1 79  ? -7.489  -0.646  0.050   1.00 19.97  ? 77  GLU A CA    1 
ATOM   568  C C     . GLU A 1 79  ? -6.839  0.353   1.009   1.00 20.69  ? 77  GLU A C     1 
ATOM   569  O O     . GLU A 1 79  ? -7.532  1.140   1.647   1.00 20.07  ? 77  GLU A O     1 
ATOM   570  C CB    . GLU A 1 79  ? -8.128  -1.810  0.846   1.00 17.32  ? 77  GLU A CB    1 
ATOM   571  C CG    . GLU A 1 79  ? -9.034  -2.710  -0.008  1.00 16.54  ? 77  GLU A CG    1 
ATOM   572  C CD    . GLU A 1 79  ? -9.563  -3.946  0.724   1.00 24.08  ? 77  GLU A CD    1 
ATOM   573  O OE1   . GLU A 1 79  ? -9.202  -4.170  1.900   1.00 26.17  ? 77  GLU A OE1   1 
ATOM   574  O OE2   . GLU A 1 79  ? -10.361 -4.702  0.123   1.00 25.92  ? 77  GLU A OE2   1 
ATOM   575  N N     . THR A 1 80  ? -5.509  0.329   1.113   1.00 17.10  ? 78  THR A N     1 
ATOM   576  C CA    . THR A 1 80  ? -4.815  1.119   2.138   1.00 17.32  ? 78  THR A CA    1 
ATOM   577  C C     . THR A 1 80  ? -3.784  2.091   1.577   1.00 19.78  ? 78  THR A C     1 
ATOM   578  O O     . THR A 1 80  ? -3.709  3.231   2.030   1.00 19.07  ? 78  THR A O     1 
ATOM   579  C CB    . THR A 1 80  ? -4.112  0.223   3.173   1.00 19.36  ? 78  THR A CB    1 
ATOM   580  O OG1   . THR A 1 80  ? -3.248  -0.689  2.479   1.00 20.23  ? 78  THR A OG1   1 
ATOM   581  C CG2   . THR A 1 80  ? -5.131  -0.573  3.986   1.00 19.88  ? 78  THR A CG2   1 
ATOM   582  N N     . ILE A 1 81  ? -2.985  1.639   0.613   1.00 17.32  ? 79  ILE A N     1 
ATOM   583  C CA    . ILE A 1 81  ? -1.936  2.490   0.036   1.00 16.22  ? 79  ILE A CA    1 
ATOM   584  C C     . ILE A 1 81  ? -2.530  3.586   -0.851  1.00 20.32  ? 79  ILE A C     1 
ATOM   585  O O     . ILE A 1 81  ? -2.091  4.725   -0.800  1.00 16.76  ? 79  ILE A O     1 
ATOM   586  C CB    . ILE A 1 81  ? -0.846  1.673   -0.707  1.00 18.00  ? 79  ILE A CB    1 
ATOM   587  C CG1   . ILE A 1 81  ? -0.066  0.815   0.302   1.00 20.99  ? 79  ILE A CG1   1 
ATOM   588  C CG2   . ILE A 1 81  ? 0.108   2.605   -1.463  1.00 20.18  ? 79  ILE A CG2   1 
ATOM   589  C CD1   . ILE A 1 81  ? 0.798   -0.281  -0.317  1.00 18.83  ? 79  ILE A CD1   1 
ATOM   590  N N     . TYR A 1 82  ? -3.539  3.255   -1.650  1.00 16.14  ? 80  TYR A N     1 
ATOM   591  C CA    . TYR A 1 82  ? -4.152  4.289   -2.486  1.00 17.39  ? 80  TYR A CA    1 
ATOM   592  C C     . TYR A 1 82  ? -4.743  5.471   -1.681  1.00 19.35  ? 80  TYR A C     1 
ATOM   593  O O     . TYR A 1 82  ? -4.503  6.626   -2.033  1.00 19.89  ? 80  TYR A O     1 
ATOM   594  C CB    . TYR A 1 82  ? -5.178  3.704   -3.466  1.00 15.75  ? 80  TYR A CB    1 
ATOM   595  C CG    . TYR A 1 82  ? -4.626  2.751   -4.517  1.00 17.11  ? 80  TYR A CG    1 
ATOM   596  C CD1   . TYR A 1 82  ? -3.262  2.645   -4.771  1.00 20.92  ? 80  TYR A CD1   1 
ATOM   597  C CD2   . TYR A 1 82  ? -5.496  1.996   -5.299  1.00 18.04  ? 80  TYR A CD2   1 
ATOM   598  C CE1   . TYR A 1 82  ? -2.780  1.779   -5.743  1.00 21.49  ? 80  TYR A CE1   1 
ATOM   599  C CE2   . TYR A 1 82  ? -5.027  1.130   -6.269  1.00 18.10  ? 80  TYR A CE2   1 
ATOM   600  C CZ    . TYR A 1 82  ? -3.670  1.036   -6.493  1.00 18.94  ? 80  TYR A CZ    1 
ATOM   601  O OH    . TYR A 1 82  ? -3.224  0.183   -7.472  1.00 22.64  ? 80  TYR A OH    1 
ATOM   602  N N     . PRO A 1 83  ? -5.523  5.200   -0.609  1.00 19.77  ? 81  PRO A N     1 
ATOM   603  C CA    . PRO A 1 83  ? -5.962  6.348   0.212   1.00 18.86  ? 81  PRO A CA    1 
ATOM   604  C C     . PRO A 1 83  ? -4.795  7.145   0.816   1.00 16.42  ? 81  PRO A C     1 
ATOM   605  O O     . PRO A 1 83  ? -4.881  8.367   0.892   1.00 19.12  ? 81  PRO A O     1 
ATOM   606  C CB    . PRO A 1 83  ? -6.772  5.703   1.341   1.00 21.81  ? 81  PRO A CB    1 
ATOM   607  C CG    . PRO A 1 83  ? -7.185  4.380   0.817   1.00 21.89  ? 81  PRO A CG    1 
ATOM   608  C CD    . PRO A 1 83  ? -6.192  3.947   -0.215  1.00 18.54  ? 81  PRO A CD    1 
ATOM   609  N N     . PHE A 1 84  ? -3.721  6.462   1.227   1.00 18.93  ? 82  PHE A N     1 
ATOM   610  C CA    . PHE A 1 84  ? -2.509  7.149   1.701   1.00 20.33  ? 82  PHE A CA    1 
ATOM   611  C C     . PHE A 1 84  ? -1.893  8.093   0.654   1.00 19.12  ? 82  PHE A C     1 
ATOM   612  O O     . PHE A 1 84  ? -1.446  9.193   0.985   1.00 22.16  ? 82  PHE A O     1 
ATOM   613  C CB    . PHE A 1 84  ? -1.458  6.138   2.163   1.00 14.68  ? 82  PHE A CB    1 
ATOM   614  C CG    . PHE A 1 84  ? -0.141  6.768   2.564   1.00 19.73  ? 82  PHE A CG    1 
ATOM   615  C CD1   . PHE A 1 84  ? 0.045   7.271   3.850   1.00 21.40  ? 82  PHE A CD1   1 
ATOM   616  C CD2   . PHE A 1 84  ? 0.911   6.848   1.654   1.00 19.61  ? 82  PHE A CD2   1 
ATOM   617  C CE1   . PHE A 1 84  ? 1.265   7.837   4.227   1.00 22.56  ? 82  PHE A CE1   1 
ATOM   618  C CE2   . PHE A 1 84  ? 2.129   7.412   2.019   1.00 24.68  ? 82  PHE A CE2   1 
ATOM   619  C CZ    . PHE A 1 84  ? 2.305   7.909   3.301   1.00 22.47  ? 82  PHE A CZ    1 
ATOM   620  N N     . LEU A 1 85  ? -1.859  7.654   -0.603  1.00 19.65  ? 83  LEU A N     1 
ATOM   621  C CA    . LEU A 1 85  ? -1.388  8.510   -1.688  1.00 18.82  ? 83  LEU A CA    1 
ATOM   622  C C     . LEU A 1 85  ? -2.147  9.840   -1.713  1.00 24.06  ? 83  LEU A C     1 
ATOM   623  O O     . LEU A 1 85  ? -1.547  10.899  -1.858  1.00 22.38  ? 83  LEU A O     1 
ATOM   624  C CB    . LEU A 1 85  ? -1.479  7.801   -3.043  1.00 17.53  ? 83  LEU A CB    1 
ATOM   625  C CG    . LEU A 1 85  ? -0.676  6.499   -3.164  1.00 24.86  ? 83  LEU A CG    1 
ATOM   626  C CD1   . LEU A 1 85  ? -0.826  5.911   -4.559  1.00 24.26  ? 83  LEU A CD1   1 
ATOM   627  C CD2   . LEU A 1 85  ? 0.790   6.736   -2.825  1.00 21.40  ? 83  LEU A CD2   1 
ATOM   628  N N     . PHE A 1 86  ? -3.463  9.779   -1.547  1.00 20.17  ? 84  PHE A N     1 
ATOM   629  C CA    . PHE A 1 86  ? -4.277  10.988  -1.504  1.00 19.29  ? 84  PHE A CA    1 
ATOM   630  C C     . PHE A 1 86  ? -4.074  11.782  -0.210  1.00 21.85  ? 84  PHE A C     1 
ATOM   631  O O     . PHE A 1 86  ? -3.777  12.975  -0.252  1.00 23.51  ? 84  PHE A O     1 
ATOM   632  C CB    . PHE A 1 86  ? -5.760  10.637  -1.671  1.00 18.31  ? 84  PHE A CB    1 
ATOM   633  C CG    . PHE A 1 86  ? -6.677  11.815  -1.485  1.00 22.47  ? 84  PHE A CG    1 
ATOM   634  C CD1   . PHE A 1 86  ? -6.829  12.755  -2.500  1.00 27.25  ? 84  PHE A CD1   1 
ATOM   635  C CD2   . PHE A 1 86  ? -7.381  11.984  -0.304  1.00 24.41  ? 84  PHE A CD2   1 
ATOM   636  C CE1   . PHE A 1 86  ? -7.662  13.851  -2.337  1.00 28.04  ? 84  PHE A CE1   1 
ATOM   637  C CE2   . PHE A 1 86  ? -8.217  13.080  -0.131  1.00 26.69  ? 84  PHE A CE2   1 
ATOM   638  C CZ    . PHE A 1 86  ? -8.358  14.011  -1.152  1.00 21.00  ? 84  PHE A CZ    1 
ATOM   639  N N     . LEU A 1 87  ? -4.230  11.110  0.931   1.00 17.31  ? 85  LEU A N     1 
ATOM   640  C CA    . LEU A 1 87  ? -4.193  11.768  2.232   1.00 19.53  ? 85  LEU A CA    1 
ATOM   641  C C     . LEU A 1 87  ? -2.829  12.377  2.538   1.00 26.95  ? 85  LEU A C     1 
ATOM   642  O O     . LEU A 1 87  ? -2.748  13.491  3.054   1.00 20.42  ? 85  LEU A O     1 
ATOM   643  C CB    . LEU A 1 87  ? -4.554  10.778  3.351   1.00 19.29  ? 85  LEU A CB    1 
ATOM   644  C CG    . LEU A 1 87  ? -5.976  10.204  3.421   1.00 29.19  ? 85  LEU A CG    1 
ATOM   645  C CD1   . LEU A 1 87  ? -6.028  9.053   4.425   1.00 19.30  ? 85  LEU A CD1   1 
ATOM   646  C CD2   . LEU A 1 87  ? -6.998  11.274  3.770   1.00 25.79  ? 85  LEU A CD2   1 
ATOM   647  N N     . GLY A 1 88  ? -1.770  11.624  2.249   1.00 19.35  ? 86  GLY A N     1 
ATOM   648  C CA    . GLY A 1 88  ? -0.405  12.040  2.560   1.00 17.35  ? 86  GLY A CA    1 
ATOM   649  C C     . GLY A 1 88  ? 0.021   13.218  1.706   1.00 20.06  ? 86  GLY A C     1 
ATOM   650  O O     . GLY A 1 88  ? 0.765   14.089  2.166   1.00 20.57  ? 86  GLY A O     1 
ATOM   651  N N     . PHE A 1 89  ? -0.472  13.255  0.468   1.00 17.75  ? 87  PHE A N     1 
ATOM   652  C CA    . PHE A 1 89  ? -0.196  14.376  -0.439  1.00 21.12  ? 87  PHE A CA    1 
ATOM   653  C C     . PHE A 1 89  ? -0.816  15.684  0.076   1.00 25.09  ? 87  PHE A C     1 
ATOM   654  O O     . PHE A 1 89  ? -0.127  16.695  0.209   1.00 21.58  ? 87  PHE A O     1 
ATOM   655  C CB    . PHE A 1 89  ? -0.679  14.077  -1.863  1.00 21.65  ? 87  PHE A CB    1 
ATOM   656  C CG    . PHE A 1 89  ? -0.346  15.163  -2.856  1.00 41.05  ? 87  PHE A CG    1 
ATOM   657  C CD1   . PHE A 1 89  ? 0.944   15.279  -3.379  1.00 39.46  ? 87  PHE A CD1   1 
ATOM   658  C CD2   . PHE A 1 89  ? -1.319  16.082  -3.260  1.00 34.44  ? 87  PHE A CD2   1 
ATOM   659  C CE1   . PHE A 1 89  ? 1.255   16.285  -4.289  1.00 47.18  ? 87  PHE A CE1   1 
ATOM   660  C CE2   . PHE A 1 89  ? -1.013  17.092  -4.167  1.00 42.18  ? 87  PHE A CE2   1 
ATOM   661  C CZ    . PHE A 1 89  ? 0.275   17.190  -4.684  1.00 48.22  ? 87  PHE A CZ    1 
ATOM   662  N N     . VAL A 1 90  ? -2.111  15.649  0.373   1.00 20.32  ? 88  VAL A N     1 
ATOM   663  C CA    . VAL A 1 90  ? -2.827  16.816  0.891   1.00 22.03  ? 88  VAL A CA    1 
ATOM   664  C C     . VAL A 1 90  ? -2.216  17.266  2.226   1.00 22.03  ? 88  VAL A C     1 
ATOM   665  O O     . VAL A 1 90  ? -1.941  18.452  2.424   1.00 24.35  ? 88  VAL A O     1 
ATOM   666  C CB    . VAL A 1 90  ? -4.333  16.514  1.054   1.00 24.44  ? 88  VAL A CB    1 
ATOM   667  C CG1   . VAL A 1 90  ? -5.076  17.709  1.646   1.00 23.62  ? 88  VAL A CG1   1 
ATOM   668  C CG2   . VAL A 1 90  ? -4.935  16.133  -0.292  1.00 21.54  ? 88  VAL A CG2   1 
ATOM   669  N N     . TYR A 1 91  ? -1.990  16.297  3.114   1.00 19.77  ? 89  TYR A N     1 
ATOM   670  C CA    . TYR A 1 91  ? -1.418  16.527  4.441   1.00 22.35  ? 89  TYR A CA    1 
ATOM   671  C C     . TYR A 1 91  ? -0.069  17.236  4.349   1.00 23.42  ? 89  TYR A C     1 
ATOM   672  O O     . TYR A 1 91  ? 0.216   18.131  5.147   1.00 25.88  ? 89  TYR A O     1 
ATOM   673  C CB    . TYR A 1 91  ? -1.274  15.189  5.167   1.00 17.93  ? 89  TYR A CB    1 
ATOM   674  C CG    . TYR A 1 91  ? -0.516  15.214  6.477   1.00 24.48  ? 89  TYR A CG    1 
ATOM   675  C CD1   . TYR A 1 91  ? -1.086  15.759  7.637   1.00 30.08  ? 89  TYR A CD1   1 
ATOM   676  C CD2   . TYR A 1 91  ? 0.757   14.661  6.567   1.00 27.36  ? 89  TYR A CD2   1 
ATOM   677  C CE1   . TYR A 1 91  ? -0.400  15.757  8.842   1.00 28.93  ? 89  TYR A CE1   1 
ATOM   678  C CE2   . TYR A 1 91  ? 1.452   14.654  7.764   1.00 35.04  ? 89  TYR A CE2   1 
ATOM   679  C CZ    . TYR A 1 91  ? 0.874   15.201  8.895   1.00 31.09  ? 89  TYR A CZ    1 
ATOM   680  O OH    . TYR A 1 91  ? 1.579   15.178  10.076  1.00 37.05  ? 89  TYR A OH    1 
ATOM   681  N N     . SER A 1 92  ? 0.746   16.842  3.368   1.00 23.02  ? 90  SER A N     1 
ATOM   682  C CA    . SER A 1 92  ? 2.043   17.477  3.136   1.00 24.37  ? 90  SER A CA    1 
ATOM   683  C C     . SER A 1 92  ? 1.922   18.990  2.925   1.00 43.40  ? 90  SER A C     1 
ATOM   684  O O     . SER A 1 92  ? 2.863   19.725  3.195   1.00 28.09  ? 90  SER A O     1 
ATOM   685  C CB    . SER A 1 92  ? 2.757   16.846  1.935   1.00 23.30  ? 90  SER A CB    1 
ATOM   686  O OG    . SER A 1 92  ? 3.183   15.536  2.247   1.00 25.77  ? 90  SER A OG    1 
ATOM   687  N N     . PHE A 1 93  ? 0.766   19.446  2.451   1.00 25.64  ? 91  PHE A N     1 
ATOM   688  C CA    . PHE A 1 93  ? 0.553   20.880  2.183   1.00 34.58  ? 91  PHE A CA    1 
ATOM   689  C C     . PHE A 1 93  ? -0.149  21.658  3.294   1.00 37.93  ? 91  PHE A C     1 
ATOM   690  O O     . PHE A 1 93  ? -0.411  22.851  3.143   1.00 47.60  ? 91  PHE A O     1 
ATOM   691  C CB    . PHE A 1 93  ? -0.180  21.080  0.852   1.00 25.69  ? 91  PHE A CB    1 
ATOM   692  C CG    . PHE A 1 93  ? 0.675   20.807  -0.347  1.00 36.01  ? 91  PHE A CG    1 
ATOM   693  C CD1   . PHE A 1 93  ? 1.505   21.795  -0.864  1.00 44.56  ? 91  PHE A CD1   1 
ATOM   694  C CD2   . PHE A 1 93  ? 0.661   19.562  -0.955  1.00 30.25  ? 91  PHE A CD2   1 
ATOM   695  C CE1   . PHE A 1 93  ? 2.298   21.545  -1.972  1.00 51.92  ? 91  PHE A CE1   1 
ATOM   696  C CE2   . PHE A 1 93  ? 1.453   19.304  -2.062  1.00 40.48  ? 91  PHE A CE2   1 
ATOM   697  C CZ    . PHE A 1 93  ? 2.272   20.298  -2.572  1.00 36.07  ? 91  PHE A CZ    1 
ATOM   698  N N     . LEU A 1 94  ? -0.448  20.994  4.407   1.00 33.59  ? 92  LEU A N     1 
ATOM   699  C CA    . LEU A 1 94  ? -1.107  21.658  5.536   1.00 45.59  ? 92  LEU A CA    1 
ATOM   700  C C     . LEU A 1 94  ? -0.119  22.213  6.569   1.00 48.37  ? 92  LEU A C     1 
ATOM   701  O O     . LEU A 1 94  ? -0.511  22.571  7.680   1.00 47.57  ? 92  LEU A O     1 
ATOM   702  C CB    . LEU A 1 94  ? -2.092  20.708  6.229   1.00 34.15  ? 92  LEU A CB    1 
ATOM   703  C CG    . LEU A 1 94  ? -3.169  19.993  5.410   1.00 43.10  ? 92  LEU A CG    1 
ATOM   704  C CD1   . LEU A 1 94  ? -4.044  19.162  6.340   1.00 39.96  ? 92  LEU A CD1   1 
ATOM   705  C CD2   . LEU A 1 94  ? -4.008  20.957  4.588   1.00 44.52  ? 92  LEU A CD2   1 
ATOM   706  N N     . GLY A 1 95  ? 1.157   22.272  6.204   1.00 43.97  ? 93  GLY A N     1 
ATOM   707  C CA    . GLY A 1 95  ? 2.204   22.723  7.118   1.00 48.61  ? 93  GLY A CA    1 
ATOM   708  C C     . GLY A 1 95  ? 2.269   21.993  8.449   1.00 48.74  ? 93  GLY A C     1 
ATOM   709  O O     . GLY A 1 95  ? 2.310   22.636  9.499   1.00 41.96  ? 93  GLY A O     1 
ATOM   710  N N     . PRO A 1 96  ? 2.282   20.642  8.430   1.00 42.82  ? 94  PRO A N     1 
ATOM   711  C CA    . PRO A 1 96  ? 2.454   19.975  9.718   1.00 39.96  ? 94  PRO A CA    1 
ATOM   712  C C     . PRO A 1 96  ? 3.907   20.109  10.178  1.00 36.32  ? 94  PRO A C     1 
ATOM   713  O O     . PRO A 1 96  ? 4.784   20.392  9.357   1.00 31.96  ? 94  PRO A O     1 
ATOM   714  C CB    . PRO A 1 96  ? 2.128   18.514  9.397   1.00 35.53  ? 94  PRO A CB    1 
ATOM   715  C CG    . PRO A 1 96  ? 2.533   18.355  7.965   1.00 41.35  ? 94  PRO A CG    1 
ATOM   716  C CD    . PRO A 1 96  ? 2.266   19.681  7.307   1.00 33.95  ? 94  PRO A CD    1 
ATOM   717  N N     . ASN A 1 97  ? 4.165   19.927  11.467  1.00 37.32  ? 95  ASN A N     1 
ATOM   718  C CA    . ASN A 1 97  ? 5.545   19.829  11.931  1.00 54.73  ? 95  ASN A CA    1 
ATOM   719  C C     . ASN A 1 97  ? 6.279   18.773  11.091  1.00 49.64  ? 95  ASN A C     1 
ATOM   720  O O     . ASN A 1 97  ? 5.784   17.654  10.946  1.00 42.34  ? 95  ASN A O     1 
ATOM   721  C CB    . ASN A 1 97  ? 5.599   19.482  13.421  1.00 34.40  ? 95  ASN A CB    1 
ATOM   722  C CG    . ASN A 1 97  ? 7.021   19.305  13.927  1.00 56.94  ? 95  ASN A CG    1 
ATOM   723  O OD1   . ASN A 1 97  ? 7.601   18.224  13.827  1.00 42.75  ? 95  ASN A OD1   1 
ATOM   724  N ND2   . ASN A 1 97  ? 7.586   20.370  14.477  1.00 60.70  ? 95  ASN A ND2   1 
ATOM   725  N N     . PRO A 1 98  ? 7.446   19.135  10.518  1.00 55.25  ? 96  PRO A N     1 
ATOM   726  C CA    . PRO A 1 98  ? 8.192   18.233  9.632   1.00 50.89  ? 96  PRO A CA    1 
ATOM   727  C C     . PRO A 1 98  ? 8.541   16.881  10.261  1.00 52.64  ? 96  PRO A C     1 
ATOM   728  O O     . PRO A 1 98  ? 8.400   15.851  9.599   1.00 44.02  ? 96  PRO A O     1 
ATOM   729  C CB    . PRO A 1 98  ? 9.457   19.028  9.304   1.00 59.44  ? 96  PRO A CB    1 
ATOM   730  C CG    . PRO A 1 98  ? 9.043   20.453  9.450   1.00 51.50  ? 96  PRO A CG    1 
ATOM   731  C CD    . PRO A 1 98  ? 8.097   20.455  10.617  1.00 52.90  ? 96  PRO A CD    1 
ATOM   732  N N     . PHE A 1 99  ? 8.969   16.880  11.524  1.00 41.79  ? 97  PHE A N     1 
ATOM   733  C CA    . PHE A 1 99  ? 9.282   15.634  12.228  1.00 42.92  ? 97  PHE A CA    1 
ATOM   734  C C     . PHE A 1 99  ? 8.039   14.768  12.434  1.00 46.22  ? 97  PHE A C     1 
ATOM   735  O O     . PHE A 1 99  ? 8.094   13.547  12.274  1.00 35.07  ? 97  PHE A O     1 
ATOM   736  C CB    . PHE A 1 99  ? 9.972   15.892  13.574  1.00 38.32  ? 97  PHE A CB    1 
ATOM   737  C CG    . PHE A 1 99  ? 10.181  14.643  14.391  1.00 41.57  ? 97  PHE A CG    1 
ATOM   738  C CD1   . PHE A 1 99  ? 11.194  13.743  14.067  1.00 69.71  ? 97  PHE A CD1   1 
ATOM   739  C CD2   . PHE A 1 99  ? 9.352   14.353  15.473  1.00 63.74  ? 97  PHE A CD2   1 
ATOM   740  C CE1   . PHE A 1 99  ? 11.381  12.584  14.807  1.00 54.20  ? 97  PHE A CE1   1 
ATOM   741  C CE2   . PHE A 1 99  ? 9.535   13.196  16.219  1.00 80.23  ? 97  PHE A CE2   1 
ATOM   742  C CZ    . PHE A 1 99  ? 10.552  12.312  15.887  1.00 69.52  ? 97  PHE A CZ    1 
ATOM   743  N N     . VAL A 1 100 ? 6.931   15.406  12.801  1.00 34.32  ? 98  VAL A N     1 
ATOM   744  C CA    . VAL A 1 100 ? 5.662   14.710  13.006  1.00 33.85  ? 98  VAL A CA    1 
ATOM   745  C C     . VAL A 1 100 ? 5.171   14.080  11.692  1.00 35.44  ? 98  VAL A C     1 
ATOM   746  O O     . VAL A 1 100 ? 4.716   12.932  11.685  1.00 27.03  ? 98  VAL A O     1 
ATOM   747  C CB    . VAL A 1 100 ? 4.595   15.647  13.627  1.00 42.23  ? 98  VAL A CB    1 
ATOM   748  C CG1   . VAL A 1 100 ? 3.219   14.993  13.633  1.00 37.76  ? 98  VAL A CG1   1 
ATOM   749  C CG2   . VAL A 1 100 ? 4.998   16.043  15.046  1.00 42.23  ? 98  VAL A CG2   1 
ATOM   750  N N     . ALA A 1 101 ? 5.285   14.828  10.592  1.00 33.56  ? 99  ALA A N     1 
ATOM   751  C CA    . ALA A 1 101 ? 4.933   14.330  9.261   1.00 37.21  ? 99  ALA A CA    1 
ATOM   752  C C     . ALA A 1 101 ? 5.780   13.112  8.894   1.00 37.70  ? 99  ALA A C     1 
ATOM   753  O O     . ALA A 1 101 ? 5.246   12.098  8.459   1.00 27.12  ? 99  ALA A O     1 
ATOM   754  C CB    . ALA A 1 101 ? 5.082   15.425  8.212   1.00 29.27  ? 99  ALA A CB    1 
ATOM   755  N N     . TRP A 1 102 ? 7.095   13.222  9.088   1.00 26.15  ? 100 TRP A N     1 
ATOM   756  C CA    . TRP A 1 102 ? 8.033   12.118  8.867   1.00 28.89  ? 100 TRP A CA    1 
ATOM   757  C C     . TRP A 1 102 ? 7.583   10.854  9.578   1.00 29.27  ? 100 TRP A C     1 
ATOM   758  O O     . TRP A 1 102 ? 7.612   9.770   8.993   1.00 29.79  ? 100 TRP A O     1 
ATOM   759  C CB    . TRP A 1 102 ? 9.427   12.485  9.394   1.00 34.70  ? 100 TRP A CB    1 
ATOM   760  C CG    . TRP A 1 102 ? 10.473  12.713  8.355   0.65 46.23  ? 100 TRP A CG    1 
ATOM   761  C CD1   . TRP A 1 102 ? 11.210  13.846  8.173   0.65 54.72  ? 100 TRP A CD1   1 
ATOM   762  C CD2   . TRP A 1 102 ? 10.932  11.772  7.372   0.65 67.62  ? 100 TRP A CD2   1 
ATOM   763  N NE1   . TRP A 1 102 ? 12.091  13.677  7.133   0.65 46.07  ? 100 TRP A NE1   1 
ATOM   764  C CE2   . TRP A 1 102 ? 11.942  12.413  6.624   0.65 63.65  ? 100 TRP A CE2   1 
ATOM   765  C CE3   . TRP A 1 102 ? 10.582  10.453  7.048   0.65 40.18  ? 100 TRP A CE3   1 
ATOM   766  C CZ2   . TRP A 1 102 ? 12.607  11.781  5.568   0.65 64.88  ? 100 TRP A CZ2   1 
ATOM   767  C CZ3   . TRP A 1 102 ? 11.240  9.826   5.997   0.65 37.37  ? 100 TRP A CZ3   1 
ATOM   768  C CH2   . TRP A 1 102 ? 12.243  10.494  5.269   0.65 53.00  ? 100 TRP A CH2   1 
ATOM   769  N N     . MET A 1 103 ? 7.176   11.006  10.841  1.00 27.99  ? 101 MET A N     1 
ATOM   770  C CA    . MET A 1 103 ? 6.712   9.894   11.664  0.99 30.76  ? 101 MET A CA    1 
ATOM   771  C C     . MET A 1 103 ? 5.452   9.233   11.111  1.00 24.43  ? 101 MET A C     1 
ATOM   772  O O     . MET A 1 103 ? 5.375   8.014   11.104  1.00 26.18  ? 101 MET A O     1 
ATOM   773  C CB    . MET A 1 103 ? 6.495   10.321  13.124  1.00 35.21  ? 101 MET A CB    1 
ATOM   774  C CG    . MET A 1 103 ? 7.775   10.542  13.930  1.00 55.65  ? 101 MET A CG    1 
ATOM   775  S SD    . MET A 1 103 ? 8.878   9.109   13.990  1.00 75.12  ? 101 MET A SD    1 
ATOM   776  C CE    . MET A 1 103 ? 10.136  9.575   12.797  1.00 47.29  ? 101 MET A CE    1 
ATOM   777  N N     . HIS A 1 104 ? 4.477   10.030  10.666  1.00 24.17  ? 102 HIS A N     1 
ATOM   778  C CA    . HIS A 1 104 ? 3.284   9.489   9.992   1.00 24.85  ? 102 HIS A CA    1 
ATOM   779  C C     . HIS A 1 104 ? 3.688   8.649   8.777   1.00 23.95  ? 102 HIS A C     1 
ATOM   780  O O     . HIS A 1 104 ? 3.232   7.514   8.621   1.00 24.65  ? 102 HIS A O     1 
ATOM   781  C CB    . HIS A 1 104 ? 2.346   10.615  9.527   1.00 24.78  ? 102 HIS A CB    1 
ATOM   782  C CG    . HIS A 1 104 ? 1.497   11.199  10.616  1.00 29.23  ? 102 HIS A CG    1 
ATOM   783  N ND1   . HIS A 1 104 ? 1.996   12.068  11.564  1.00 29.61  ? 102 HIS A ND1   1 
ATOM   784  C CD2   . HIS A 1 104 ? 0.175   11.071  10.884  1.00 24.92  ? 102 HIS A CD2   1 
ATOM   785  C CE1   . HIS A 1 104 ? 1.024   12.430  12.385  1.00 24.28  ? 102 HIS A CE1   1 
ATOM   786  N NE2   . HIS A 1 104 ? -0.092  11.840  11.994  1.00 27.48  ? 102 HIS A NE2   1 
ATOM   787  N N     . PHE A 1 105 ? 4.537   9.214   7.917   1.00 19.78  ? 103 PHE A N     1 
ATOM   788  C CA    . PHE A 1 105 ? 4.919   8.534   6.673   1.00 25.42  ? 103 PHE A CA    1 
ATOM   789  C C     . PHE A 1 105 ? 5.744   7.272   6.926   1.00 29.88  ? 103 PHE A C     1 
ATOM   790  O O     . PHE A 1 105 ? 5.572   6.280   6.222   1.00 23.75  ? 103 PHE A O     1 
ATOM   791  C CB    . PHE A 1 105 ? 5.691   9.460   5.721   1.00 27.17  ? 103 PHE A CB    1 
ATOM   792  C CG    . PHE A 1 105 ? 5.016   10.777  5.438   1.00 26.02  ? 103 PHE A CG    1 
ATOM   793  C CD1   . PHE A 1 105 ? 3.622   10.890  5.383   1.00 22.21  ? 103 PHE A CD1   1 
ATOM   794  C CD2   . PHE A 1 105 ? 5.790   11.911  5.184   1.00 21.66  ? 103 PHE A CD2   1 
ATOM   795  C CE1   . PHE A 1 105 ? 3.020   12.111  5.101   1.00 24.49  ? 103 PHE A CE1   1 
ATOM   796  C CE2   . PHE A 1 105 ? 5.194   13.133  4.913   1.00 21.89  ? 103 PHE A CE2   1 
ATOM   797  C CZ    . PHE A 1 105 ? 3.804   13.232  4.863   1.00 22.36  ? 103 PHE A CZ    1 
ATOM   798  N N     . LEU A 1 106 ? 6.636   7.323   7.921   1.00 26.15  ? 104 LEU A N     1 
ATOM   799  C CA    A LEU A 1 106 ? 7.515   6.194   8.251   0.50 30.45  ? 104 LEU A CA    1 
ATOM   800  C CA    B LEU A 1 106 ? 7.507   6.190   8.242   0.50 30.16  ? 104 LEU A CA    1 
ATOM   801  C C     . LEU A 1 106 ? 6.747   5.024   8.863   1.00 22.60  ? 104 LEU A C     1 
ATOM   802  O O     . LEU A 1 106 ? 6.984   3.867   8.510   1.00 26.09  ? 104 LEU A O     1 
ATOM   803  C CB    A LEU A 1 106 ? 8.647   6.638   9.193   0.50 28.54  ? 104 LEU A CB    1 
ATOM   804  C CB    B LEU A 1 106 ? 8.658   6.618   9.158   0.50 30.05  ? 104 LEU A CB    1 
ATOM   805  C CG    A LEU A 1 106 ? 9.706   5.605   9.602   0.50 27.94  ? 104 LEU A CG    1 
ATOM   806  C CG    B LEU A 1 106 ? 9.920   7.118   8.454   0.50 31.45  ? 104 LEU A CG    1 
ATOM   807  C CD1   A LEU A 1 106 ? 10.366  4.977   8.382   0.50 26.25  ? 104 LEU A CD1   1 
ATOM   808  C CD1   B LEU A 1 106 ? 10.941  7.604   9.472   0.50 52.31  ? 104 LEU A CD1   1 
ATOM   809  C CD2   A LEU A 1 106 ? 10.750  6.232   10.513  0.50 36.36  ? 104 LEU A CD2   1 
ATOM   810  C CD2   B LEU A 1 106 ? 10.517  6.031   7.571   0.50 29.38  ? 104 LEU A CD2   1 
ATOM   811  N N     . VAL A 1 107 ? 5.842   5.334   9.788   1.00 22.21  ? 105 VAL A N     1 
ATOM   812  C CA    . VAL A 1 107 ? 4.992   4.314   10.395  1.00 25.42  ? 105 VAL A CA    1 
ATOM   813  C C     . VAL A 1 107 ? 4.150   3.642   9.304   1.00 25.91  ? 105 VAL A C     1 
ATOM   814  O O     . VAL A 1 107 ? 4.020   2.424   9.296   1.00 22.94  ? 105 VAL A O     1 
ATOM   815  C CB    . VAL A 1 107 ? 4.102   4.882   11.526  1.00 25.13  ? 105 VAL A CB    1 
ATOM   816  C CG1   . VAL A 1 107 ? 3.030   3.880   11.933  1.00 21.51  ? 105 VAL A CG1   1 
ATOM   817  C CG2   . VAL A 1 107 ? 4.957   5.240   12.738  1.00 27.42  ? 105 VAL A CG2   1 
ATOM   818  N N     . PHE A 1 108 ? 3.615   4.428   8.366   1.00 22.14  ? 106 PHE A N     1 
ATOM   819  C CA    . PHE A 1 108 ? 2.858   3.838   7.259   1.00 23.90  ? 106 PHE A CA    1 
ATOM   820  C C     . PHE A 1 108 ? 3.733   2.950   6.379   1.00 24.88  ? 106 PHE A C     1 
ATOM   821  O O     . PHE A 1 108 ? 3.339   1.846   6.027   1.00 24.16  ? 106 PHE A O     1 
ATOM   822  C CB    . PHE A 1 108 ? 2.156   4.889   6.391   1.00 21.67  ? 106 PHE A CB    1 
ATOM   823  C CG    . PHE A 1 108 ? 1.182   4.284   5.418   1.00 21.66  ? 106 PHE A CG    1 
ATOM   824  C CD1   . PHE A 1 108 ? -0.027  3.763   5.870   1.00 18.35  ? 106 PHE A CD1   1 
ATOM   825  C CD2   . PHE A 1 108 ? 1.487   4.188   4.068   1.00 15.94  ? 106 PHE A CD2   1 
ATOM   826  C CE1   . PHE A 1 108 ? -0.928  3.177   4.989   1.00 21.18  ? 106 PHE A CE1   1 
ATOM   827  C CE2   . PHE A 1 108 ? 0.583   3.603   3.178   1.00 20.12  ? 106 PHE A CE2   1 
ATOM   828  C CZ    . PHE A 1 108 ? -0.622  3.103   3.641   1.00 23.47  ? 106 PHE A CZ    1 
ATOM   829  N N     . LEU A 1 109 ? 4.915   3.442   6.014   1.00 18.89  ? 107 LEU A N     1 
ATOM   830  C CA    . LEU A 1 109 ? 5.828   2.683   5.163   1.00 19.88  ? 107 LEU A CA    1 
ATOM   831  C C     . LEU A 1 109 ? 6.245   1.358   5.809   1.00 20.63  ? 107 LEU A C     1 
ATOM   832  O O     . LEU A 1 109 ? 6.136   0.301   5.186   1.00 21.60  ? 107 LEU A O     1 
ATOM   833  C CB    . LEU A 1 109 ? 7.065   3.524   4.814   1.00 27.53  ? 107 LEU A CB    1 
ATOM   834  C CG    . LEU A 1 109 ? 8.230   2.824   4.104   1.00 28.40  ? 107 LEU A CG    1 
ATOM   835  C CD1   . LEU A 1 109 ? 7.843   2.438   2.683   1.00 26.51  ? 107 LEU A CD1   1 
ATOM   836  C CD2   . LEU A 1 109 ? 9.457   3.729   4.095   1.00 27.30  ? 107 LEU A CD2   1 
ATOM   837  N N     . VAL A 1 110 ? 6.736   1.422   7.044   1.00 21.81  ? 108 VAL A N     1 
ATOM   838  C CA    . VAL A 1 110 ? 7.186   0.219   7.752   1.00 23.29  ? 108 VAL A CA    1 
ATOM   839  C C     . VAL A 1 110 ? 6.015   -0.741  7.987   1.00 24.45  ? 108 VAL A C     1 
ATOM   840  O O     . VAL A 1 110 ? 6.139   -1.934  7.735   1.00 22.73  ? 108 VAL A O     1 
ATOM   841  C CB    . VAL A 1 110 ? 7.909   0.555   9.079   1.00 25.66  ? 108 VAL A CB    1 
ATOM   842  C CG1   . VAL A 1 110 ? 8.190   -0.709  9.895   1.00 24.35  ? 108 VAL A CG1   1 
ATOM   843  C CG2   . VAL A 1 110 ? 9.204   1.313   8.795   1.00 24.61  ? 108 VAL A CG2   1 
ATOM   844  N N     . GLY A 1 111 ? 4.885   -0.213  8.453   1.00 19.33  ? 109 GLY A N     1 
ATOM   845  C CA    . GLY A 1 111 ? 3.683   -1.027  8.650   1.00 20.96  ? 109 GLY A CA    1 
ATOM   846  C C     . GLY A 1 111 ? 3.236   -1.768  7.393   1.00 23.87  ? 109 GLY A C     1 
ATOM   847  O O     . GLY A 1 111 ? 2.914   -2.952  7.445   1.00 21.17  ? 109 GLY A O     1 
ATOM   848  N N     . ARG A 1 112 ? 3.217   -1.074  6.256   1.00 18.83  ? 110 ARG A N     1 
ATOM   849  C CA    . ARG A 1 112 ? 2.793   -1.700  4.996   1.00 15.96  ? 110 ARG A CA    1 
ATOM   850  C C     . ARG A 1 112 ? 3.790   -2.717  4.454   1.00 16.86  ? 110 ARG A C     1 
ATOM   851  O O     . ARG A 1 112 ? 3.390   -3.759  3.953   1.00 18.79  ? 110 ARG A O     1 
ATOM   852  C CB    . ARG A 1 112 ? 2.465   -0.637  3.931   1.00 15.26  ? 110 ARG A CB    1 
ATOM   853  C CG    . ARG A 1 112 ? 1.199   0.169   4.235   1.00 20.68  ? 110 ARG A CG    1 
ATOM   854  C CD    . ARG A 1 112 ? -0.014  -0.693  4.617   1.00 20.49  ? 110 ARG A CD    1 
ATOM   855  N NE    . ARG A 1 112 ? -0.357  -1.736  3.637   1.00 21.62  ? 110 ARG A NE    1 
ATOM   856  C CZ    . ARG A 1 112 ? -1.383  -2.586  3.761   1.00 22.89  ? 110 ARG A CZ    1 
ATOM   857  N NH1   . ARG A 1 112 ? -2.191  -2.524  4.820   1.00 21.94  ? 110 ARG A NH1   1 
ATOM   858  N NH2   . ARG A 1 112 ? -1.607  -3.506  2.824   1.00 21.67  ? 110 ARG A NH2   1 
ATOM   859  N N     . VAL A 1 113 ? 5.087   -2.424  4.547   1.00 20.88  ? 111 VAL A N     1 
ATOM   860  C CA    . VAL A 1 113 ? 6.095   -3.398  4.112   1.00 20.29  ? 111 VAL A CA    1 
ATOM   861  C C     . VAL A 1 113 ? 6.000   -4.670  4.985   1.00 20.86  ? 111 VAL A C     1 
ATOM   862  O O     . VAL A 1 113 ? 5.986   -5.798  4.465   1.00 23.17  ? 111 VAL A O     1 
ATOM   863  C CB    . VAL A 1 113 ? 7.531   -2.810  4.116   1.00 23.39  ? 111 VAL A CB    1 
ATOM   864  C CG1   . VAL A 1 113 ? 8.559   -3.923  3.921   1.00 22.18  ? 111 VAL A CG1   1 
ATOM   865  C CG2   . VAL A 1 113 ? 7.690   -1.742  3.027   1.00 22.98  ? 111 VAL A CG2   1 
ATOM   866  N N     . ALA A 1 114 ? 5.900   -4.475  6.298   1.00 19.88  ? 112 ALA A N     1 
ATOM   867  C CA    . ALA A 1 114 ? 5.713   -5.582  7.239   1.00 22.45  ? 112 ALA A CA    1 
ATOM   868  C C     . ALA A 1 114 ? 4.422   -6.359  6.956   1.00 22.86  ? 112 ALA A C     1 
ATOM   869  O O     . ALA A 1 114 ? 4.391   -7.581  7.079   1.00 23.21  ? 112 ALA A O     1 
ATOM   870  C CB    . ALA A 1 114 ? 5.734   -5.083  8.683   1.00 19.60  ? 112 ALA A CB    1 
ATOM   871  N N     . HIS A 1 115 ? 3.369   -5.651  6.563   1.00 20.10  ? 113 HIS A N     1 
ATOM   872  C CA    . HIS A 1 115 ? 2.103   -6.309  6.228   1.00 20.14  ? 113 HIS A CA    1 
ATOM   873  C C     . HIS A 1 115 ? 2.275   -7.297  5.079   1.00 17.12  ? 113 HIS A C     1 
ATOM   874  O O     . HIS A 1 115 ? 1.798   -8.423  5.157   1.00 19.99  ? 113 HIS A O     1 
ATOM   875  C CB    . HIS A 1 115 ? 1.022   -5.273  5.890   1.00 16.18  ? 113 HIS A CB    1 
ATOM   876  C CG    . HIS A 1 115 ? -0.327  -5.869  5.619   1.00 19.51  ? 113 HIS A CG    1 
ATOM   877  N ND1   . HIS A 1 115 ? -0.711  -6.311  4.370   1.00 18.52  ? 113 HIS A ND1   1 
ATOM   878  C CD2   . HIS A 1 115 ? -1.384  -6.089  6.438   1.00 20.38  ? 113 HIS A CD2   1 
ATOM   879  C CE1   . HIS A 1 115 ? -1.951  -6.767  4.428   1.00 21.11  ? 113 HIS A CE1   1 
ATOM   880  N NE2   . HIS A 1 115 ? -2.385  -6.638  5.671   1.00 18.02  ? 113 HIS A NE2   1 
ATOM   881  N N     . THR A 1 116 ? 2.945   -6.865  4.013   1.00 15.49  ? 114 THR A N     1 
ATOM   882  C CA    . THR A 1 116 ? 3.180   -7.716  2.846   1.00 19.72  ? 114 THR A CA    1 
ATOM   883  C C     . THR A 1 116 ? 4.089   -8.908  3.196   1.00 22.08  ? 114 THR A C     1 
ATOM   884  O O     . THR A 1 116 ? 3.853   -10.032 2.749   1.00 19.74  ? 114 THR A O     1 
ATOM   885  C CB    . THR A 1 116 ? 3.782   -6.899  1.674   1.00 22.32  ? 114 THR A CB    1 
ATOM   886  O OG1   . THR A 1 116 ? 2.879   -5.842  1.331   1.00 21.53  ? 114 THR A OG1   1 
ATOM   887  C CG2   . THR A 1 116 ? 4.003   -7.791  0.435   1.00 17.05  ? 114 THR A CG2   1 
ATOM   888  N N     . VAL A 1 117 ? 5.125   -8.659  3.994   1.00 20.02  ? 115 VAL A N     1 
ATOM   889  C CA    . VAL A 1 117 ? 5.989   -9.736  4.477   1.00 24.87  ? 115 VAL A CA    1 
ATOM   890  C C     . VAL A 1 117 ? 5.176   -10.745 5.306   1.00 20.66  ? 115 VAL A C     1 
ATOM   891  O O     . VAL A 1 117 ? 5.269   -11.952 5.074   1.00 22.65  ? 115 VAL A O     1 
ATOM   892  C CB    . VAL A 1 117 ? 7.197   -9.205  5.293   1.00 29.73  ? 115 VAL A CB    1 
ATOM   893  C CG1   . VAL A 1 117 ? 7.965   -10.359 5.932   1.00 25.08  ? 115 VAL A CG1   1 
ATOM   894  C CG2   . VAL A 1 117 ? 8.127   -8.385  4.401   1.00 25.96  ? 115 VAL A CG2   1 
ATOM   895  N N     . ALA A 1 118 ? 4.381   -10.243 6.253   1.00 18.17  ? 116 ALA A N     1 
ATOM   896  C CA    . ALA A 1 118 ? 3.526   -11.096 7.073   1.00 22.19  ? 116 ALA A CA    1 
ATOM   897  C C     . ALA A 1 118 ? 2.507   -11.875 6.240   1.00 30.49  ? 116 ALA A C     1 
ATOM   898  O O     . ALA A 1 118 ? 2.242   -13.042 6.526   1.00 22.21  ? 116 ALA A O     1 
ATOM   899  C CB    . ALA A 1 118 ? 2.820   -10.283 8.151   1.00 19.80  ? 116 ALA A CB    1 
ATOM   900  N N     . TYR A 1 119 ? 1.945   -11.235 5.211   1.00 18.40  ? 117 TYR A N     1 
ATOM   901  C CA    . TYR A 1 119 ? 0.923   -11.885 4.386   1.00 18.19  ? 117 TYR A CA    1 
ATOM   902  C C     . TYR A 1 119 ? 1.516   -12.991 3.515   1.00 19.00  ? 117 TYR A C     1 
ATOM   903  O O     . TYR A 1 119 ? 1.078   -14.148 3.574   1.00 22.15  ? 117 TYR A O     1 
ATOM   904  C CB    . TYR A 1 119 ? 0.199   -10.875 3.478   1.00 20.99  ? 117 TYR A CB    1 
ATOM   905  C CG    . TYR A 1 119 ? -1.274  -11.183 3.324   1.00 22.33  ? 117 TYR A CG    1 
ATOM   906  C CD1   . TYR A 1 119 ? -1.760  -12.474 3.529   1.00 26.08  ? 117 TYR A CD1   1 
ATOM   907  C CD2   . TYR A 1 119 ? -2.186  -10.180 2.987   1.00 24.13  ? 117 TYR A CD2   1 
ATOM   908  C CE1   . TYR A 1 119 ? -3.108  -12.760 3.414   1.00 23.35  ? 117 TYR A CE1   1 
ATOM   909  C CE2   . TYR A 1 119 ? -3.541  -10.461 2.863   1.00 23.00  ? 117 TYR A CE2   1 
ATOM   910  C CZ    . TYR A 1 119 ? -3.991  -11.753 3.081   1.00 24.49  ? 117 TYR A CZ    1 
ATOM   911  O OH    . TYR A 1 119 ? -5.327  -12.054 2.986   1.00 23.58  ? 117 TYR A OH    1 
ATOM   912  N N     . LEU A 1 120 ? 2.499   -12.621 2.695   1.00 20.48  ? 118 LEU A N     1 
ATOM   913  C CA    . LEU A 1 120 ? 3.098   -13.553 1.738   1.00 19.96  ? 118 LEU A CA    1 
ATOM   914  C C     . LEU A 1 120 ? 3.951   -14.622 2.415   1.00 28.81  ? 118 LEU A C     1 
ATOM   915  O O     . LEU A 1 120 ? 4.085   -15.736 1.899   1.00 24.96  ? 118 LEU A O     1 
ATOM   916  C CB    . LEU A 1 120 ? 3.914   -12.797 0.680   1.00 23.90  ? 118 LEU A CB    1 
ATOM   917  C CG    . LEU A 1 120 ? 3.153   -11.770 -0.184  1.00 24.05  ? 118 LEU A CG    1 
ATOM   918  C CD1   . LEU A 1 120 ? 4.070   -11.164 -1.243  1.00 20.18  ? 118 LEU A CD1   1 
ATOM   919  C CD2   . LEU A 1 120 ? 1.904   -12.355 -0.842  1.00 24.99  ? 118 LEU A CD2   1 
ATOM   920  N N     . GLY A 1 121 ? 4.521   -14.275 3.567   1.00 23.94  ? 119 GLY A N     1 
ATOM   921  C CA    . GLY A 1 121 ? 5.346   -15.202 4.338   1.00 25.08  ? 119 GLY A CA    1 
ATOM   922  C C     . GLY A 1 121 ? 4.538   -16.086 5.270   1.00 26.30  ? 119 GLY A C     1 
ATOM   923  O O     . GLY A 1 121 ? 5.104   -16.912 5.985   1.00 33.40  ? 119 GLY A O     1 
ATOM   924  N N     . LYS A 1 122 ? 3.217   -15.904 5.264   1.00 26.80  ? 120 LYS A N     1 
ATOM   925  C CA    . LYS A 1 122 ? 2.281   -16.736 6.045   1.00 27.99  ? 120 LYS A CA    1 
ATOM   926  C C     . LYS A 1 122 ? 2.603   -16.727 7.541   1.00 32.57  ? 120 LYS A C     1 
ATOM   927  O O     . LYS A 1 122 ? 2.554   -17.766 8.203   1.00 30.42  ? 120 LYS A O     1 
ATOM   928  C CB    . LYS A 1 122 ? 2.247   -18.181 5.507   1.00 27.84  ? 120 LYS A CB    1 
ATOM   929  C CG    . LYS A 1 122 ? 1.961   -18.275 4.017   1.00 31.64  ? 120 LYS A CG    1 
ATOM   930  C CD    . LYS A 1 122 ? 1.987   -19.708 3.512   1.00 34.75  ? 120 LYS A CD    1 
ATOM   931  C CE    . LYS A 1 122 ? 1.981   -19.720 1.989   1.00 35.23  ? 120 LYS A CE    1 
ATOM   932  N NZ    . LYS A 1 122 ? 1.877   -21.091 1.415   1.00 47.10  ? 120 LYS A NZ    1 
ATOM   933  N N     . LEU A 1 123 ? 2.940   -15.552 8.066   1.00 25.74  ? 121 LEU A N     1 
ATOM   934  C CA    . LEU A 1 123 ? 3.291   -15.420 9.476   1.00 22.42  ? 121 LEU A CA    1 
ATOM   935  C C     . LEU A 1 123 ? 2.068   -15.633 10.349  1.00 31.11  ? 121 LEU A C     1 
ATOM   936  O O     . LEU A 1 123 ? 0.953   -15.357 9.925   1.00 23.89  ? 121 LEU A O     1 
ATOM   937  C CB    . LEU A 1 123 ? 3.928   -14.053 9.756   1.00 23.78  ? 121 LEU A CB    1 
ATOM   938  C CG    . LEU A 1 123 ? 5.264   -13.761 9.053   1.00 34.56  ? 121 LEU A CG    1 
ATOM   939  C CD1   . LEU A 1 123 ? 5.910   -12.505 9.636   1.00 30.39  ? 121 LEU A CD1   1 
ATOM   940  C CD2   . LEU A 1 123 ? 6.225   -14.944 9.113   1.00 30.61  ? 121 LEU A CD2   1 
ATOM   941  N N     . ARG A 1 124 ? 2.279   -16.130 11.567  1.00 27.54  ? 122 ARG A N     1 
ATOM   942  C CA    . ARG A 1 124 ? 1.171   -16.435 12.470  1.00 26.10  ? 122 ARG A CA    1 
ATOM   943  C C     . ARG A 1 124 ? 0.352   -15.188 12.841  1.00 23.25  ? 122 ARG A C     1 
ATOM   944  O O     . ARG A 1 124 ? 0.884   -14.081 12.931  1.00 24.77  ? 122 ARG A O     1 
ATOM   945  C CB    . ARG A 1 124 ? 1.695   -17.117 13.746  1.00 22.97  ? 122 ARG A CB    1 
ATOM   946  C CG    . ARG A 1 124 ? 2.474   -16.189 14.668  1.00 29.26  ? 122 ARG A CG    1 
ATOM   947  C CD    . ARG A 1 124 ? 3.101   -16.947 15.827  1.00 40.47  ? 122 ARG A CD    1 
ATOM   948  N NE    . ARG A 1 124 ? 3.709   -16.036 16.793  1.00 40.89  ? 122 ARG A NE    1 
ATOM   949  C CZ    . ARG A 1 124 ? 4.939   -15.540 16.694  1.00 61.86  ? 122 ARG A CZ    1 
ATOM   950  N NH1   . ARG A 1 124 ? 5.715   -15.862 15.667  1.00 52.00  ? 122 ARG A NH1   1 
ATOM   951  N NH2   . ARG A 1 124 ? 5.396   -14.717 17.629  1.00 90.51  ? 122 ARG A NH2   1 
ATOM   952  N N     . ALA A 1 125 ? -0.943  -15.389 13.047  1.00 23.89  ? 123 ALA A N     1 
ATOM   953  C CA    . ALA A 1 125 ? -1.828  -14.345 13.548  1.00 24.70  ? 123 ALA A CA    1 
ATOM   954  C C     . ALA A 1 125 ? -1.416  -13.984 14.975  1.00 30.78  ? 123 ALA A C     1 
ATOM   955  O O     . ALA A 1 125 ? -0.904  -14.839 15.697  1.00 32.01  ? 123 ALA A O     1 
ATOM   956  C CB    . ALA A 1 125 ? -3.270  -14.828 13.517  1.00 21.93  ? 123 ALA A CB    1 
ATOM   957  N N     . PRO A 1 126 ? -1.628  -12.722 15.387  1.00 34.10  ? 124 PRO A N     1 
ATOM   958  C CA    . PRO A 1 126 ? -2.231  -11.638 14.612  1.00 27.65  ? 124 PRO A CA    1 
ATOM   959  C C     . PRO A 1 126 ? -1.188  -10.674 14.017  1.00 22.90  ? 124 PRO A C     1 
ATOM   960  O O     . PRO A 1 126 ? -1.441  -9.468  13.932  1.00 25.78  ? 124 PRO A O     1 
ATOM   961  C CB    . PRO A 1 126 ? -3.067  -10.916 15.673  1.00 26.98  ? 124 PRO A CB    1 
ATOM   962  C CG    . PRO A 1 126 ? -2.227  -11.044 16.921  1.00 30.69  ? 124 PRO A CG    1 
ATOM   963  C CD    . PRO A 1 126 ? -1.386  -12.303 16.783  1.00 28.36  ? 124 PRO A CD    1 
ATOM   964  N N     . ILE A 1 127 ? -0.028  -11.192 13.614  1.00 20.30  ? 125 ILE A N     1 
ATOM   965  C CA    . ILE A 1 127 ? 1.052   -10.319 13.128  1.00 19.92  ? 125 ILE A CA    1 
ATOM   966  C C     . ILE A 1 127 ? 0.568   -9.440  11.971  1.00 27.44  ? 125 ILE A C     1 
ATOM   967  O O     . ILE A 1 127 ? 0.714   -8.223  12.027  1.00 22.12  ? 125 ILE A O     1 
ATOM   968  C CB    . ILE A 1 127 ? 2.326   -11.109 12.741  1.00 22.80  ? 125 ILE A CB    1 
ATOM   969  C CG1   . ILE A 1 127 ? 2.976   -11.707 14.004  1.00 25.23  ? 125 ILE A CG1   1 
ATOM   970  C CG2   . ILE A 1 127 ? 3.316   -10.213 11.980  1.00 21.74  ? 125 ILE A CG2   1 
ATOM   971  C CD1   . ILE A 1 127 ? 4.085   -12.708 13.724  1.00 28.84  ? 125 ILE A CD1   1 
ATOM   972  N N     . ARG A 1 128 ? -0.016  -10.055 10.939  1.00 24.03  ? 126 ARG A N     1 
ATOM   973  C CA    . ARG A 1 128 ? -0.529  -9.295  9.794   1.00 24.09  ? 126 ARG A CA    1 
ATOM   974  C C     . ARG A 1 128 ? -1.577  -8.269  10.232  1.00 25.68  ? 126 ARG A C     1 
ATOM   975  O O     . ARG A 1 128 ? -1.574  -7.116  9.779   1.00 22.18  ? 126 ARG A O     1 
ATOM   976  C CB    . ARG A 1 128 ? -1.133  -10.225 8.730   1.00 20.69  ? 126 ARG A CB    1 
ATOM   977  C CG    . ARG A 1 128 ? -1.380  -9.527  7.391   1.00 22.67  ? 126 ARG A CG    1 
ATOM   978  C CD    . ARG A 1 128 ? -2.346  -10.307 6.505   1.00 19.85  ? 126 ARG A CD    1 
ATOM   979  N NE    . ARG A 1 128 ? -3.702  -10.336 7.057   1.00 23.95  ? 126 ARG A NE    1 
ATOM   980  C CZ    . ARG A 1 128 ? -4.295  -11.404 7.596   1.00 31.86  ? 126 ARG A CZ    1 
ATOM   981  N NH1   . ARG A 1 128 ? -3.686  -12.596 7.662   1.00 25.12  ? 126 ARG A NH1   1 
ATOM   982  N NH2   . ARG A 1 128 ? -5.526  -11.279 8.061   1.00 27.86  ? 126 ARG A NH2   1 
ATOM   983  N N     . SER A 1 129 ? -2.467  -8.687  11.121  1.00 24.79  ? 127 SER A N     1 
ATOM   984  C CA    . SER A 1 129 ? -3.563  -7.834  11.547  1.00 20.12  ? 127 SER A CA    1 
ATOM   985  C C     . SER A 1 129 ? -3.039  -6.620  12.310  1.00 30.46  ? 127 SER A C     1 
ATOM   986  O O     . SER A 1 129 ? -3.537  -5.504  12.139  1.00 26.00  ? 127 SER A O     1 
ATOM   987  C CB    . SER A 1 129 ? -4.568  -8.645  12.372  1.00 27.59  ? 127 SER A CB    1 
ATOM   988  O OG    . SER A 1 129 ? -5.729  -7.888  12.628  1.00 39.71  ? 127 SER A OG    1 
ATOM   989  N N     . VAL A 1 130 ? -2.009  -6.842  13.124  1.00 23.63  ? 128 VAL A N     1 
ATOM   990  C CA    . VAL A 1 130 ? -1.346  -5.763  13.865  1.00 27.75  ? 128 VAL A CA    1 
ATOM   991  C C     . VAL A 1 130 ? -0.665  -4.758  12.927  1.00 25.77  ? 128 VAL A C     1 
ATOM   992  O O     . VAL A 1 130 ? -0.783  -3.546  13.127  1.00 27.55  ? 128 VAL A O     1 
ATOM   993  C CB    . VAL A 1 130 ? -0.329  -6.315  14.894  1.00 29.13  ? 128 VAL A CB    1 
ATOM   994  C CG1   . VAL A 1 130 ? 0.517   -5.196  15.489  1.00 33.11  ? 128 VAL A CG1   1 
ATOM   995  C CG2   . VAL A 1 130 ? -1.060  -7.073  16.002  1.00 30.27  ? 128 VAL A CG2   1 
ATOM   996  N N     . THR A 1 131 ? 0.039   -5.258  11.912  1.00 20.51  ? 129 THR A N     1 
ATOM   997  C CA    . THR A 1 131 ? 0.732   -4.368  10.965  1.00 23.29  ? 129 THR A CA    1 
ATOM   998  C C     . THR A 1 131 ? -0.280  -3.510  10.202  1.00 23.53  ? 129 THR A C     1 
ATOM   999  O O     . THR A 1 131 ? -0.035  -2.336  9.955   1.00 24.22  ? 129 THR A O     1 
ATOM   1000 C CB    . THR A 1 131 ? 1.632   -5.129  9.959   1.00 26.16  ? 129 THR A CB    1 
ATOM   1001 O OG1   . THR A 1 131 ? 0.835   -6.021  9.175   1.00 25.78  ? 129 THR A OG1   1 
ATOM   1002 C CG2   . THR A 1 131 ? 2.731   -5.922  10.675  1.00 26.09  ? 129 THR A CG2   1 
ATOM   1003 N N     . TYR A 1 132 ? -1.419  -4.102  9.848   1.00 18.43  ? 130 TYR A N     1 
ATOM   1004 C CA    . TYR A 1 132 ? -2.502  -3.358  9.207   1.00 20.74  ? 130 TYR A CA    1 
ATOM   1005 C C     . TYR A 1 132 ? -2.994  -2.216  10.085  1.00 25.91  ? 130 TYR A C     1 
ATOM   1006 O O     . TYR A 1 132 ? -3.152  -1.085  9.626   1.00 20.31  ? 130 TYR A O     1 
ATOM   1007 C CB    . TYR A 1 132 ? -3.672  -4.295  8.890   1.00 18.22  ? 130 TYR A CB    1 
ATOM   1008 C CG    . TYR A 1 132 ? -4.927  -3.569  8.494   1.00 20.83  ? 130 TYR A CG    1 
ATOM   1009 C CD1   . TYR A 1 132 ? -5.110  -3.118  7.185   1.00 21.52  ? 130 TYR A CD1   1 
ATOM   1010 C CD2   . TYR A 1 132 ? -5.936  -3.319  9.431   1.00 22.80  ? 130 TYR A CD2   1 
ATOM   1011 C CE1   . TYR A 1 132 ? -6.261  -2.441  6.823   1.00 22.88  ? 130 TYR A CE1   1 
ATOM   1012 C CE2   . TYR A 1 132 ? -7.092  -2.646  9.076   1.00 30.77  ? 130 TYR A CE2   1 
ATOM   1013 C CZ    . TYR A 1 132 ? -7.248  -2.210  7.772   1.00 33.50  ? 130 TYR A CZ    1 
ATOM   1014 O OH    . TYR A 1 132 ? -8.394  -1.545  7.411   1.00 35.41  ? 130 TYR A OH    1 
ATOM   1015 N N     . THR A 1 133 ? -3.265  -2.528  11.348  1.00 21.73  ? 131 THR A N     1 
ATOM   1016 C CA    . THR A 1 133 ? -3.815  -1.552  12.279  1.00 23.50  ? 131 THR A CA    1 
ATOM   1017 C C     . THR A 1 133 ? -2.800  -0.439  12.534  1.00 26.04  ? 131 THR A C     1 
ATOM   1018 O O     . THR A 1 133 ? -3.146  0.756   12.534  1.00 24.31  ? 131 THR A O     1 
ATOM   1019 C CB    . THR A 1 133 ? -4.253  -2.241  13.593  1.00 28.88  ? 131 THR A CB    1 
ATOM   1020 O OG1   . THR A 1 133 ? -5.310  -3.159  13.289  1.00 27.88  ? 131 THR A OG1   1 
ATOM   1021 C CG2   . THR A 1 133 ? -4.746  -1.214  14.623  1.00 28.38  ? 131 THR A CG2   1 
ATOM   1022 N N     . LEU A 1 134 ? -1.542  -0.828  12.713  1.00 21.61  ? 132 LEU A N     1 
ATOM   1023 C CA    . LEU A 1 134 ? -0.486  0.155   12.968  1.00 26.37  ? 132 LEU A CA    1 
ATOM   1024 C C     . LEU A 1 134 ? -0.345  1.127   11.797  1.00 26.68  ? 132 LEU A C     1 
ATOM   1025 O O     . LEU A 1 134 ? -0.210  2.327   12.010  1.00 24.44  ? 132 LEU A O     1 
ATOM   1026 C CB    . LEU A 1 134 ? 0.848   -0.526  13.291  1.00 29.59  ? 132 LEU A CB    1 
ATOM   1027 C CG    . LEU A 1 134 ? 0.950   -1.260  14.637  1.00 58.53  ? 132 LEU A CG    1 
ATOM   1028 C CD1   . LEU A 1 134 ? 2.314   -1.921  14.778  1.00 53.30  ? 132 LEU A CD1   1 
ATOM   1029 C CD2   . LEU A 1 134 ? 0.672   -0.349  15.829  1.00 60.75  ? 132 LEU A CD2   1 
ATOM   1030 N N     . ALA A 1 135 ? -0.405  0.615   10.566  1.00 21.46  ? 133 ALA A N     1 
ATOM   1031 C CA    . ALA A 1 135 ? -0.333  1.483   9.381   1.00 21.31  ? 133 ALA A CA    1 
ATOM   1032 C C     . ALA A 1 135 ? -1.576  2.362   9.206   1.00 20.05  ? 133 ALA A C     1 
ATOM   1033 O O     . ALA A 1 135 ? -1.480  3.466   8.668   1.00 23.18  ? 133 ALA A O     1 
ATOM   1034 C CB    . ALA A 1 135 ? -0.058  0.666   8.120   1.00 19.45  ? 133 ALA A CB    1 
ATOM   1035 N N     . GLN A 1 136 ? -2.733  1.893   9.673   1.00 20.95  ? 134 GLN A N     1 
ATOM   1036 C CA    . GLN A 1 136 ? -3.960  2.681   9.552   1.00 20.85  ? 134 GLN A CA    1 
ATOM   1037 C C     . GLN A 1 136 ? -3.981  3.899   10.478  1.00 19.45  ? 134 GLN A C     1 
ATOM   1038 O O     . GLN A 1 136 ? -4.625  4.892   10.167  1.00 22.42  ? 134 GLN A O     1 
ATOM   1039 C CB    . GLN A 1 136 ? -5.222  1.825   9.767   1.00 18.99  ? 134 GLN A CB    1 
ATOM   1040 C CG    . GLN A 1 136 ? -5.551  0.887   8.608   1.00 23.64  ? 134 GLN A CG    1 
ATOM   1041 C CD    . GLN A 1 136 ? -5.613  1.607   7.267   1.00 38.24  ? 134 GLN A CD    1 
ATOM   1042 O OE1   . GLN A 1 136 ? -4.611  1.710   6.553   1.00 30.58  ? 134 GLN A OE1   1 
ATOM   1043 N NE2   . GLN A 1 136 ? -6.784  2.124   6.931   1.00 40.13  ? 134 GLN A NE2   1 
ATOM   1044 N N     . LEU A 1 137 ? -3.264  3.819   11.599  1.00 20.61  ? 135 LEU A N     1 
ATOM   1045 C CA    . LEU A 1 137 ? -3.207  4.927   12.565  1.00 20.45  ? 135 LEU A CA    1 
ATOM   1046 C C     . LEU A 1 137 ? -2.760  6.270   11.964  1.00 21.82  ? 135 LEU A C     1 
ATOM   1047 O O     . LEU A 1 137 ? -3.480  7.264   12.100  1.00 22.41  ? 135 LEU A O     1 
ATOM   1048 C CB    . LEU A 1 137 ? -2.353  4.560   13.788  1.00 27.23  ? 135 LEU A CB    1 
ATOM   1049 C CG    . LEU A 1 137 ? -2.915  3.489   14.735  1.00 39.12  ? 135 LEU A CG    1 
ATOM   1050 C CD1   . LEU A 1 137 ? -1.844  3.049   15.725  1.00 38.37  ? 135 LEU A CD1   1 
ATOM   1051 C CD2   . LEU A 1 137 ? -4.169  3.967   15.457  1.00 47.97  ? 135 LEU A CD2   1 
ATOM   1052 N N     . PRO A 1 138 ? -1.592  6.310   11.280  1.00 25.24  ? 136 PRO A N     1 
ATOM   1053 C CA    . PRO A 1 138 ? -1.248  7.586   10.654  1.00 22.24  ? 136 PRO A CA    1 
ATOM   1054 C C     . PRO A 1 138 ? -2.229  8.044   9.571   1.00 26.12  ? 136 PRO A C     1 
ATOM   1055 O O     . PRO A 1 138 ? -2.398  9.255   9.384   1.00 22.92  ? 136 PRO A O     1 
ATOM   1056 C CB    . PRO A 1 138 ? 0.142   7.333   10.055  1.00 28.88  ? 136 PRO A CB    1 
ATOM   1057 C CG    . PRO A 1 138 ? 0.257   5.853   9.939   1.00 23.42  ? 136 PRO A CG    1 
ATOM   1058 C CD    . PRO A 1 138 ? -0.509  5.321   11.121  1.00 23.05  ? 136 PRO A CD    1 
ATOM   1059 N N     . CYS A 1 139 ? -2.861  7.102   8.863   1.00 19.86  ? 137 CYS A N     1 
ATOM   1060 C CA    . CYS A 1 139 ? -3.884  7.467   7.874   1.00 22.51  ? 137 CYS A CA    1 
ATOM   1061 C C     . CYS A 1 139 ? -5.108  8.102   8.520   1.00 21.06  ? 137 CYS A C     1 
ATOM   1062 O O     . CYS A 1 139 ? -5.577  9.142   8.059   1.00 20.97  ? 137 CYS A O     1 
ATOM   1063 C CB    . CYS A 1 139 ? -4.292  6.273   7.016   1.00 25.51  ? 137 CYS A CB    1 
ATOM   1064 S SG    . CYS A 1 139 ? -2.909  5.676   6.027   1.00 29.64  ? 137 CYS A SG    1 
ATOM   1065 N N     . ALA A 1 140 ? -5.607  7.486   9.592   1.00 19.16  ? 138 ALA A N     1 
ATOM   1066 C CA    . ALA A 1 140 ? -6.708  8.056   10.366  1.00 23.64  ? 138 ALA A CA    1 
ATOM   1067 C C     . ALA A 1 140 ? -6.355  9.457   10.882  1.00 23.25  ? 138 ALA A C     1 
ATOM   1068 O O     . ALA A 1 140 ? -7.178  10.373  10.837  1.00 28.16  ? 138 ALA A O     1 
ATOM   1069 C CB    . ALA A 1 140 ? -7.072  7.134   11.528  1.00 23.01  ? 138 ALA A CB    1 
ATOM   1070 N N     . SER A 1 141 ? -5.132  9.607   11.381  1.00 22.72  ? 139 SER A N     1 
ATOM   1071 C CA    . SER A 1 141 ? -4.659  10.886  11.904  1.00 25.50  ? 139 SER A CA    1 
ATOM   1072 C C     . SER A 1 141 ? -4.655  11.955  10.814  1.00 24.88  ? 139 SER A C     1 
ATOM   1073 O O     . SER A 1 141 ? -5.191  13.054  11.005  1.00 22.31  ? 139 SER A O     1 
ATOM   1074 C CB    . SER A 1 141 ? -3.272  10.720  12.542  1.00 25.14  ? 139 SER A CB    1 
ATOM   1075 O OG    . SER A 1 141 ? -2.663  11.976  12.782  1.00 27.19  ? 139 SER A OG    1 
ATOM   1076 N N     . MET A 1 142 ? -4.085  11.626  9.657   1.00 22.93  ? 140 MET A N     1 
ATOM   1077 C CA    . MET A 1 142 ? -4.053  12.571  8.546   1.00 22.75  ? 140 MET A CA    1 
ATOM   1078 C C     . MET A 1 142 ? -5.448  12.926  8.064   1.00 23.47  ? 140 MET A C     1 
ATOM   1079 O O     . MET A 1 142 ? -5.724  14.106  7.776   1.00 24.08  ? 140 MET A O     1 
ATOM   1080 C CB    . MET A 1 142 ? -3.205  12.045  7.388   1.00 21.48  ? 140 MET A CB    1 
ATOM   1081 C CG    . MET A 1 142 ? -1.720  12.042  7.694   1.00 23.73  ? 140 MET A CG    1 
ATOM   1082 S SD    . MET A 1 142 ? -0.719  11.493  6.298   1.00 25.78  ? 140 MET A SD    1 
ATOM   1083 C CE    . MET A 1 142 ? -1.421  9.902   5.883   1.00 26.38  ? 140 MET A CE    1 
ATOM   1084 N N     . ALA A 1 143 ? -6.327  11.921  7.987   1.00 20.69  ? 141 ALA A N     1 
ATOM   1085 C CA    . ALA A 1 143 ? -7.707  12.147  7.545   1.00 19.19  ? 141 ALA A CA    1 
ATOM   1086 C C     . ALA A 1 143 ? -8.405  13.190  8.420   1.00 23.42  ? 141 ALA A C     1 
ATOM   1087 O O     . ALA A 1 143 ? -9.000  14.137  7.909   1.00 19.29  ? 141 ALA A O     1 
ATOM   1088 C CB    . ALA A 1 143 ? -8.503  10.845  7.513   1.00 20.55  ? 141 ALA A CB    1 
ATOM   1089 N N     . LEU A 1 144 ? -8.317  13.007  9.734   1.00 19.85  ? 142 LEU A N     1 
ATOM   1090 C CA    . LEU A 1 144 ? -8.892  13.953  10.691  1.00 33.56  ? 142 LEU A CA    1 
ATOM   1091 C C     . LEU A 1 144 ? -8.337  15.371  10.532  1.00 31.60  ? 142 LEU A C     1 
ATOM   1092 O O     . LEU A 1 144 ? -9.095  16.331  10.508  1.00 24.41  ? 142 LEU A O     1 
ATOM   1093 C CB    . LEU A 1 144 ? -8.685  13.459  12.124  1.00 22.90  ? 142 LEU A CB    1 
ATOM   1094 C CG    . LEU A 1 144 ? -9.442  12.181  12.505  1.00 40.27  ? 142 LEU A CG    1 
ATOM   1095 C CD1   . LEU A 1 144 ? -9.150  11.776  13.942  1.00 32.92  ? 142 LEU A CD1   1 
ATOM   1096 C CD2   . LEU A 1 144 ? -10.937 12.333  12.284  1.00 26.80  ? 142 LEU A CD2   1 
ATOM   1097 N N     . GLN A 1 145 ? -7.018  15.495  10.407  1.00 24.49  ? 143 GLN A N     1 
ATOM   1098 C CA    . GLN A 1 145 ? -6.392  16.802  10.236  1.00 23.88  ? 143 GLN A CA    1 
ATOM   1099 C C     . GLN A 1 145 ? -6.866  17.511  8.974   1.00 28.31  ? 143 GLN A C     1 
ATOM   1100 O O     . GLN A 1 145 ? -7.108  18.713  8.994   1.00 24.08  ? 143 GLN A O     1 
ATOM   1101 C CB    . GLN A 1 145 ? -4.871  16.696  10.282  1.00 24.17  ? 143 GLN A CB    1 
ATOM   1102 C CG    . GLN A 1 145 ? -4.354  16.280  11.648  1.00 25.42  ? 143 GLN A CG    1 
ATOM   1103 C CD    . GLN A 1 145 ? -2.858  16.108  11.662  1.00 34.61  ? 143 GLN A CD    1 
ATOM   1104 O OE1   . GLN A 1 145 ? -2.115  17.078  11.530  1.00 31.28  ? 143 GLN A OE1   1 
ATOM   1105 N NE2   . GLN A 1 145 ? -2.403  14.867  11.816  1.00 29.40  ? 143 GLN A NE2   1 
ATOM   1106 N N     . ILE A 1 146 ? -7.039  16.754  7.894   1.00 20.28  ? 144 ILE A N     1 
ATOM   1107 C CA    . ILE A 1 146 ? -7.546  17.301  6.629   1.00 18.04  ? 144 ILE A CA    1 
ATOM   1108 C C     . ILE A 1 146 ? -8.989  17.764  6.785   1.00 26.45  ? 144 ILE A C     1 
ATOM   1109 O O     . ILE A 1 146 ? -9.352  18.822  6.275   1.00 22.72  ? 144 ILE A O     1 
ATOM   1110 C CB    . ILE A 1 146 ? -7.431  16.282  5.465   1.00 21.76  ? 144 ILE A CB    1 
ATOM   1111 C CG1   . ILE A 1 146 ? -5.951  16.000  5.162   1.00 21.23  ? 144 ILE A CG1   1 
ATOM   1112 C CG2   . ILE A 1 146 ? -8.144  16.804  4.211   1.00 20.75  ? 144 ILE A CG2   1 
ATOM   1113 C CD1   . ILE A 1 146 ? -5.703  14.776  4.286   1.00 22.56  ? 144 ILE A CD1   1 
ATOM   1114 N N     . LEU A 1 147 ? -9.798  16.971  7.492   1.00 20.57  ? 145 LEU A N     1 
ATOM   1115 C CA    A LEU A 1 147 ? -11.196 17.313  7.744   0.60 27.26  ? 145 LEU A CA    1 
ATOM   1116 C CA    B LEU A 1 147 ? -11.192 17.316  7.712   0.40 19.56  ? 145 LEU A CA    1 
ATOM   1117 C C     . LEU A 1 147 ? -11.289 18.676  8.416   1.00 20.76  ? 145 LEU A C     1 
ATOM   1118 O O     . LEU A 1 147 ? -12.074 19.533  8.004   1.00 23.56  ? 145 LEU A O     1 
ATOM   1119 C CB    A LEU A 1 147 ? -11.865 16.275  8.656   0.60 30.74  ? 145 LEU A CB    1 
ATOM   1120 C CB    B LEU A 1 147 ? -11.891 16.224  8.529   0.40 18.98  ? 145 LEU A CB    1 
ATOM   1121 C CG    A LEU A 1 147 ? -12.544 15.011  8.135   0.60 35.23  ? 145 LEU A CG    1 
ATOM   1122 C CG    B LEU A 1 147 ? -13.417 16.229  8.502   0.40 20.86  ? 145 LEU A CG    1 
ATOM   1123 C CD1   A LEU A 1 147 ? -13.365 14.410  9.270   0.60 26.32  ? 145 LEU A CD1   1 
ATOM   1124 C CD1   B LEU A 1 147 ? -13.907 15.990  7.085   0.40 21.45  ? 145 LEU A CD1   1 
ATOM   1125 C CD2   A LEU A 1 147 ? -13.428 15.291  6.926   0.60 48.48  ? 145 LEU A CD2   1 
ATOM   1126 C CD2   B LEU A 1 147 ? -13.964 15.165  9.442   0.40 33.74  ? 145 LEU A CD2   1 
ATOM   1127 N N     . TRP A 1 148 ? -10.478 18.864  9.459   1.00 22.22  ? 146 TRP A N     1 
ATOM   1128 C CA    . TRP A 1 148 ? -10.480 20.117  10.220  1.00 27.46  ? 146 TRP A CA    1 
ATOM   1129 C C     . TRP A 1 148 ? -10.057 21.300  9.358   1.00 26.32  ? 146 TRP A C     1 
ATOM   1130 O O     . TRP A 1 148 ? -10.674 22.366  9.423   1.00 21.64  ? 146 TRP A O     1 
ATOM   1131 C CB    . TRP A 1 148 ? -9.587  20.037  11.471  1.00 23.19  ? 146 TRP A CB    1 
ATOM   1132 C CG    . TRP A 1 148 ? -9.758  18.803  12.364  1.00 22.65  ? 146 TRP A CG    1 
ATOM   1133 C CD1   . TRP A 1 148 ? -8.790  18.228  13.132  1.00 23.10  ? 146 TRP A CD1   1 
ATOM   1134 C CD2   . TRP A 1 148 ? -10.948 18.028  12.577  1.00 21.65  ? 146 TRP A CD2   1 
ATOM   1135 N NE1   . TRP A 1 148 ? -9.296  17.153  13.814  1.00 23.84  ? 146 TRP A NE1   1 
ATOM   1136 C CE2   . TRP A 1 148 ? -10.619 17.006  13.491  1.00 25.37  ? 146 TRP A CE2   1 
ATOM   1137 C CE3   . TRP A 1 148 ? -12.265 18.104  12.091  1.00 21.76  ? 146 TRP A CE3   1 
ATOM   1138 C CZ2   . TRP A 1 148 ? -11.550 16.063  13.926  1.00 25.50  ? 146 TRP A CZ2   1 
ATOM   1139 C CZ3   . TRP A 1 148 ? -13.188 17.162  12.520  1.00 25.62  ? 146 TRP A CZ3   1 
ATOM   1140 C CH2   . TRP A 1 148 ? -12.827 16.155  13.428  1.00 29.03  ? 146 TRP A CH2   1 
ATOM   1141 N N     . GLU A 1 149 ? -9.007  21.115  8.555   1.00 19.53  ? 147 GLU A N     1 
ATOM   1142 C CA    A GLU A 1 149 ? -8.515  22.184  7.687   0.50 22.63  ? 147 GLU A CA    1 
ATOM   1143 C CA    B GLU A 1 149 ? -8.515  22.180  7.684   0.50 23.11  ? 147 GLU A CA    1 
ATOM   1144 C C     . GLU A 1 149 ? -9.533  22.534  6.606   1.00 26.10  ? 147 GLU A C     1 
ATOM   1145 O O     . GLU A 1 149 ? -9.784  23.715  6.342   1.00 26.05  ? 147 GLU A O     1 
ATOM   1146 C CB    A GLU A 1 149 ? -7.155  21.826  7.070   0.50 27.45  ? 147 GLU A CB    1 
ATOM   1147 C CB    B GLU A 1 149 ? -7.172  21.797  7.057   0.50 27.73  ? 147 GLU A CB    1 
ATOM   1148 C CG    A GLU A 1 149 ? -5.980  21.913  8.041   0.50 24.71  ? 147 GLU A CG    1 
ATOM   1149 C CG    B GLU A 1 149 ? -6.407  22.971  6.466   0.50 25.07  ? 147 GLU A CG    1 
ATOM   1150 C CD    A GLU A 1 149 ? -5.645  23.338  8.439   0.50 47.53  ? 147 GLU A CD    1 
ATOM   1151 C CD    B GLU A 1 149 ? -6.101  24.051  7.486   0.50 74.73  ? 147 GLU A CD    1 
ATOM   1152 O OE1   A GLU A 1 149 ? -5.251  23.552  9.606   0.50 44.93  ? 147 GLU A OE1   1 
ATOM   1153 O OE1   B GLU A 1 149 ? -6.076  23.749  8.701   0.50 27.64  ? 147 GLU A OE1   1 
ATOM   1154 O OE2   A GLU A 1 149 ? -5.773  24.246  7.589   0.50 30.27  ? 147 GLU A OE2   1 
ATOM   1155 O OE2   B GLU A 1 149 ? -5.883  25.208  7.070   0.50 44.64  ? 147 GLU A OE2   1 
ATOM   1156 N N     . ALA A 1 150 ? -10.128 21.512  5.990   1.00 23.84  ? 148 ALA A N     1 
ATOM   1157 C CA    . ALA A 1 150 ? -11.158 21.732  4.972   1.00 28.56  ? 148 ALA A CA    1 
ATOM   1158 C C     . ALA A 1 150 ? -12.400 22.423  5.548   1.00 25.62  ? 148 ALA A C     1 
ATOM   1159 O O     . ALA A 1 150 ? -12.884 23.419  4.995   1.00 25.02  ? 148 ALA A O     1 
ATOM   1160 C CB    . ALA A 1 150 ? -11.533 20.419  4.283   1.00 26.12  ? 148 ALA A CB    1 
ATOM   1161 N N     . ALA A 1 151 ? -12.899 21.904  6.667   1.00 22.31  ? 149 ALA A N     1 
ATOM   1162 C CA    . ALA A 1 151 ? -14.105 22.449  7.297   1.00 23.49  ? 149 ALA A CA    1 
ATOM   1163 C C     . ALA A 1 151 ? -13.925 23.920  7.658   1.00 29.64  ? 149 ALA A C     1 
ATOM   1164 O O     . ALA A 1 151 ? -14.830 24.724  7.459   1.00 29.95  ? 149 ALA A O     1 
ATOM   1165 C CB    . ALA A 1 151 ? -14.481 21.643  8.539   1.00 23.79  ? 149 ALA A CB    1 
ATOM   1166 N N     . ARG A 1 152 ? -12.745 24.270  8.165   1.00 24.74  ? 150 ARG A N     1 
ATOM   1167 C CA    . ARG A 1 152 ? -12.516 25.619  8.663   1.00 31.12  ? 150 ARG A CA    1 
ATOM   1168 C C     . ARG A 1 152 ? -12.334 26.643  7.523   1.00 38.79  ? 150 ARG A C     1 
ATOM   1169 O O     . ARG A 1 152 ? -12.399 27.843  7.749   1.00 25.35  ? 150 ARG A O     1 
ATOM   1170 C CB    . ARG A 1 152 ? -11.354 25.640  9.664   1.00 24.98  ? 150 ARG A CB    1 
ATOM   1171 C CG    . ARG A 1 152 ? -9.975  25.798  9.057   1.00 21.78  ? 150 ARG A CG    1 
ATOM   1172 C CD    . ARG A 1 152 ? -8.915  25.685  10.142  1.00 25.75  ? 150 ARG A CD    1 
ATOM   1173 N NE    . ARG A 1 152 ? -7.590  26.001  9.610   1.00 28.56  ? 150 ARG A NE    1 
ATOM   1174 C CZ    . ARG A 1 152 ? -7.109  27.231  9.450   1.00 31.26  ? 150 ARG A CZ    1 
ATOM   1175 N NH1   . ARG A 1 152 ? -7.831  28.302  9.780   1.00 28.09  ? 150 ARG A NH1   1 
ATOM   1176 N NH2   . ARG A 1 152 ? -5.900  27.391  8.945   1.00 31.24  ? 150 ARG A NH2   1 
ATOM   1177 N N     . HIS A 1 153 ? -12.130 26.150  6.301   1.00 25.85  ? 151 HIS A N     1 
ATOM   1178 C CA    A HIS A 1 153 ? -11.992 27.017  5.128   0.50 26.09  ? 151 HIS A CA    1 
ATOM   1179 C CA    B HIS A 1 153 ? -11.988 27.008  5.121   0.50 26.42  ? 151 HIS A CA    1 
ATOM   1180 C C     . HIS A 1 153 ? -13.272 27.091  4.297   1.00 31.07  ? 151 HIS A C     1 
ATOM   1181 O O     . HIS A 1 153 ? -13.296 27.710  3.225   1.00 35.44  ? 151 HIS A O     1 
ATOM   1182 C CB    A HIS A 1 153 ? -10.818 26.561  4.259   0.50 27.16  ? 151 HIS A CB    1 
ATOM   1183 C CB    B HIS A 1 153 ? -10.836 26.518  4.242   0.50 25.15  ? 151 HIS A CB    1 
ATOM   1184 C CG    A HIS A 1 153 ? -9.476  26.905  4.828   0.50 24.63  ? 151 HIS A CG    1 
ATOM   1185 C CG    B HIS A 1 153 ? -9.478  26.864  4.773   0.50 28.45  ? 151 HIS A CG    1 
ATOM   1186 N ND1   A HIS A 1 153 ? -8.823  26.100  5.734   0.50 23.04  ? 151 HIS A ND1   1 
ATOM   1187 N ND1   B HIS A 1 153 ? -8.876  28.081  4.535   0.50 27.98  ? 151 HIS A ND1   1 
ATOM   1188 C CD2   A HIS A 1 153 ? -8.663  27.966  4.614   0.50 38.84  ? 151 HIS A CD2   1 
ATOM   1189 C CD2   B HIS A 1 153 ? -8.603  26.150  5.518   0.50 34.11  ? 151 HIS A CD2   1 
ATOM   1190 C CE1   A HIS A 1 153 ? -7.664  26.649  6.055   0.50 30.90  ? 151 HIS A CE1   1 
ATOM   1191 C CE1   B HIS A 1 153 ? -7.689  28.100  5.115   0.50 37.43  ? 151 HIS A CE1   1 
ATOM   1192 N NE2   A HIS A 1 153 ? -7.543  27.783  5.389   0.50 39.18  ? 151 HIS A NE2   1 
ATOM   1193 N NE2   B HIS A 1 153 ? -7.499  26.941  5.719   0.50 26.65  ? 151 HIS A NE2   1 
ATOM   1194 N N     . LEU A 1 154 ? -14.340 26.467  4.787   1.00 29.79  ? 152 LEU A N     1 
ATOM   1195 C CA    . LEU A 1 154 ? -15.623 26.510  4.082   1.00 39.01  ? 152 LEU A CA    1 
ATOM   1196 C C     . LEU A 1 154 ? -16.263 27.888  4.195   1.00 76.87  ? 152 LEU A C     1 
ATOM   1197 O O     . LEU A 1 154 ? -16.320 28.472  5.278   1.00 78.34  ? 152 LEU A O     1 
ATOM   1198 C CB    . LEU A 1 154 ? -16.589 25.442  4.601   1.00 36.37  ? 152 LEU A CB    1 
ATOM   1199 C CG    . LEU A 1 154 ? -16.335 23.978  4.248   1.00 47.07  ? 152 LEU A CG    1 
ATOM   1200 C CD1   . LEU A 1 154 ? -17.398 23.105  4.897   1.00 47.91  ? 152 LEU A CD1   1 
ATOM   1201 C CD2   . LEU A 1 154 ? -16.309 23.773  2.741   1.00 50.38  ? 152 LEU A CD2   1 
ATOM   1202 O OXT   . LEU A 1 154 ? -16.734 28.447  3.204   1.00 85.84  ? 152 LEU A OXT   1 
HETATM 1203 O O1    . 4UL B 2 .   ? -11.201 -6.695  12.337  1.00 46.77  ? 201 4UL A O1    1 
HETATM 1204 C C7    . 4UL B 2 .   ? -2.961  -3.769  18.348  1.00 95.18  ? 201 4UL A C7    1 
HETATM 1205 C C6    . 4UL B 2 .   ? -3.798  -3.812  17.241  1.00 78.61  ? 201 4UL A C6    1 
HETATM 1206 C C1    . 4UL B 2 .   ? -5.245  -8.576  17.921  1.00 55.40  ? 201 4UL A C1    1 
HETATM 1207 N N1    . 4UL B 2 .   ? -5.917  -9.455  17.097  1.00 55.14  ? 201 4UL A N1    1 
HETATM 1208 C C5    . 4UL B 2 .   ? -4.464  -4.976  16.900  1.00 61.25  ? 201 4UL A C5    1 
HETATM 1209 C C4    . 4UL B 2 .   ? -4.322  -6.128  17.670  1.00 66.57  ? 201 4UL A C4    1 
HETATM 1210 C C3    . 4UL B 2 .   ? -5.008  -7.378  17.287  1.00 49.21  ? 201 4UL A C3    1 
HETATM 1211 C C2    . 4UL B 2 .   ? -4.895  -9.003  19.309  1.00 55.79  ? 201 4UL A C2    1 
HETATM 1212 F F4    . 4UL B 2 .   ? -6.618  -13.541 13.970  1.00 64.65  ? 201 4UL A F4    1 
HETATM 1213 C C22   . 4UL B 2 .   ? -6.368  -12.849 12.828  1.00 45.77  ? 201 4UL A C22   1 
HETATM 1214 F F3    . 4UL B 2 .   ? -5.244  -12.126 13.085  1.00 51.35  ? 201 4UL A F3    1 
HETATM 1215 C C13   . 4UL B 2 .   ? -7.504  -11.856 12.504  1.00 40.02  ? 201 4UL A C13   1 
HETATM 1216 N N3    . 4UL B 2 .   ? -8.114  -12.037 11.325  1.00 34.46  ? 201 4UL A N3    1 
HETATM 1217 C C14   . 4UL B 2 .   ? -9.102  -11.199 10.981  1.00 23.86  ? 201 4UL A C14   1 
HETATM 1218 C C15   . 4UL B 2 .   ? -9.545  -10.152 11.768  1.00 31.47  ? 201 4UL A C15   1 
HETATM 1219 C C17   . 4UL B 2 .   ? -10.645 -9.231  11.303  1.00 50.92  ? 201 4UL A C17   1 
HETATM 1220 N N4    . 4UL B 2 .   ? -10.126 -7.956  10.823  1.00 52.15  ? 201 4UL A N4    1 
HETATM 1221 C C18   . 4UL B 2 .   ? -10.360 -6.797  11.449  1.00 47.52  ? 201 4UL A C18   1 
HETATM 1222 C C19   . 4UL B 2 .   ? -9.532  -5.613  10.987  1.00 45.27  ? 201 4UL A C19   1 
HETATM 1223 C C21   . 4UL B 2 .   ? -10.433 -4.530  10.390  1.00 35.96  ? 201 4UL A C21   1 
HETATM 1224 C C20   . 4UL B 2 .   ? -8.677  -5.070  12.135  1.00 36.20  ? 201 4UL A C20   1 
HETATM 1225 C C16   . 4UL B 2 .   ? -8.900  -9.956  12.983  1.00 27.17  ? 201 4UL A C16   1 
HETATM 1226 C C12   . 4UL B 2 .   ? -7.870  -10.807 13.379  1.00 32.17  ? 201 4UL A C12   1 
HETATM 1227 C C11   . 4UL B 2 .   ? -7.244  -10.537 14.714  1.00 44.93  ? 201 4UL A C11   1 
HETATM 1228 O O     . 4UL B 2 .   ? -7.254  -11.381 15.609  1.00 55.75  ? 201 4UL A O     1 
HETATM 1229 N N2    . 4UL B 2 .   ? -6.687  -9.290  14.870  1.00 41.69  ? 201 4UL A N2    1 
HETATM 1230 C C     . 4UL B 2 .   ? -6.058  -8.769  15.975  1.00 50.46  ? 201 4UL A C     1 
HETATM 1231 N N     . 4UL B 2 .   ? -5.530  -7.526  16.024  1.00 48.98  ? 201 4UL A N     1 
HETATM 1232 C C9    . 4UL B 2 .   ? -3.468  -6.089  18.770  1.00 104.00 ? 201 4UL A C9    1 
HETATM 1233 C C8    . 4UL B 2 .   ? -2.806  -4.922  19.108  1.00 56.75  ? 201 4UL A C8    1 
HETATM 1234 C C10   . 4UL B 2 .   ? -2.240  -2.512  18.711  1.00 86.42  ? 201 4UL A C10   1 
HETATM 1235 F F2    . 4UL B 2 .   ? -1.927  -1.774  17.649  1.00 77.97  ? 201 4UL A F2    1 
HETATM 1236 F F1    . 4UL B 2 .   ? -2.952  -1.723  19.509  1.00 134.80 ? 201 4UL A F1    1 
HETATM 1237 F F     . 4UL B 2 .   ? -1.091  -2.742  19.341  1.00 99.96  ? 201 4UL A F     1 
HETATM 1238 N N1    . GSH C 3 .   ? -10.906 -6.324  3.029   1.00 26.47  ? 202 GSH A N1    1 
HETATM 1239 C CA1   . GSH C 3 .   ? -10.354 -6.645  4.382   1.00 22.25  ? 202 GSH A CA1   1 
HETATM 1240 C C1    . GSH C 3 .   ? -10.630 -8.072  4.798   1.00 32.37  ? 202 GSH A C1    1 
HETATM 1241 O O11   . GSH C 3 .   ? -9.960  -8.549  5.733   1.00 30.58  ? 202 GSH A O11   1 
HETATM 1242 O O12   . GSH C 3 .   ? -11.491 -8.751  4.196   1.00 32.61  ? 202 GSH A O12   1 
HETATM 1243 C CB1   . GSH C 3 .   ? -10.897 -5.641  5.406   1.00 21.18  ? 202 GSH A CB1   1 
HETATM 1244 C CG1   . GSH C 3 .   ? -10.208 -5.650  6.777   1.00 22.43  ? 202 GSH A CG1   1 
HETATM 1245 C CD1   . GSH C 3 .   ? -8.689  -5.619  6.676   1.00 23.78  ? 202 GSH A CD1   1 
HETATM 1246 O OE1   . GSH C 3 .   ? -8.118  -4.900  5.867   1.00 23.23  ? 202 GSH A OE1   1 
HETATM 1247 N N2    . GSH C 3 .   ? -8.035  -6.423  7.516   1.00 22.05  ? 202 GSH A N2    1 
HETATM 1248 C CA2   . GSH C 3 .   ? -6.584  -6.559  7.534   1.00 23.00  ? 202 GSH A CA2   1 
HETATM 1249 C C2    . GSH C 3 .   ? -6.070  -7.576  6.543   1.00 24.20  ? 202 GSH A C2    1 
HETATM 1250 O O2    . GSH C 3 .   ? -4.873  -7.795  6.454   1.00 23.58  ? 202 GSH A O2    1 
HETATM 1251 C CB2   . GSH C 3 .   ? -6.156  -6.933  8.954   1.00 23.60  ? 202 GSH A CB2   1 
HETATM 1252 S SG2   . GSH C 3 .   ? -6.848  -8.522  9.481   1.00 27.75  ? 202 GSH A SG2   1 
HETATM 1253 N N3    . GSH C 3 .   ? -6.972  -8.211  5.794   1.00 19.32  ? 202 GSH A N3    1 
HETATM 1254 C CA3   . GSH C 3 .   ? -6.606  -9.291  4.895   1.00 21.34  ? 202 GSH A CA3   1 
HETATM 1255 C C3    . GSH C 3 .   ? -7.040  -9.039  3.469   1.00 35.14  ? 202 GSH A C3    1 
HETATM 1256 O O31   . GSH C 3 .   ? -7.457  -7.905  3.126   1.00 32.79  ? 202 GSH A O31   1 
HETATM 1257 O O32   . GSH C 3 .   ? -6.962  -9.999  2.677   1.00 25.90  ? 202 GSH A O32   1 
HETATM 1258 C C1    . BOG D 4 .   ? -5.117  12.794  15.870  1.00 55.00  ? 203 BOG A C1    1 
HETATM 1259 O O1    . BOG D 4 .   ? -5.241  11.549  15.178  1.00 63.53  ? 203 BOG A O1    1 
HETATM 1260 C C2    . BOG D 4 .   ? -4.248  13.767  15.061  1.00 41.33  ? 203 BOG A C2    1 
HETATM 1261 O O2    . BOG D 4 .   ? -2.904  13.287  14.981  1.00 63.51  ? 203 BOG A O2    1 
HETATM 1262 C C3    . BOG D 4 .   ? -4.212  15.137  15.735  1.00 151.54 ? 203 BOG A C3    1 
HETATM 1263 O O3    . BOG D 4 .   ? -3.469  16.071  14.941  1.00 64.33  ? 203 BOG A O3    1 
HETATM 1264 C C4    . BOG D 4 .   ? -5.627  15.651  15.978  1.00 51.39  ? 203 BOG A C4    1 
HETATM 1265 O O4    . BOG D 4 .   ? -5.568  16.899  16.679  1.00 50.01  ? 203 BOG A O4    1 
HETATM 1266 C C5    . BOG D 4 .   ? -6.416  14.609  16.777  1.00 74.44  ? 203 BOG A C5    1 
HETATM 1267 O O5    . BOG D 4 .   ? -6.423  13.354  16.082  1.00 63.82  ? 203 BOG A O5    1 
HETATM 1268 C C6    . BOG D 4 .   ? -7.853  15.047  17.026  1.00 58.08  ? 203 BOG A C6    1 
HETATM 1269 O O6    . BOG D 4 .   ? -8.561  15.180  15.788  1.00 47.20  ? 203 BOG A O6    1 
HETATM 1270 C "C1'" . BOG D 4 .   ? -5.577  10.448  16.026  1.00 54.57  ? 203 BOG A "C1'" 1 
HETATM 1271 C "C2'" . BOG D 4 .   ? -6.200  9.331   15.188  1.00 46.93  ? 203 BOG A "C2'" 1 
HETATM 1272 C "C3'" . BOG D 4 .   ? -6.197  8.003   15.932  1.00 63.21  ? 203 BOG A "C3'" 1 
HETATM 1273 C "C4'" . BOG D 4 .   ? -7.619  7.514   16.184  1.00 87.34  ? 203 BOG A "C4'" 1 
HETATM 1274 C "C5'" . BOG D 4 .   ? -7.617  6.170   16.903  1.00 132.73 ? 203 BOG A "C5'" 1 
HETATM 1275 C "C6'" . BOG D 4 .   ? -8.923  5.948   17.658  1.00 156.50 ? 203 BOG A "C6'" 1 
HETATM 1276 C "C7'" . BOG D 4 .   ? -8.874  4.669   18.487  1.00 75.81  ? 203 BOG A "C7'" 1 
HETATM 1277 C "C8'" . BOG D 4 .   ? -9.884  3.660   17.985  1.00 76.58  ? 203 BOG A "C8'" 1 
HETATM 1278 C C1    . BOG E 4 .   ? 8.761   -17.147 2.714   1.00 76.84  ? 204 BOG A C1    1 
HETATM 1279 O O1    . BOG E 4 .   ? 8.774   -15.731 2.895   1.00 53.73  ? 204 BOG A O1    1 
HETATM 1280 C C2    . BOG E 4 .   ? 9.088   -17.805 4.055   1.00 58.51  ? 204 BOG A C2    1 
HETATM 1281 O O2    . BOG E 4 .   ? 10.459  -17.549 4.376   1.00 72.17  ? 204 BOG A O2    1 
HETATM 1282 C C3    . BOG E 4 .   ? 8.856   -19.317 4.037   1.00 82.87  ? 204 BOG A C3    1 
HETATM 1283 O O3    . BOG E 4 .   ? 8.853   -19.802 5.384   1.00 129.13 ? 204 BOG A O3    1 
HETATM 1284 C C4    . BOG E 4 .   ? 7.545   -19.712 3.355   1.00 80.83  ? 204 BOG A C4    1 
HETATM 1285 O O4    . BOG E 4 .   ? 7.549   -21.125 3.122   1.00 135.60 ? 204 BOG A O4    1 
HETATM 1286 C C5    . BOG E 4 .   ? 7.361   -18.967 2.032   1.00 119.58 ? 204 BOG A C5    1 
HETATM 1287 O O5    . BOG E 4 .   ? 7.468   -17.561 2.258   1.00 71.28  ? 204 BOG A O5    1 
HETATM 1288 C C6    . BOG E 4 .   ? 6.000   -19.248 1.411   1.00 114.44 ? 204 BOG A C6    1 
HETATM 1289 O O6    . BOG E 4 .   ? 5.068   -18.284 1.911   1.00 35.69  ? 204 BOG A O6    1 
HETATM 1290 C "C1'" . BOG E 4 .   ? 8.479   -15.020 1.698   1.00 56.36  ? 204 BOG A "C1'" 1 
HETATM 1291 C "C2'" . BOG E 4 .   ? 8.089   -13.591 2.049   1.00 39.78  ? 204 BOG A "C2'" 1 
HETATM 1292 C "C3'" . BOG E 4 .   ? 8.391   -12.664 0.878   1.00 46.81  ? 204 BOG A "C3'" 1 
HETATM 1293 C "C4'" . BOG E 4 .   ? 7.850   -11.261 1.114   1.00 36.34  ? 204 BOG A "C4'" 1 
HETATM 1294 C "C5'" . BOG E 4 .   ? 7.967   -10.438 -0.163  1.00 45.20  ? 204 BOG A "C5'" 1 
HETATM 1295 C "C6'" . BOG E 4 .   ? 8.109   -8.951  0.127   1.00 45.39  ? 204 BOG A "C6'" 1 
HETATM 1296 C "C7'" . BOG E 4 .   ? 7.796   -8.143  -1.130  1.00 56.01  ? 204 BOG A "C7'" 1 
HETATM 1297 C "C8'" . BOG E 4 .   ? 7.683   -6.666  -0.815  1.00 45.76  ? 204 BOG A "C8'" 1 
HETATM 1298 O O1    . PG4 F 5 .   ? -0.518  14.086  17.605  1.00 104.89 ? 205 PG4 A O1    1 
HETATM 1299 C C1    . PG4 F 5 .   ? -0.612  13.028  18.567  1.00 86.69  ? 205 PG4 A C1    1 
HETATM 1300 C C2    . PG4 F 5 .   ? -1.839  12.173  18.263  1.00 155.25 ? 205 PG4 A C2    1 
HETATM 1301 O O2    . PG4 F 5 .   ? -1.635  11.439  17.055  1.00 142.08 ? 205 PG4 A O2    1 
HETATM 1302 C C3    . PG4 F 5 .   ? -1.894  10.043  17.225  1.00 85.04  ? 205 PG4 A C3    1 
HETATM 1303 C C4    . PG4 F 5 .   ? -2.001  9.367   15.862  1.00 89.00  ? 205 PG4 A C4    1 
HETATM 1304 O O3    . PG4 F 5 .   ? -0.904  8.471   15.677  1.00 84.53  ? 205 PG4 A O3    1 
HETATM 1305 C C5    . PG4 F 5 .   ? -0.489  8.422   14.313  1.00 63.41  ? 205 PG4 A C5    1 
HETATM 1306 C C6    . PG4 F 5 .   ? 0.877   7.757   14.203  1.00 73.86  ? 205 PG4 A C6    1 
HETATM 1307 O O4    . PG4 F 5 .   ? 1.878   8.761   14.040  1.00 59.54  ? 205 PG4 A O4    1 
HETATM 1308 C C7    . PG4 F 5 .   ? 3.187   8.209   13.909  1.00 96.61  ? 205 PG4 A C7    1 
HETATM 1309 C C8    . PG4 F 5 .   ? 3.975   8.396   15.203  1.00 175.49 ? 205 PG4 A C8    1 
HETATM 1310 O O5    . PG4 F 5 .   ? 4.020   9.786   15.548  1.00 92.22  ? 205 PG4 A O5    1 
HETATM 1311 C C1    . 1KA G 6 .   ? 3.681   -16.886 -2.337  1.00 38.41  ? 206 1KA A C1    1 
HETATM 1312 O O1    . 1KA G 6 .   ? 2.542   -16.740 -1.484  1.00 44.29  ? 206 1KA A O1    1 
HETATM 1313 C C2    . 1KA G 6 .   ? 4.730   -15.861 -1.924  1.00 41.57  ? 206 1KA A C2    1 
HETATM 1314 O O2    . 1KA G 6 .   ? 6.035   -16.320 -2.271  1.00 82.33  ? 206 1KA A O2    1 
HETATM 1315 C C3    . 1KA G 6 .   ? 7.035   -15.330 -2.027  1.00 57.74  ? 206 1KA A C3    1 
HETATM 1316 C C4    . 1KA G 6 .   ? 7.920   -15.186 -3.261  1.00 65.81  ? 206 1KA A C4    1 
HETATM 1317 O O4    . 1KA G 6 .   ? 9.227   -14.763 -2.875  1.00 84.19  ? 206 1KA A O4    1 
HETATM 1318 O O     B HOH H 7 .   ? -6.543  22.847  10.595  0.50 26.40  ? 301 HOH A O     1 
HETATM 1319 O O     . HOH H 7 .   ? 10.452  16.053  3.720   1.00 29.96  ? 302 HOH A O     1 
HETATM 1320 O O     . HOH H 7 .   ? -8.691  -2.928  4.154   1.00 24.94  ? 303 HOH A O     1 
HETATM 1321 O O     . HOH H 7 .   ? -5.729  20.047  10.797  1.00 35.30  ? 304 HOH A O     1 
HETATM 1322 O O     . HOH H 7 .   ? 1.453   -3.111  1.974   1.00 23.89  ? 305 HOH A O     1 
HETATM 1323 O O     . HOH H 7 .   ? 5.348   21.356  6.955   1.00 55.02  ? 306 HOH A O     1 
HETATM 1324 O O     . HOH H 7 .   ? 3.705   -22.266 -16.388 1.00 48.36  ? 307 HOH A O     1 
HETATM 1325 O O     . HOH H 7 .   ? 1.175   1.151   -13.123 1.00 22.92  ? 308 HOH A O     1 
HETATM 1326 O O     . HOH H 7 .   ? -9.272  -9.809  7.977   1.00 39.86  ? 309 HOH A O     1 
HETATM 1327 O O     . HOH H 7 .   ? -9.402  0.850   8.049   1.00 50.04  ? 310 HOH A O     1 
HETATM 1328 O O     . HOH H 7 .   ? -10.140 1.670   1.316   1.00 38.43  ? 311 HOH A O     1 
HETATM 1329 O O     . HOH H 7 .   ? 3.111   22.325  4.332   1.00 50.75  ? 312 HOH A O     1 
HETATM 1330 O O     . HOH H 7 .   ? -12.783 28.665  10.303  1.00 25.82  ? 313 HOH A O     1 
HETATM 1331 O O     . HOH H 7 .   ? -1.527  -9.412  -7.904  1.00 27.68  ? 314 HOH A O     1 
HETATM 1332 O O     . HOH H 7 .   ? 0.868   -19.731 9.037   1.00 39.34  ? 315 HOH A O     1 
HETATM 1333 O O     . HOH H 7 .   ? -12.998 -4.684  12.689  1.00 30.16  ? 316 HOH A O     1 
HETATM 1334 O O     . HOH H 7 .   ? 0.474   16.529  12.165  1.00 39.51  ? 317 HOH A O     1 
HETATM 1335 O O     . HOH H 7 .   ? -7.636  -13.745 -3.733  1.00 22.20  ? 318 HOH A O     1 
HETATM 1336 O O     . HOH H 7 .   ? -7.749  -28.400 -13.415 1.00 48.82  ? 319 HOH A O     1 
HETATM 1337 O O     . HOH H 7 .   ? 5.157   20.271  4.702   1.00 54.41  ? 320 HOH A O     1 
HETATM 1338 O O     . HOH H 7 .   ? -6.238  -11.916 -22.871 1.00 28.38  ? 321 HOH A O     1 
HETATM 1339 O O     . HOH H 7 .   ? -3.538  -18.281 -26.024 1.00 23.90  ? 322 HOH A O     1 
HETATM 1340 O O     . HOH H 7 .   ? 0.221   -6.528  1.670   1.00 24.86  ? 323 HOH A O     1 
HETATM 1341 O O     . HOH H 7 .   ? 0.445   -25.653 -23.895 1.00 43.92  ? 324 HOH A O     1 
HETATM 1342 O O     . HOH H 7 .   ? -10.531 -17.916 -13.584 1.00 61.03  ? 325 HOH A O     1 
HETATM 1343 O O     . HOH H 7 .   ? -4.854  -18.876 0.307   1.00 37.09  ? 326 HOH A O     1 
HETATM 1344 O O     . HOH H 7 .   ? -7.069  -18.914 -0.556  1.00 43.79  ? 327 HOH A O     1 
HETATM 1345 O O     . HOH H 7 .   ? -9.937  -23.977 -9.771  1.00 48.51  ? 328 HOH A O     1 
HETATM 1346 O O     . HOH H 7 .   ? 2.171   18.710  13.020  1.00 40.02  ? 329 HOH A O     1 
HETATM 1347 O O     . HOH H 7 .   ? -3.522  -15.879 -15.560 1.00 26.51  ? 330 HOH A O     1 
HETATM 1348 O O     . HOH H 7 .   ? -9.926  -17.534 -24.196 1.00 37.93  ? 331 HOH A O     1 
HETATM 1349 O O     . HOH H 7 .   ? -1.307  -19.699 0.546   1.00 27.33  ? 332 HOH A O     1 
HETATM 1350 O O     A HOH H 7 .   ? -7.706  -8.375  0.357   0.50 24.83  ? 333 HOH A O     1 
HETATM 1351 O O     B HOH H 7 .   ? -9.659  -7.843  0.800   0.50 31.99  ? 333 HOH A O     1 
HETATM 1352 O O     . HOH H 7 .   ? -13.823 29.801  6.286   1.00 44.24  ? 334 HOH A O     1 
HETATM 1353 O O     . HOH H 7 .   ? -6.155  -18.608 -10.957 1.00 26.55  ? 335 HOH A O     1 
HETATM 1354 O O     . HOH H 7 .   ? -15.066 -8.391  -3.982  1.00 23.01  ? 336 HOH A O     1 
HETATM 1355 O O     . HOH H 7 .   ? -0.574  -13.012 10.372  1.00 27.43  ? 337 HOH A O     1 
HETATM 1356 O O     . HOH H 7 .   ? -2.874  -0.520  6.813   1.00 22.84  ? 338 HOH A O     1 
HETATM 1357 O O     . HOH H 7 .   ? -7.464  -15.587 -10.249 1.00 26.32  ? 339 HOH A O     1 
HETATM 1358 O O     . HOH H 7 .   ? -4.212  -25.589 -8.227  1.00 37.30  ? 340 HOH A O     1 
HETATM 1359 O O     . HOH H 7 .   ? -1.519  -25.069 -8.705  1.00 45.81  ? 341 HOH A O     1 
HETATM 1360 O O     . HOH H 7 .   ? 5.830   -24.185 -14.548 1.00 63.41  ? 342 HOH A O     1 
HETATM 1361 O O     . HOH H 7 .   ? 10.749  20.356  -10.495 1.00 65.12  ? 343 HOH A O     1 
HETATM 1362 O O     . HOH H 7 .   ? -7.337  -22.107 -4.719  1.00 50.69  ? 344 HOH A O     1 
HETATM 1363 O O     . HOH H 7 .   ? -5.812  -18.616 -8.018  1.00 25.15  ? 345 HOH A O     1 
HETATM 1364 O O     . HOH H 7 .   ? -11.130 -21.272 -5.332  1.00 74.11  ? 346 HOH A O     1 
HETATM 1365 O O     . HOH H 7 .   ? -3.732  17.994  18.681  1.00 68.07  ? 347 HOH A O     1 
HETATM 1366 O O     . HOH H 7 .   ? 14.978  22.512  -5.927  1.00 53.82  ? 348 HOH A O     1 
HETATM 1367 O O     . HOH H 7 .   ? -9.286  -14.764 -1.684  1.00 25.20  ? 349 HOH A O     1 
HETATM 1368 O O     . HOH H 7 .   ? 5.006   -17.233 12.092  1.00 41.79  ? 350 HOH A O     1 
HETATM 1369 O O     . HOH H 7 .   ? -9.217  -23.804 -19.788 1.00 48.03  ? 351 HOH A O     1 
HETATM 1370 O O     . HOH H 7 .   ? -6.012  -29.174 -11.045 1.00 52.82  ? 352 HOH A O     1 
HETATM 1371 O O     . HOH H 7 .   ? -10.031 -18.215 -7.632  1.00 61.79  ? 353 HOH A O     1 
HETATM 1372 O O     . HOH H 7 .   ? -3.308  -20.339 2.346   1.00 49.42  ? 354 HOH A O     1 
HETATM 1373 O O     A HOH H 7 .   ? -9.811  -10.691 1.898   0.50 28.13  ? 355 HOH A O     1 
HETATM 1374 O O     . HOH H 7 .   ? 3.322   -25.049 -23.338 1.00 53.15  ? 356 HOH A O     1 
HETATM 1375 O O     . HOH H 7 .   ? 0.844   -26.587 -8.565  1.00 60.82  ? 357 HOH A O     1 
HETATM 1376 O O     . HOH H 7 .   ? -2.997  -11.707 11.431  1.00 30.88  ? 358 HOH A O     1 
HETATM 1377 O O     . HOH H 7 .   ? -0.177  14.967  14.635  1.00 52.64  ? 359 HOH A O     1 
HETATM 1378 O O     . HOH H 7 .   ? -8.795  -0.234  4.577   1.00 33.38  ? 360 HOH A O     1 
HETATM 1379 O O     . HOH H 7 .   ? 9.702   -16.001 -15.855 1.00 69.18  ? 361 HOH A O     1 
HETATM 1380 O O     . HOH H 7 .   ? -9.326  -20.288 -12.873 1.00 49.38  ? 362 HOH A O     1 
HETATM 1381 O O     . HOH H 7 .   ? -10.961 -7.660  -6.096  0.33 31.32  ? 363 HOH A O     1 
HETATM 1382 O O     . HOH H 7 .   ? -10.710 -16.949 -2.851  1.00 52.92  ? 364 HOH A O     1 
HETATM 1383 O O     . HOH H 7 .   ? -10.509 -10.387 -2.124  1.00 44.37  ? 365 HOH A O     1 
HETATM 1384 O O     . HOH H 7 .   ? -12.878 -11.246 -3.388  1.00 56.51  ? 366 HOH A O     1 
HETATM 1385 O O     . HOH H 7 .   ? 6.674   -8.790  9.948   1.00 51.60  ? 367 HOH A O     1 
HETATM 1386 O O     . HOH H 7 .   ? -9.119  -19.881 -25.508 1.00 62.59  ? 368 HOH A O     1 
HETATM 1387 O O     . HOH H 7 .   ? -7.741  -16.489 -7.695  1.00 38.22  ? 369 HOH A O     1 
HETATM 1388 O O     . HOH H 7 .   ? -10.280 -5.766  -6.128  0.33 22.53  ? 370 HOH A O     1 
HETATM 1389 O O     . HOH H 7 .   ? 5.027   17.841  -7.038  1.00 50.39  ? 371 HOH A O     1 
HETATM 1390 O O     . HOH H 7 .   ? -8.821  -13.368 -10.527 1.00 34.44  ? 372 HOH A O     1 
HETATM 1391 O O     . HOH H 7 .   ? -8.918  -17.930 -11.167 1.00 37.33  ? 373 HOH A O     1 
HETATM 1392 O O     . HOH H 7 .   ? -8.851  -14.679 -5.944  1.00 37.62  ? 374 HOH A O     1 
# 
